data_4BLP
#
_entry.id   4BLP
#
_cell.length_a   97.219
_cell.length_b   116.239
_cell.length_c   149.771
_cell.angle_alpha   90.00
_cell.angle_beta   90.00
_cell.angle_gamma   90.00
#
_symmetry.space_group_name_H-M   'P 21 21 21'
#
loop_
_entity.id
_entity.type
_entity.pdbx_description
1 polymer 'PACKAGING ENZYME P4'
2 non-polymer 'CITRATE ANION'
3 non-polymer GLYCEROL
4 water water
#
_entity_poly.entity_id   1
_entity_poly.type   'polypeptide(L)'
_entity_poly.pdbx_seq_one_letter_code
;MTDEKKVPSKPARPARKPRADKPADAKPAAVPKVAAPAVVEGSSTNAAAVKKSLRDGGMTALPSEILFAVGSIPLVVDKD
ALSTLAAALVASDDPSTWFVANRELIRAVVFVPQQNNVLRATPLLSVRPVASLSSVHNWQVRNHLSGLHVVVGGTGAGKS
KWLNAQTPDVTIRWGEPGETFDMEESSIAVADLTEMLAVALLLATADYRVVIDSFRNLVFGITGAAGPGGVSVALYAALT
SLNNICAELGVLLVAAINPMSSDDKVSLVYNNIAASVAGMTVVNNAAVVSQTIRSGTGRIFSGEPAPRNDSPVEYHEPRH
TQLDEPSGPSARIRLESNNIDPDDENDNRPRRGARISL
;
_entity_poly.pdbx_strand_id   A,B,C,D,E,F
#
# COMPACT_ATOMS: atom_id res chain seq x y z
N PRO A 32 42.22 4.36 -19.10
CA PRO A 32 42.04 3.25 -18.15
C PRO A 32 41.03 2.21 -18.66
N LYS A 33 41.33 0.91 -18.41
CA LYS A 33 40.48 -0.17 -18.85
C LYS A 33 39.55 -0.61 -17.74
N VAL A 34 38.32 -0.08 -17.76
CA VAL A 34 37.30 -0.42 -16.78
C VAL A 34 36.11 -0.99 -17.56
N ALA A 35 35.47 -2.03 -17.00
CA ALA A 35 34.31 -2.61 -17.66
C ALA A 35 33.13 -1.67 -17.54
N ALA A 36 32.16 -1.81 -18.42
CA ALA A 36 30.92 -1.03 -18.36
C ALA A 36 29.91 -1.91 -17.67
N PRO A 37 29.35 -1.55 -16.48
CA PRO A 37 28.39 -2.46 -15.84
C PRO A 37 27.17 -2.71 -16.72
N ALA A 38 26.62 -3.94 -16.69
CA ALA A 38 25.46 -4.32 -17.51
C ALA A 38 24.24 -3.53 -17.08
N VAL A 39 23.40 -3.13 -18.02
CA VAL A 39 22.13 -2.45 -17.65
C VAL A 39 20.97 -3.35 -18.03
N VAL A 40 21.21 -4.41 -18.84
CA VAL A 40 20.21 -5.43 -19.10
C VAL A 40 19.91 -6.14 -17.77
N GLU A 41 18.62 -6.34 -17.44
CA GLU A 41 18.24 -7.03 -16.19
C GLU A 41 18.64 -8.51 -16.28
N GLY A 42 19.31 -8.99 -15.24
CA GLY A 42 19.77 -10.38 -15.19
C GLY A 42 18.76 -11.31 -14.58
N SER A 43 18.59 -12.49 -15.16
CA SER A 43 17.61 -13.45 -14.64
C SER A 43 18.03 -14.01 -13.27
N SER A 44 17.08 -14.14 -12.34
CA SER A 44 17.38 -14.74 -11.04
C SER A 44 17.00 -16.24 -11.01
N THR A 45 16.46 -16.78 -12.14
CA THR A 45 16.03 -18.18 -12.18
C THR A 45 16.90 -19.03 -13.10
N ASN A 46 17.85 -18.39 -13.80
CA ASN A 46 18.74 -19.06 -14.75
C ASN A 46 20.12 -19.17 -14.09
N ALA A 47 20.60 -20.41 -13.88
CA ALA A 47 21.90 -20.66 -13.22
C ALA A 47 23.08 -19.94 -13.89
N ALA A 48 23.14 -19.94 -15.24
CA ALA A 48 24.23 -19.28 -15.98
C ALA A 48 24.23 -17.75 -15.74
N ALA A 49 23.04 -17.13 -15.66
CA ALA A 49 22.96 -15.68 -15.42
C ALA A 49 23.39 -15.36 -13.99
N VAL A 50 22.92 -16.17 -13.02
CA VAL A 50 23.20 -15.93 -11.60
C VAL A 50 24.70 -16.11 -11.27
N LYS A 51 25.41 -17.00 -11.98
CA LYS A 51 26.83 -17.25 -11.74
C LYS A 51 27.70 -16.07 -12.15
N LYS A 52 27.21 -15.16 -13.01
CA LYS A 52 28.01 -14.02 -13.48
C LYS A 52 28.30 -13.03 -12.37
N SER A 53 29.32 -12.15 -12.59
CA SER A 53 29.68 -11.14 -11.62
C SER A 53 28.54 -10.13 -11.43
N LEU A 54 28.60 -9.33 -10.36
CA LEU A 54 27.57 -8.29 -10.13
C LEU A 54 27.55 -7.27 -11.29
N ARG A 55 28.74 -6.87 -11.80
CA ARG A 55 28.80 -5.94 -12.94
C ARG A 55 28.18 -6.54 -14.19
N ASP A 56 28.11 -7.88 -14.30
CA ASP A 56 27.59 -8.57 -15.49
C ASP A 56 26.18 -9.10 -15.30
N GLY A 57 25.46 -8.56 -14.32
CA GLY A 57 24.07 -8.93 -14.14
C GLY A 57 23.79 -10.16 -13.31
N GLY A 58 24.80 -10.76 -12.70
CA GLY A 58 24.66 -11.93 -11.83
C GLY A 58 24.78 -11.64 -10.36
N MET A 59 25.02 -12.70 -9.55
CA MET A 59 25.07 -12.56 -8.08
C MET A 59 26.46 -12.77 -7.51
N THR A 60 27.42 -13.22 -8.32
CA THR A 60 28.72 -13.62 -7.79
C THR A 60 29.64 -12.44 -7.68
N ALA A 61 29.95 -11.99 -6.47
CA ALA A 61 30.84 -10.84 -6.36
C ALA A 61 32.29 -11.22 -6.75
N LEU A 62 32.91 -10.37 -7.54
CA LEU A 62 34.33 -10.46 -7.83
C LEU A 62 35.06 -10.02 -6.57
N PRO A 63 36.37 -10.32 -6.43
CA PRO A 63 37.13 -9.85 -5.25
C PRO A 63 37.08 -8.32 -5.10
N SER A 64 36.95 -7.57 -6.21
CA SER A 64 36.90 -6.11 -6.19
C SER A 64 35.52 -5.51 -5.85
N GLU A 65 34.45 -6.34 -5.89
CA GLU A 65 33.09 -5.81 -5.72
C GLU A 65 32.58 -5.87 -4.30
N ILE A 66 31.95 -4.77 -3.83
CA ILE A 66 31.30 -4.75 -2.52
C ILE A 66 29.84 -4.45 -2.76
N LEU A 67 28.96 -5.38 -2.41
CA LEU A 67 27.51 -5.16 -2.51
C LEU A 67 27.01 -4.53 -1.22
N PHE A 68 26.19 -3.50 -1.35
CA PHE A 68 25.57 -2.85 -0.20
C PHE A 68 24.23 -2.29 -0.63
N ALA A 69 23.54 -1.59 0.27
CA ALA A 69 22.22 -1.07 -0.07
C ALA A 69 22.01 0.25 0.62
N VAL A 70 21.24 1.13 0.01
CA VAL A 70 20.80 2.41 0.60
C VAL A 70 19.29 2.38 0.48
N GLY A 71 18.58 2.18 1.61
CA GLY A 71 17.15 1.93 1.51
C GLY A 71 16.96 0.58 0.81
N SER A 72 16.09 0.51 -0.14
CA SER A 72 15.83 -0.69 -0.93
C SER A 72 16.71 -0.70 -2.20
N ILE A 73 17.58 0.29 -2.35
CA ILE A 73 18.42 0.40 -3.54
C ILE A 73 19.69 -0.44 -3.39
N PRO A 74 19.91 -1.45 -4.26
CA PRO A 74 21.20 -2.18 -4.17
C PRO A 74 22.28 -1.39 -4.89
N LEU A 75 23.50 -1.43 -4.35
CA LEU A 75 24.63 -0.73 -4.97
C LEU A 75 25.85 -1.61 -4.88
N VAL A 76 26.76 -1.39 -5.82
CA VAL A 76 28.05 -2.03 -5.79
C VAL A 76 29.10 -0.95 -5.96
N VAL A 77 30.16 -1.03 -5.16
CA VAL A 77 31.34 -0.20 -5.37
CA VAL A 77 31.37 -0.22 -5.32
C VAL A 77 32.44 -1.18 -5.86
N ASP A 78 33.14 -0.81 -6.93
CA ASP A 78 34.22 -1.66 -7.45
C ASP A 78 35.52 -1.00 -7.03
N LYS A 79 36.26 -1.65 -6.11
CA LYS A 79 37.50 -1.12 -5.54
C LYS A 79 38.59 -0.93 -6.57
N ASP A 80 38.63 -1.78 -7.61
CA ASP A 80 39.70 -1.71 -8.62
C ASP A 80 39.39 -0.59 -9.60
N ALA A 81 38.11 -0.42 -10.00
CA ALA A 81 37.74 0.71 -10.84
C ALA A 81 38.01 2.00 -10.05
N LEU A 82 37.71 2.01 -8.74
CA LEU A 82 37.93 3.20 -7.91
C LEU A 82 39.42 3.55 -7.84
N SER A 83 40.28 2.58 -7.48
CA SER A 83 41.72 2.87 -7.35
C SER A 83 42.34 3.26 -8.70
N THR A 84 41.93 2.58 -9.80
CA THR A 84 42.49 2.86 -11.14
C THR A 84 42.09 4.28 -11.61
N LEU A 85 40.79 4.59 -11.52
CA LEU A 85 40.31 5.88 -11.99
C LEU A 85 40.76 7.02 -11.05
N ALA A 86 40.89 6.77 -9.72
CA ALA A 86 41.40 7.79 -8.79
C ALA A 86 42.83 8.16 -9.13
N ALA A 87 43.65 7.16 -9.53
CA ALA A 87 45.04 7.42 -9.92
C ALA A 87 45.11 8.29 -11.19
N ALA A 88 44.19 8.05 -12.16
CA ALA A 88 44.16 8.85 -13.40
C ALA A 88 43.67 10.28 -13.10
N LEU A 89 42.73 10.43 -12.12
CA LEU A 89 42.25 11.74 -11.66
C LEU A 89 43.40 12.51 -11.00
N VAL A 90 44.19 11.84 -10.13
CA VAL A 90 45.36 12.44 -9.45
C VAL A 90 46.32 12.97 -10.51
N ALA A 91 46.58 12.16 -11.57
CA ALA A 91 47.53 12.50 -12.64
C ALA A 91 47.06 13.66 -13.52
N SER A 92 45.74 13.87 -13.68
CA SER A 92 45.22 14.96 -14.51
C SER A 92 45.42 16.31 -13.83
N ASP A 94 43.15 18.30 -12.81
CA ASP A 94 42.07 19.16 -13.31
C ASP A 94 40.76 18.37 -13.23
N PRO A 95 40.12 18.34 -12.03
CA PRO A 95 38.91 17.52 -11.85
C PRO A 95 37.77 17.84 -12.81
N SER A 96 37.44 19.12 -13.03
CA SER A 96 36.33 19.48 -13.92
C SER A 96 36.50 18.87 -15.32
N THR A 97 37.69 19.03 -15.94
CA THR A 97 37.95 18.48 -17.28
C THR A 97 37.94 16.95 -17.26
N TRP A 98 38.62 16.35 -16.26
CA TRP A 98 38.73 14.91 -16.14
C TRP A 98 37.34 14.26 -16.02
N PHE A 99 36.44 14.83 -15.22
CA PHE A 99 35.12 14.24 -15.00
C PHE A 99 34.27 14.30 -16.28
N VAL A 100 34.43 15.35 -17.12
CA VAL A 100 33.66 15.44 -18.37
C VAL A 100 34.11 14.34 -19.32
N ALA A 101 35.43 14.13 -19.43
CA ALA A 101 36.03 13.15 -20.34
C ALA A 101 35.79 11.71 -19.90
N ASN A 102 35.66 11.46 -18.59
CA ASN A 102 35.56 10.12 -18.05
C ASN A 102 34.18 9.79 -17.46
N ARG A 103 33.15 10.57 -17.80
CA ARG A 103 31.80 10.36 -17.31
C ARG A 103 31.30 8.90 -17.52
N GLU A 104 31.59 8.31 -18.69
CA GLU A 104 31.16 6.94 -18.98
C GLU A 104 31.92 5.92 -18.13
N LEU A 105 33.23 6.12 -17.95
CA LEU A 105 34.04 5.18 -17.17
C LEU A 105 33.66 5.18 -15.71
N ILE A 106 33.24 6.33 -15.12
CA ILE A 106 32.93 6.38 -13.69
C ILE A 106 31.67 5.54 -13.31
N ARG A 107 30.86 5.10 -14.30
CA ARG A 107 29.73 4.20 -14.03
C ARG A 107 30.23 2.86 -13.45
N ALA A 108 31.49 2.50 -13.72
CA ALA A 108 32.06 1.25 -13.17
C ALA A 108 32.40 1.37 -11.68
N VAL A 109 32.53 2.60 -11.15
CA VAL A 109 32.95 2.79 -9.75
C VAL A 109 31.80 2.49 -8.80
N VAL A 110 30.59 3.06 -9.04
CA VAL A 110 29.39 2.81 -8.24
C VAL A 110 28.29 2.56 -9.22
N PHE A 111 27.60 1.43 -9.06
CA PHE A 111 26.47 1.15 -9.95
C PHE A 111 25.42 0.33 -9.26
N VAL A 112 24.22 0.36 -9.82
CA VAL A 112 23.15 -0.54 -9.34
C VAL A 112 23.34 -1.89 -10.07
N PRO A 113 23.59 -3.00 -9.35
CA PRO A 113 23.73 -4.31 -10.02
C PRO A 113 22.36 -4.68 -10.54
N GLN A 114 22.31 -5.20 -11.79
CA GLN A 114 21.02 -5.41 -12.42
C GLN A 114 20.48 -6.83 -12.39
N GLN A 115 21.12 -7.71 -11.61
CA GLN A 115 20.52 -9.01 -11.32
C GLN A 115 19.14 -8.80 -10.70
N ASN A 116 18.14 -9.52 -11.20
CA ASN A 116 16.80 -9.44 -10.57
C ASN A 116 16.85 -9.84 -9.10
N ASN A 117 16.16 -9.08 -8.19
CA ASN A 117 16.10 -9.46 -6.75
CA ASN A 117 16.07 -9.45 -6.76
C ASN A 117 17.48 -9.74 -6.19
N VAL A 118 18.45 -8.89 -6.52
CA VAL A 118 19.85 -9.07 -6.15
C VAL A 118 20.10 -9.12 -4.62
N LEU A 119 19.25 -8.50 -3.82
CA LEU A 119 19.50 -8.51 -2.37
C LEU A 119 18.86 -9.71 -1.66
N ARG A 120 18.29 -10.67 -2.41
CA ARG A 120 17.55 -11.80 -1.83
C ARG A 120 18.35 -12.68 -0.86
N ALA A 121 19.69 -12.75 -1.00
CA ALA A 121 20.48 -13.63 -0.11
C ALA A 121 21.05 -12.84 1.08
N THR A 122 20.83 -11.51 1.10
CA THR A 122 21.41 -10.61 2.11
C THR A 122 20.34 -9.69 2.66
N PRO A 123 19.45 -10.24 3.49
CA PRO A 123 18.39 -9.39 4.07
C PRO A 123 18.95 -8.38 5.04
N LEU A 124 18.39 -7.15 5.05
CA LEU A 124 18.79 -6.07 5.99
C LEU A 124 20.29 -5.82 5.89
N LEU A 125 20.74 -5.70 4.63
CA LEU A 125 22.17 -5.54 4.37
C LEU A 125 22.67 -4.18 4.71
N SER A 126 23.65 -4.16 5.59
CA SER A 126 24.36 -2.92 5.94
C SER A 126 25.77 -3.06 5.36
N VAL A 127 26.76 -2.26 5.84
CA VAL A 127 28.16 -2.40 5.45
C VAL A 127 28.94 -2.68 6.74
N ARG A 128 29.87 -3.65 6.71
CA ARG A 128 30.66 -4.00 7.91
C ARG A 128 31.32 -2.75 8.51
N PRO A 129 31.08 -2.45 9.81
CA PRO A 129 31.71 -1.25 10.41
C PRO A 129 33.21 -1.47 10.57
N VAL A 130 34.00 -0.48 10.14
CA VAL A 130 35.47 -0.55 10.26
C VAL A 130 36.02 0.81 10.67
N ALA A 131 37.19 0.81 11.30
CA ALA A 131 37.88 2.04 11.65
C ALA A 131 39.33 1.75 11.77
N SER A 132 40.14 2.74 11.46
CA SER A 132 41.58 2.58 11.58
C SER A 132 42.21 3.88 11.96
N LEU A 133 43.19 3.80 12.86
CA LEU A 133 43.96 4.97 13.28
C LEU A 133 44.84 5.44 12.13
N SER A 134 45.04 4.58 11.11
CA SER A 134 45.83 4.84 9.91
C SER A 134 45.01 5.52 8.79
N SER A 135 43.68 5.71 9.00
CA SER A 135 42.80 6.37 8.04
C SER A 135 41.97 7.41 8.76
N VAL A 136 42.63 8.49 9.18
CA VAL A 136 41.98 9.61 9.85
C VAL A 136 42.15 10.85 8.97
N HIS A 137 41.32 11.86 9.22
CA HIS A 137 41.21 13.01 8.34
C HIS A 137 41.15 14.32 9.07
N ASN A 138 41.71 15.36 8.45
CA ASN A 138 41.72 16.69 9.02
C ASN A 138 40.47 17.43 8.58
N TRP A 139 39.41 17.30 9.40
CA TRP A 139 38.13 17.97 9.18
C TRP A 139 37.55 18.26 10.53
N GLN A 140 37.56 19.56 10.92
CA GLN A 140 37.06 20.11 12.19
C GLN A 140 38.00 19.73 13.35
N VAL A 141 38.48 18.48 13.37
CA VAL A 141 39.51 17.96 14.28
C VAL A 141 40.56 17.33 13.38
N ARG A 142 41.79 17.19 13.87
CA ARG A 142 42.89 16.61 13.07
C ARG A 142 42.72 15.12 12.74
N ASN A 143 41.94 14.37 13.56
CA ASN A 143 41.88 12.94 13.42
C ASN A 143 40.45 12.41 13.32
N HIS A 144 39.63 13.00 12.45
CA HIS A 144 38.26 12.55 12.23
C HIS A 144 38.32 11.16 11.62
N LEU A 145 37.51 10.20 12.10
CA LEU A 145 37.54 8.88 11.46
C LEU A 145 37.00 8.94 10.02
N SER A 146 37.38 7.96 9.18
CA SER A 146 36.80 7.80 7.85
C SER A 146 35.32 7.51 8.02
N GLY A 147 34.53 7.98 7.07
CA GLY A 147 33.08 7.85 7.14
C GLY A 147 32.42 9.04 6.50
N LEU A 148 31.27 9.41 7.05
CA LEU A 148 30.49 10.54 6.56
C LEU A 148 30.30 11.54 7.68
N HIS A 149 30.50 12.82 7.38
CA HIS A 149 30.23 13.93 8.29
C HIS A 149 29.04 14.68 7.76
N VAL A 150 27.96 14.79 8.51
CA VAL A 150 26.80 15.49 7.96
C VAL A 150 26.66 16.86 8.62
N VAL A 151 26.24 17.83 7.84
CA VAL A 151 25.97 19.21 8.31
C VAL A 151 24.46 19.37 8.25
N VAL A 152 23.83 19.56 9.42
CA VAL A 152 22.37 19.55 9.56
C VAL A 152 21.78 20.92 9.90
N GLY A 153 20.58 21.17 9.41
CA GLY A 153 19.82 22.39 9.73
C GLY A 153 18.65 22.57 8.77
N GLY A 154 17.68 23.40 9.13
CA GLY A 154 16.51 23.64 8.28
C GLY A 154 16.78 24.58 7.12
N THR A 155 15.73 25.02 6.39
CA THR A 155 15.92 25.88 5.20
C THR A 155 16.65 27.22 5.44
N GLY A 156 16.55 27.84 6.61
CA GLY A 156 17.29 29.09 6.79
C GLY A 156 18.57 28.91 7.58
N ALA A 157 19.08 27.67 7.73
CA ALA A 157 20.24 27.36 8.59
C ALA A 157 21.59 27.85 8.10
N GLY A 158 21.72 28.10 6.80
CA GLY A 158 22.99 28.54 6.22
C GLY A 158 24.02 27.42 6.15
N LYS A 159 23.57 26.18 5.83
CA LYS A 159 24.49 25.00 5.72
C LYS A 159 25.53 25.23 4.60
N SER A 160 25.08 25.64 3.41
CA SER A 160 25.95 25.92 2.25
C SER A 160 26.97 27.00 2.56
N LYS A 161 26.54 28.06 3.24
CA LYS A 161 27.39 29.19 3.58
C LYS A 161 28.45 28.77 4.58
N TRP A 162 28.06 27.98 5.62
CA TRP A 162 29.03 27.52 6.61
C TRP A 162 30.04 26.59 5.92
N LEU A 163 29.56 25.68 5.05
CA LEU A 163 30.42 24.73 4.33
C LEU A 163 31.44 25.45 3.46
N ASN A 164 31.00 26.47 2.71
CA ASN A 164 31.88 27.25 1.84
C ASN A 164 32.97 27.95 2.67
N ALA A 165 32.66 28.33 3.93
CA ALA A 165 33.59 28.98 4.85
C ALA A 165 34.62 27.99 5.42
N GLN A 166 34.43 26.68 5.19
CA GLN A 166 35.39 25.65 5.65
C GLN A 166 36.42 25.40 4.54
N THR A 167 36.32 26.18 3.47
CA THR A 167 37.16 26.18 2.27
C THR A 167 37.42 24.74 1.75
N PRO A 168 36.37 24.04 1.32
CA PRO A 168 36.58 22.71 0.70
C PRO A 168 37.29 22.85 -0.64
N ASP A 169 37.83 21.76 -1.19
CA ASP A 169 38.49 21.82 -2.49
C ASP A 169 37.47 21.76 -3.63
N VAL A 170 36.42 20.94 -3.46
CA VAL A 170 35.38 20.71 -4.48
CA VAL A 170 35.40 20.76 -4.47
C VAL A 170 34.04 20.58 -3.78
N THR A 171 32.97 21.10 -4.41
CA THR A 171 31.63 20.92 -3.90
C THR A 171 30.85 20.18 -4.98
N ILE A 172 30.30 19.03 -4.62
CA ILE A 172 29.43 18.27 -5.53
C ILE A 172 28.05 18.83 -5.33
N ARG A 173 27.38 19.15 -6.43
CA ARG A 173 26.06 19.76 -6.36
C ARG A 173 25.03 18.76 -6.86
N TRP A 174 24.08 18.39 -5.94
CA TRP A 174 23.12 17.33 -6.25
C TRP A 174 21.76 17.68 -5.67
N GLY A 175 20.72 17.60 -6.48
CA GLY A 175 19.33 17.74 -5.99
C GLY A 175 18.94 19.11 -5.47
N GLU A 176 19.69 20.12 -5.82
CA GLU A 176 19.46 21.52 -5.43
C GLU A 176 19.17 22.40 -6.64
N PRO A 177 18.41 23.49 -6.50
CA PRO A 177 18.17 24.37 -7.68
C PRO A 177 19.46 25.12 -8.07
N GLY A 178 19.65 25.29 -9.37
CA GLY A 178 20.79 25.99 -9.95
C GLY A 178 20.98 27.36 -9.32
N GLU A 179 22.25 27.71 -9.01
CA GLU A 179 22.55 28.98 -8.38
CA GLU A 179 22.59 28.96 -8.35
C GLU A 179 23.88 29.51 -8.93
N THR A 180 24.20 30.81 -8.69
CA THR A 180 25.45 31.42 -9.20
CA THR A 180 25.44 31.42 -9.22
C THR A 180 26.66 30.54 -8.85
N PHE A 181 26.63 29.92 -7.67
CA PHE A 181 27.69 29.02 -7.20
C PHE A 181 28.03 27.92 -8.24
N ASP A 182 27.03 27.47 -9.04
CA ASP A 182 27.23 26.41 -10.02
C ASP A 182 28.13 26.83 -11.18
N MET A 183 28.36 28.12 -11.36
CA MET A 183 29.27 28.61 -12.41
C MET A 183 30.75 28.35 -12.06
N GLU A 184 31.05 28.17 -10.75
CA GLU A 184 32.43 27.98 -10.27
C GLU A 184 33.02 26.68 -10.79
N GLU A 185 34.31 26.73 -11.17
CA GLU A 185 35.02 25.55 -11.65
C GLU A 185 35.09 24.48 -10.54
N SER A 186 35.16 24.90 -9.26
CA SER A 186 35.24 23.97 -8.13
C SER A 186 33.87 23.32 -7.78
N SER A 187 32.79 23.62 -8.53
CA SER A 187 31.51 22.97 -8.26
C SER A 187 31.28 21.96 -9.38
N ILE A 188 30.97 20.70 -9.03
CA ILE A 188 30.75 19.65 -10.02
C ILE A 188 29.30 19.18 -9.87
N ALA A 189 28.51 19.30 -10.93
CA ALA A 189 27.09 18.93 -10.84
C ALA A 189 26.91 17.46 -11.15
N VAL A 190 26.01 16.80 -10.41
CA VAL A 190 25.71 15.37 -10.63
C VAL A 190 24.19 15.19 -10.65
N ALA A 191 23.72 14.07 -11.22
CA ALA A 191 22.29 13.86 -11.35
C ALA A 191 21.73 12.81 -10.39
N ASP A 192 22.27 11.58 -10.36
CA ASP A 192 21.66 10.52 -9.50
C ASP A 192 22.58 10.13 -8.34
N LEU A 193 22.08 9.23 -7.50
CA LEU A 193 22.85 8.75 -6.35
C LEU A 193 24.19 8.08 -6.78
N THR A 194 24.18 7.26 -7.86
CA THR A 194 25.41 6.54 -8.22
C THR A 194 26.47 7.50 -8.72
N GLU A 195 26.07 8.49 -9.54
CA GLU A 195 27.04 9.47 -10.04
C GLU A 195 27.59 10.29 -8.85
N MET A 196 26.69 10.73 -7.95
CA MET A 196 27.11 11.51 -6.78
C MET A 196 28.15 10.72 -5.99
N LEU A 197 27.87 9.46 -5.65
CA LEU A 197 28.80 8.68 -4.82
C LEU A 197 30.10 8.36 -5.57
N ALA A 198 30.05 8.03 -6.87
CA ALA A 198 31.28 7.73 -7.62
C ALA A 198 32.19 8.96 -7.69
N VAL A 199 31.60 10.15 -7.98
CA VAL A 199 32.40 11.38 -8.08
C VAL A 199 33.00 11.68 -6.71
N ALA A 200 32.19 11.55 -5.65
CA ALA A 200 32.63 11.85 -4.29
C ALA A 200 33.77 10.93 -3.87
N LEU A 201 33.60 9.60 -4.07
CA LEU A 201 34.65 8.64 -3.68
C LEU A 201 35.91 8.84 -4.50
N LEU A 202 35.78 9.17 -5.80
CA LEU A 202 36.98 9.41 -6.62
C LEU A 202 37.75 10.64 -6.14
N LEU A 203 37.05 11.76 -5.89
CA LEU A 203 37.67 12.99 -5.40
C LEU A 203 38.31 12.77 -4.03
N ALA A 204 37.60 12.12 -3.09
CA ALA A 204 38.15 11.89 -1.74
C ALA A 204 39.36 10.96 -1.79
N THR A 205 39.32 9.92 -2.64
CA THR A 205 40.45 8.98 -2.80
C THR A 205 41.66 9.75 -3.38
N ALA A 206 41.40 10.73 -4.25
CA ALA A 206 42.42 11.60 -4.89
C ALA A 206 42.85 12.74 -3.95
N ASP A 207 42.44 12.66 -2.65
CA ASP A 207 42.85 13.56 -1.55
C ASP A 207 42.26 14.96 -1.60
N TYR A 208 41.09 15.12 -2.23
CA TYR A 208 40.36 16.39 -2.23
C TYR A 208 39.43 16.43 -1.01
N ARG A 209 39.30 17.62 -0.38
CA ARG A 209 38.28 17.82 0.65
C ARG A 209 37.01 18.06 -0.13
N VAL A 210 36.13 17.07 -0.13
CA VAL A 210 34.90 17.16 -0.94
C VAL A 210 33.67 17.30 -0.03
N VAL A 211 32.81 18.25 -0.41
CA VAL A 211 31.57 18.52 0.27
C VAL A 211 30.43 18.26 -0.72
N ILE A 212 29.32 17.68 -0.24
CA ILE A 212 28.16 17.42 -1.10
C ILE A 212 27.03 18.31 -0.66
N ASP A 213 26.57 19.14 -1.58
CA ASP A 213 25.44 20.04 -1.41
C ASP A 213 24.36 19.61 -2.40
N SER A 214 23.48 18.68 -2.02
CA SER A 214 23.28 18.15 -0.67
C SER A 214 22.72 16.76 -0.72
N PHE A 215 22.27 16.24 0.43
CA PHE A 215 21.60 14.95 0.49
C PHE A 215 20.07 15.10 0.49
N ARG A 216 19.56 16.21 -0.04
CA ARG A 216 18.11 16.44 -0.16
C ARG A 216 17.39 15.26 -0.82
N ASN A 217 17.95 14.73 -1.95
CA ASN A 217 17.28 13.61 -2.61
C ASN A 217 17.31 12.31 -1.81
N LEU A 218 18.26 12.16 -0.89
CA LEU A 218 18.26 11.00 0.01
C LEU A 218 17.12 11.15 1.00
N VAL A 219 16.95 12.37 1.55
CA VAL A 219 15.83 12.63 2.48
C VAL A 219 14.50 12.38 1.77
N PHE A 220 14.38 12.89 0.54
CA PHE A 220 13.12 12.76 -0.19
C PHE A 220 12.85 11.36 -0.69
N GLY A 221 13.90 10.65 -1.09
CA GLY A 221 13.78 9.37 -1.76
C GLY A 221 13.85 8.11 -0.94
N ILE A 222 14.44 8.18 0.27
CA ILE A 222 14.55 7.01 1.14
C ILE A 222 13.33 7.06 2.06
N THR A 223 12.29 6.33 1.68
CA THR A 223 10.98 6.33 2.36
C THR A 223 10.69 5.09 3.19
N GLY A 224 9.58 5.14 3.91
CA GLY A 224 9.09 4.00 4.68
C GLY A 224 8.57 4.45 6.00
N ALA A 225 8.35 3.47 6.90
CA ALA A 225 7.83 3.74 8.23
C ALA A 225 8.57 4.86 8.89
N ALA A 226 7.81 5.80 9.44
CA ALA A 226 8.36 6.95 10.10
C ALA A 226 8.63 6.69 11.56
N GLY A 227 9.68 7.28 12.06
CA GLY A 227 9.98 7.21 13.48
C GLY A 227 9.57 8.55 14.05
N PRO A 228 10.25 9.02 15.10
CA PRO A 228 9.93 10.34 15.65
C PRO A 228 10.20 11.48 14.67
N GLY A 229 9.40 12.53 14.77
CA GLY A 229 9.57 13.69 13.90
C GLY A 229 9.00 13.50 12.52
N GLY A 230 8.47 12.31 12.25
CA GLY A 230 7.92 11.96 10.96
C GLY A 230 9.01 11.60 9.96
N VAL A 231 10.25 11.39 10.44
CA VAL A 231 11.37 11.05 9.55
C VAL A 231 11.43 9.55 9.36
N SER A 232 11.51 9.06 8.10
CA SER A 232 11.63 7.63 7.80
C SER A 232 12.86 7.05 8.48
N VAL A 233 12.68 5.98 9.27
CA VAL A 233 13.84 5.37 9.97
C VAL A 233 14.82 4.75 8.95
N ALA A 234 14.35 4.42 7.72
CA ALA A 234 15.26 3.91 6.69
C ALA A 234 16.33 4.96 6.35
N LEU A 235 16.05 6.25 6.60
CA LEU A 235 17.05 7.28 6.34
C LEU A 235 18.29 7.05 7.22
N TYR A 236 18.06 6.71 8.50
CA TYR A 236 19.19 6.51 9.42
C TYR A 236 20.04 5.31 8.95
N ALA A 237 19.39 4.23 8.51
CA ALA A 237 20.13 3.06 7.98
C ALA A 237 20.90 3.46 6.70
N ALA A 238 20.27 4.29 5.84
CA ALA A 238 20.92 4.76 4.61
C ALA A 238 22.21 5.53 4.94
N LEU A 239 22.12 6.41 5.92
CA LEU A 239 23.28 7.20 6.35
C LEU A 239 24.39 6.31 6.90
N THR A 240 24.03 5.27 7.68
CA THR A 240 25.05 4.35 8.21
C THR A 240 25.71 3.57 7.07
N SER A 241 24.91 3.11 6.10
CA SER A 241 25.51 2.37 4.97
C SER A 241 26.51 3.24 4.21
N LEU A 242 26.14 4.50 3.89
CA LEU A 242 27.04 5.43 3.18
C LEU A 242 28.25 5.71 4.04
N ASN A 243 28.01 5.97 5.33
CA ASN A 243 29.13 6.16 6.27
C ASN A 243 30.14 4.98 6.21
N ASN A 244 29.62 3.75 6.28
CA ASN A 244 30.52 2.60 6.42
C ASN A 244 31.21 2.26 5.10
N ILE A 245 30.58 2.58 3.95
CA ILE A 245 31.30 2.33 2.69
C ILE A 245 32.46 3.35 2.61
N CYS A 246 32.25 4.57 3.11
CA CYS A 246 33.35 5.53 3.12
C CYS A 246 34.43 5.01 4.07
N ALA A 247 34.04 4.54 5.26
CA ALA A 247 35.02 4.02 6.24
C ALA A 247 35.83 2.87 5.64
N GLU A 248 35.17 1.92 4.93
CA GLU A 248 35.84 0.79 4.30
C GLU A 248 36.90 1.27 3.30
N LEU A 249 36.60 2.34 2.56
CA LEU A 249 37.47 2.88 1.52
C LEU A 249 38.49 3.92 2.07
N GLY A 250 38.45 4.16 3.38
CA GLY A 250 39.37 5.05 4.09
C GLY A 250 39.26 6.50 3.68
N VAL A 251 38.05 6.94 3.35
CA VAL A 251 37.81 8.34 2.94
C VAL A 251 36.83 9.00 3.87
N LEU A 252 36.80 10.35 3.81
CA LEU A 252 35.81 11.13 4.52
C LEU A 252 35.01 11.95 3.52
N LEU A 253 33.67 11.82 3.58
CA LEU A 253 32.78 12.66 2.77
C LEU A 253 32.05 13.59 3.72
N VAL A 254 31.79 14.81 3.29
CA VAL A 254 31.02 15.78 4.07
C VAL A 254 29.75 16.07 3.28
N ALA A 255 28.57 16.08 3.94
CA ALA A 255 27.34 16.33 3.18
C ALA A 255 26.36 17.17 3.98
N ALA A 256 25.70 18.12 3.31
CA ALA A 256 24.62 18.90 3.94
C ALA A 256 23.33 18.11 3.91
N ILE A 257 22.52 18.20 4.97
CA ILE A 257 21.25 17.47 4.98
C ILE A 257 20.22 18.21 5.82
N ASN A 258 18.98 18.23 5.36
CA ASN A 258 17.85 18.79 6.10
C ASN A 258 16.83 17.66 6.22
N PRO A 259 16.77 16.94 7.36
CA PRO A 259 15.87 15.78 7.43
C PRO A 259 14.39 16.11 7.50
N MET A 260 14.03 17.42 7.63
CA MET A 260 12.64 17.91 7.65
C MET A 260 11.80 17.23 8.73
N SER A 261 12.35 17.25 9.93
CA SER A 261 11.67 16.75 11.12
C SER A 261 10.56 17.71 11.47
N SER A 262 9.51 17.21 12.17
CA SER A 262 8.51 18.12 12.74
C SER A 262 9.24 18.90 13.85
N ASP A 263 8.80 20.15 14.12
CA ASP A 263 9.46 21.06 15.07
C ASP A 263 9.58 20.51 16.49
N ASP A 264 8.64 19.68 16.95
CA ASP A 264 8.65 19.16 18.31
C ASP A 264 9.69 18.04 18.52
N LYS A 265 10.18 17.42 17.44
CA LYS A 265 11.09 16.28 17.58
C LYS A 265 12.46 16.47 16.93
N VAL A 266 12.84 17.73 16.64
CA VAL A 266 14.13 18.04 16.00
C VAL A 266 15.31 17.42 16.78
N SER A 267 15.32 17.63 18.11
CA SER A 267 16.45 17.15 18.93
C SER A 267 16.60 15.63 18.84
N LEU A 268 15.48 14.90 18.84
CA LEU A 268 15.50 13.43 18.74
C LEU A 268 16.01 13.00 17.38
N VAL A 269 15.53 13.65 16.31
CA VAL A 269 15.97 13.29 14.94
C VAL A 269 17.49 13.58 14.80
N TYR A 270 17.95 14.74 15.29
CA TYR A 270 19.37 15.07 15.19
C TYR A 270 20.21 14.05 15.97
N ASN A 271 19.73 13.59 17.15
CA ASN A 271 20.44 12.56 17.93
C ASN A 271 20.50 11.24 17.12
N ASN A 272 19.41 10.88 16.43
CA ASN A 272 19.39 9.66 15.60
C ASN A 272 20.35 9.77 14.43
N ILE A 273 20.48 10.96 13.85
CA ILE A 273 21.44 11.19 12.77
C ILE A 273 22.88 11.04 13.32
N ALA A 274 23.19 11.69 14.44
CA ALA A 274 24.52 11.62 15.05
C ALA A 274 24.88 10.16 15.36
N ALA A 275 23.89 9.34 15.78
CA ALA A 275 24.11 7.92 16.12
C ALA A 275 24.35 7.08 14.86
N SER A 276 24.16 7.67 13.66
CA SER A 276 24.28 6.91 12.42
C SER A 276 25.59 7.14 11.66
N VAL A 277 26.35 8.19 11.98
CA VAL A 277 27.48 8.57 11.13
C VAL A 277 28.72 8.89 11.95
N ALA A 278 29.86 9.12 11.25
CA ALA A 278 31.13 9.46 11.91
C ALA A 278 31.11 10.86 12.55
N GLY A 279 30.34 11.78 12.03
CA GLY A 279 30.30 13.13 12.60
C GLY A 279 29.11 13.93 12.17
N MET A 280 28.73 14.91 12.99
CA MET A 280 27.60 15.75 12.69
C MET A 280 27.81 17.14 13.24
N THR A 281 27.51 18.15 12.42
CA THR A 281 27.55 19.56 12.81
C THR A 281 26.14 20.12 12.62
N VAL A 282 25.59 20.77 13.66
CA VAL A 282 24.30 21.45 13.57
C VAL A 282 24.61 22.93 13.33
N VAL A 283 24.02 23.49 12.26
CA VAL A 283 24.27 24.88 11.91
C VAL A 283 22.98 25.69 11.99
N ASN A 284 23.11 26.95 12.39
CA ASN A 284 22.04 27.94 12.40
C ASN A 284 22.68 29.29 12.19
N ASN A 285 22.12 30.09 11.27
CA ASN A 285 22.66 31.40 10.89
C ASN A 285 24.12 31.25 10.41
N ALA A 286 24.41 30.17 9.64
CA ALA A 286 25.74 29.82 9.09
C ALA A 286 26.84 29.73 10.18
N ALA A 287 26.45 29.34 11.40
CA ALA A 287 27.36 29.18 12.55
C ALA A 287 27.09 27.85 13.24
N VAL A 288 28.12 27.26 13.87
CA VAL A 288 27.99 25.98 14.58
C VAL A 288 27.18 26.13 15.89
N VAL A 289 26.08 25.36 16.00
CA VAL A 289 25.24 25.28 17.20
C VAL A 289 25.82 24.16 18.08
N SER A 290 26.16 23.04 17.46
CA SER A 290 26.73 21.88 18.17
C SER A 290 27.50 21.04 17.17
N GLN A 291 28.41 20.21 17.67
CA GLN A 291 29.20 19.34 16.81
C GLN A 291 29.59 18.10 17.59
N THR A 292 29.55 16.94 16.92
CA THR A 292 29.97 15.69 17.56
C THR A 292 30.71 14.88 16.53
N ILE A 293 31.87 14.34 16.91
CA ILE A 293 32.70 13.60 15.97
C ILE A 293 33.25 12.33 16.61
N ARG A 294 33.26 11.22 15.83
CA ARG A 294 33.96 9.99 16.17
C ARG A 294 35.39 10.18 15.67
N SER A 295 36.34 10.41 16.60
CA SER A 295 37.73 10.66 16.21
C SER A 295 38.59 9.44 16.57
N GLY A 296 39.84 9.43 16.09
CA GLY A 296 40.79 8.37 16.40
C GLY A 296 41.09 8.26 17.88
N THR A 297 40.81 9.34 18.65
CA THR A 297 41.07 9.34 20.11
C THR A 297 39.77 9.38 20.95
N GLY A 298 38.66 8.98 20.34
CA GLY A 298 37.34 8.90 20.97
C GLY A 298 36.32 9.91 20.46
N ARG A 299 35.13 9.90 21.07
CA ARG A 299 34.04 10.80 20.72
C ARG A 299 34.32 12.21 21.24
N ILE A 300 34.15 13.22 20.37
CA ILE A 300 34.36 14.64 20.69
C ILE A 300 33.01 15.34 20.58
N PHE A 301 32.61 16.13 21.59
CA PHE A 301 31.35 16.87 21.64
C PHE A 301 31.64 18.33 21.89
N SER A 302 30.96 19.21 21.15
CA SER A 302 31.08 20.66 21.29
C SER A 302 29.71 21.32 21.21
N GLY A 303 29.56 22.45 21.90
CA GLY A 303 28.33 23.24 21.93
C GLY A 303 27.45 22.96 23.13
N VAL B 34 12.92 15.37 -37.43
CA VAL B 34 12.37 15.16 -36.08
C VAL B 34 11.33 14.04 -36.19
N ALA B 35 11.61 12.91 -35.50
CA ALA B 35 10.78 11.70 -35.51
C ALA B 35 10.12 11.46 -34.15
N ALA B 36 9.03 10.68 -34.16
CA ALA B 36 8.23 10.39 -32.97
C ALA B 36 8.90 9.36 -32.06
N PRO B 37 8.91 9.63 -30.74
CA PRO B 37 9.44 8.61 -29.80
C PRO B 37 8.58 7.36 -29.81
N ALA B 38 9.20 6.21 -29.53
CA ALA B 38 8.52 4.91 -29.49
C ALA B 38 7.48 4.89 -28.40
N VAL B 39 6.32 4.25 -28.65
CA VAL B 39 5.26 4.12 -27.65
CA VAL B 39 5.34 4.12 -27.56
C VAL B 39 5.18 2.63 -27.22
N VAL B 40 5.74 1.74 -28.05
CA VAL B 40 5.78 0.31 -27.71
C VAL B 40 6.73 0.18 -26.51
N GLU B 41 6.36 -0.61 -25.51
CA GLU B 41 7.21 -0.82 -24.33
C GLU B 41 8.46 -1.61 -24.72
N GLY B 42 9.62 -1.10 -24.32
CA GLY B 42 10.91 -1.75 -24.61
C GLY B 42 11.29 -2.79 -23.58
N SER B 43 11.79 -3.95 -24.05
CA SER B 43 12.21 -5.00 -23.13
C SER B 43 13.44 -4.57 -22.31
N SER B 44 13.45 -4.88 -21.00
CA SER B 44 14.62 -4.60 -20.15
C SER B 44 15.51 -5.85 -20.03
N THR B 45 15.14 -6.96 -20.69
CA THR B 45 15.91 -8.21 -20.57
C THR B 45 16.56 -8.62 -21.90
N ASN B 46 16.30 -7.87 -22.97
CA ASN B 46 16.84 -8.13 -24.31
C ASN B 46 17.95 -7.09 -24.58
N ALA B 47 19.19 -7.54 -24.76
CA ALA B 47 20.33 -6.64 -25.00
C ALA B 47 20.12 -5.71 -26.21
N ALA B 48 19.55 -6.22 -27.34
CA ALA B 48 19.36 -5.37 -28.52
C ALA B 48 18.38 -4.20 -28.24
N ALA B 49 17.29 -4.49 -27.52
CA ALA B 49 16.31 -3.46 -27.16
C ALA B 49 16.93 -2.44 -26.17
N VAL B 50 17.71 -2.91 -25.17
CA VAL B 50 18.29 -2.01 -24.14
C VAL B 50 19.35 -1.06 -24.72
N LYS B 51 20.10 -1.51 -25.73
CA LYS B 51 21.18 -0.71 -26.32
C LYS B 51 20.66 0.53 -27.07
N LYS B 52 19.38 0.53 -27.46
CA LYS B 52 18.77 1.60 -28.25
C LYS B 52 18.66 2.91 -27.46
N SER B 53 18.47 4.03 -28.17
CA SER B 53 18.31 5.33 -27.51
C SER B 53 17.05 5.36 -26.65
N LEU B 54 16.94 6.36 -25.81
CA LEU B 54 15.73 6.49 -24.96
C LEU B 54 14.49 6.73 -25.82
N ARG B 55 14.63 7.51 -26.92
CA ARG B 55 13.48 7.74 -27.79
C ARG B 55 13.05 6.44 -28.49
N ASP B 56 13.96 5.49 -28.65
CA ASP B 56 13.68 4.23 -29.35
C ASP B 56 13.41 3.06 -28.38
N GLY B 57 13.07 3.34 -27.14
CA GLY B 57 12.68 2.31 -26.18
C GLY B 57 13.81 1.62 -25.43
N GLY B 58 15.02 2.14 -25.56
CA GLY B 58 16.17 1.56 -24.86
C GLY B 58 16.63 2.40 -23.71
N MET B 59 17.88 2.15 -23.26
CA MET B 59 18.44 2.85 -22.07
C MET B 59 19.56 3.81 -22.41
N THR B 60 20.04 3.80 -23.65
CA THR B 60 21.22 4.60 -23.97
C THR B 60 20.87 6.03 -24.34
N ALA B 61 21.24 6.99 -23.52
CA ALA B 61 20.93 8.38 -23.85
C ALA B 61 21.79 8.86 -25.01
N LEU B 62 21.14 9.48 -26.02
CA LEU B 62 21.88 10.12 -27.09
C LEU B 62 22.54 11.37 -26.51
N PRO B 63 23.55 11.99 -27.18
CA PRO B 63 24.12 13.25 -26.67
C PRO B 63 23.05 14.35 -26.48
N SER B 64 21.95 14.29 -27.23
CA SER B 64 20.88 15.30 -27.15
C SER B 64 19.85 15.02 -26.06
N GLU B 65 19.83 13.80 -25.48
CA GLU B 65 18.79 13.43 -24.51
C GLU B 65 19.20 13.64 -23.08
N ILE B 66 18.25 14.11 -22.24
CA ILE B 66 18.45 14.22 -20.80
C ILE B 66 17.33 13.45 -20.14
N LEU B 67 17.68 12.38 -19.41
CA LEU B 67 16.71 11.62 -18.64
C LEU B 67 16.51 12.27 -17.27
N PHE B 68 15.27 12.44 -16.83
CA PHE B 68 14.95 12.96 -15.51
C PHE B 68 13.65 12.34 -15.03
N ALA B 69 13.16 12.77 -13.87
CA ALA B 69 11.93 12.16 -13.35
C ALA B 69 11.13 13.14 -12.53
N VAL B 70 9.81 12.94 -12.55
CA VAL B 70 8.92 13.70 -11.65
CA VAL B 70 8.85 13.71 -11.74
C VAL B 70 8.06 12.63 -11.00
N GLY B 71 8.25 12.47 -9.67
CA GLY B 71 7.60 11.35 -9.00
C GLY B 71 8.17 10.06 -9.58
N SER B 72 7.32 9.10 -9.86
CA SER B 72 7.78 7.85 -10.46
C SER B 72 7.75 7.92 -12.01
N ILE B 73 7.47 9.12 -12.56
CA ILE B 73 7.33 9.27 -14.01
C ILE B 73 8.71 9.61 -14.61
N PRO B 74 9.25 8.73 -15.46
CA PRO B 74 10.50 9.10 -16.15
C PRO B 74 10.18 10.01 -17.33
N LEU B 75 11.08 10.95 -17.61
CA LEU B 75 10.91 11.89 -18.72
C LEU B 75 12.21 12.09 -19.41
N VAL B 76 12.13 12.44 -20.70
CA VAL B 76 13.33 12.80 -21.46
C VAL B 76 13.04 14.09 -22.18
N VAL B 77 14.00 15.00 -22.19
CA VAL B 77 13.94 16.19 -23.04
C VAL B 77 15.02 16.00 -24.09
N ASP B 78 14.69 16.27 -25.36
CA ASP B 78 15.68 16.15 -26.45
C ASP B 78 16.04 17.56 -26.88
N LYS B 79 17.30 17.96 -26.61
CA LYS B 79 17.77 19.32 -26.89
C LYS B 79 17.78 19.67 -28.38
N ASP B 80 18.01 18.68 -29.25
CA ASP B 80 18.06 18.93 -30.71
C ASP B 80 16.64 19.08 -31.27
N ALA B 81 15.71 18.23 -30.81
CA ALA B 81 14.31 18.40 -31.21
C ALA B 81 13.82 19.76 -30.73
N LEU B 82 14.22 20.16 -29.50
CA LEU B 82 13.81 21.45 -28.97
C LEU B 82 14.34 22.62 -29.82
N SER B 83 15.65 22.63 -30.10
CA SER B 83 16.22 23.75 -30.85
C SER B 83 15.65 23.80 -32.29
N THR B 84 15.51 22.61 -32.91
CA THR B 84 15.04 22.55 -34.32
C THR B 84 13.57 23.03 -34.43
N LEU B 85 12.70 22.51 -33.55
CA LEU B 85 11.29 22.87 -33.58
C LEU B 85 11.04 24.29 -33.08
N ALA B 86 11.90 24.80 -32.15
CA ALA B 86 11.74 26.20 -31.69
C ALA B 86 12.00 27.14 -32.86
N ALA B 87 12.99 26.80 -33.75
CA ALA B 87 13.26 27.61 -34.93
C ALA B 87 12.05 27.61 -35.90
N ALA B 88 11.35 26.46 -36.03
CA ALA B 88 10.13 26.33 -36.87
C ALA B 88 8.99 27.18 -36.27
N LEU B 89 8.89 27.20 -34.92
CA LEU B 89 7.89 28.02 -34.22
C LEU B 89 8.17 29.51 -34.41
N VAL B 90 9.44 29.93 -34.30
CA VAL B 90 9.86 31.33 -34.53
C VAL B 90 9.47 31.74 -35.98
N ALA B 91 9.68 30.84 -36.97
CA ALA B 91 9.36 31.10 -38.38
C ALA B 91 7.85 31.25 -38.64
N SER B 92 7.01 30.56 -37.88
CA SER B 92 5.56 30.67 -38.06
C SER B 92 5.03 32.03 -37.56
N ASP B 93 5.62 32.56 -36.47
CA ASP B 93 5.24 33.83 -35.81
C ASP B 93 3.75 33.82 -35.36
N ASP B 94 3.18 32.61 -35.15
CA ASP B 94 1.78 32.40 -34.74
C ASP B 94 1.70 31.13 -33.91
N PRO B 95 2.04 31.25 -32.60
CA PRO B 95 2.09 30.06 -31.73
C PRO B 95 0.80 29.25 -31.69
N SER B 96 -0.38 29.91 -31.55
CA SER B 96 -1.66 29.20 -31.45
C SER B 96 -1.86 28.23 -32.61
N THR B 97 -1.70 28.71 -33.85
CA THR B 97 -1.88 27.86 -35.03
C THR B 97 -0.78 26.79 -35.12
N TRP B 98 0.49 27.20 -34.91
CA TRP B 98 1.63 26.30 -35.00
C TRP B 98 1.48 25.09 -34.05
N PHE B 99 1.06 25.35 -32.80
CA PHE B 99 0.94 24.26 -31.83
C PHE B 99 -0.18 23.27 -32.18
N VAL B 100 -1.30 23.76 -32.74
CA VAL B 100 -2.39 22.86 -33.14
C VAL B 100 -1.89 21.91 -34.26
N ALA B 101 -1.19 22.47 -35.24
CA ALA B 101 -0.71 21.73 -36.41
C ALA B 101 0.44 20.77 -36.09
N ASN B 102 1.26 21.08 -35.05
CA ASN B 102 2.47 20.31 -34.76
C ASN B 102 2.39 19.49 -33.47
N ARG B 103 1.16 19.21 -33.03
CA ARG B 103 0.82 18.42 -31.86
C ARG B 103 1.60 17.08 -31.85
N GLU B 104 1.70 16.39 -33.02
CA GLU B 104 2.42 15.12 -33.19
C GLU B 104 3.92 15.27 -33.08
N LEU B 105 4.50 16.26 -33.76
CA LEU B 105 5.96 16.49 -33.76
C LEU B 105 6.53 16.84 -32.41
N ILE B 106 5.80 17.60 -31.61
CA ILE B 106 6.39 18.07 -30.36
C ILE B 106 6.55 16.95 -29.31
N ARG B 107 5.95 15.76 -29.57
CA ARG B 107 6.17 14.61 -28.69
CA ARG B 107 6.15 14.58 -28.72
C ARG B 107 7.66 14.27 -28.67
N ALA B 108 8.44 14.67 -29.72
CA ALA B 108 9.89 14.42 -29.70
C ALA B 108 10.66 15.30 -28.69
N VAL B 109 10.07 16.43 -28.28
CA VAL B 109 10.76 17.38 -27.40
C VAL B 109 10.77 16.89 -25.97
N VAL B 110 9.62 16.46 -25.44
CA VAL B 110 9.52 15.93 -24.07
C VAL B 110 8.67 14.68 -24.16
N PHE B 111 9.18 13.56 -23.68
CA PHE B 111 8.40 12.35 -23.74
C PHE B 111 8.70 11.40 -22.59
N VAL B 112 7.80 10.45 -22.37
CA VAL B 112 8.06 9.38 -21.41
C VAL B 112 8.82 8.28 -22.17
N PRO B 113 10.08 7.97 -21.80
CA PRO B 113 10.81 6.88 -22.48
C PRO B 113 10.12 5.57 -22.10
N GLN B 114 9.95 4.68 -23.07
CA GLN B 114 9.13 3.49 -22.83
C GLN B 114 9.91 2.20 -22.57
N GLN B 115 11.22 2.30 -22.39
CA GLN B 115 12.00 1.16 -21.87
C GLN B 115 11.39 0.72 -20.53
N ASN B 116 11.18 -0.58 -20.37
CA ASN B 116 10.68 -1.09 -19.10
C ASN B 116 11.65 -0.75 -17.96
N ASN B 117 11.13 -0.28 -16.79
CA ASN B 117 12.02 -0.01 -15.62
CA ASN B 117 11.99 -0.01 -15.62
C ASN B 117 13.20 0.87 -16.01
N VAL B 118 12.92 1.92 -16.78
CA VAL B 118 13.98 2.77 -17.32
C VAL B 118 14.82 3.50 -16.25
N LEU B 119 14.27 3.73 -15.07
CA LEU B 119 15.05 4.44 -14.04
C LEU B 119 15.95 3.54 -13.19
N ARG B 120 16.00 2.22 -13.50
CA ARG B 120 16.70 1.20 -12.68
C ARG B 120 18.21 1.46 -12.47
N ALA B 121 18.88 2.18 -13.37
CA ALA B 121 20.33 2.42 -13.24
C ALA B 121 20.61 3.77 -12.62
N THR B 122 19.55 4.55 -12.36
CA THR B 122 19.68 5.94 -11.84
C THR B 122 18.75 6.15 -10.66
N PRO B 123 19.09 5.56 -9.50
CA PRO B 123 18.28 5.78 -8.30
C PRO B 123 18.40 7.23 -7.83
N LEU B 124 17.29 7.77 -7.27
CA LEU B 124 17.26 9.13 -6.71
C LEU B 124 17.74 10.15 -7.77
N LEU B 125 17.21 10.01 -8.97
CA LEU B 125 17.61 10.84 -10.09
C LEU B 125 17.04 12.25 -9.97
N SER B 126 17.94 13.19 -9.88
CA SER B 126 17.61 14.61 -9.95
C SER B 126 18.16 15.12 -11.30
N VAL B 127 18.32 16.45 -11.43
CA VAL B 127 18.85 17.06 -12.66
C VAL B 127 20.04 17.91 -12.24
N ARG B 128 21.15 17.80 -12.98
CA ARG B 128 22.39 18.53 -12.66
C ARG B 128 22.11 20.02 -12.40
N PRO B 129 22.48 20.58 -11.23
CA PRO B 129 22.27 22.03 -11.02
C PRO B 129 23.25 22.85 -11.86
N VAL B 130 22.71 23.86 -12.57
CA VAL B 130 23.53 24.72 -13.44
C VAL B 130 23.01 26.15 -13.37
N ALA B 131 23.87 27.13 -13.60
CA ALA B 131 23.46 28.53 -13.69
C ALA B 131 24.51 29.27 -14.42
N SER B 132 24.13 30.34 -15.10
CA SER B 132 25.08 31.16 -15.86
C SER B 132 24.65 32.60 -15.84
N LEU B 133 25.64 33.51 -15.70
CA LEU B 133 25.37 34.94 -15.77
C LEU B 133 24.96 35.34 -17.20
N SER B 134 25.24 34.47 -18.18
CA SER B 134 24.93 34.67 -19.58
C SER B 134 23.53 34.17 -19.96
N SER B 135 22.79 33.56 -19.01
CA SER B 135 21.42 33.08 -19.24
C SER B 135 20.51 33.60 -18.14
N VAL B 136 20.27 34.92 -18.15
CA VAL B 136 19.42 35.55 -17.15
C VAL B 136 18.20 36.15 -17.87
N HIS B 137 17.14 36.42 -17.10
CA HIS B 137 15.87 36.80 -17.67
C HIS B 137 15.23 37.99 -16.99
N ASN B 138 14.48 38.78 -17.77
CA ASN B 138 13.78 39.94 -17.24
C ASN B 138 12.40 39.50 -16.77
N TRP B 139 12.31 39.11 -15.50
CA TRP B 139 11.08 38.69 -14.86
C TRP B 139 11.18 39.08 -13.42
N GLN B 140 10.42 40.14 -13.04
CA GLN B 140 10.35 40.74 -11.70
C GLN B 140 11.62 41.52 -11.37
N VAL B 141 12.79 40.95 -11.71
CA VAL B 141 14.10 41.60 -11.66
C VAL B 141 14.70 41.44 -13.04
N ARG B 142 15.68 42.27 -13.40
CA ARG B 142 16.28 42.23 -14.73
C ARG B 142 17.10 40.97 -15.00
N ASN B 143 17.61 40.31 -13.94
CA ASN B 143 18.57 39.23 -14.09
C ASN B 143 18.17 37.97 -13.31
N HIS B 144 16.93 37.54 -13.47
CA HIS B 144 16.44 36.31 -12.85
C HIS B 144 17.21 35.12 -13.44
N LEU B 145 17.73 34.19 -12.62
CA LEU B 145 18.40 33.05 -13.21
C LEU B 145 17.43 32.17 -14.02
N SER B 146 17.97 31.43 -15.01
CA SER B 146 17.16 30.43 -15.71
C SER B 146 16.69 29.40 -14.70
N GLY B 147 15.49 28.88 -14.93
CA GLY B 147 14.88 27.92 -14.02
C GLY B 147 13.39 28.06 -14.05
N LEU B 148 12.77 27.81 -12.92
CA LEU B 148 11.34 27.89 -12.75
C LEU B 148 11.01 28.92 -11.68
N HIS B 149 10.05 29.80 -11.97
CA HIS B 149 9.53 30.77 -11.00
C HIS B 149 8.13 30.35 -10.67
N VAL B 150 7.81 30.09 -9.40
CA VAL B 150 6.45 29.66 -9.10
C VAL B 150 5.69 30.77 -8.39
N VAL B 151 4.41 30.90 -8.71
CA VAL B 151 3.49 31.86 -8.10
C VAL B 151 2.57 31.04 -7.22
N VAL B 152 2.65 31.26 -5.90
CA VAL B 152 1.97 30.43 -4.89
C VAL B 152 0.87 31.17 -4.17
N GLY B 153 -0.18 30.46 -3.81
CA GLY B 153 -1.30 31.03 -3.07
C GLY B 153 -2.44 30.04 -3.06
N GLY B 154 -3.33 30.19 -2.09
CA GLY B 154 -4.46 29.27 -1.96
C GLY B 154 -5.56 29.54 -2.97
N THR B 155 -6.67 28.77 -2.86
CA THR B 155 -7.80 28.95 -3.77
C THR B 155 -8.35 30.33 -3.43
N GLY B 156 -8.57 31.13 -4.45
CA GLY B 156 -9.04 32.50 -4.23
C GLY B 156 -7.95 33.53 -3.98
N ALA B 157 -6.64 33.14 -4.10
CA ALA B 157 -5.53 34.09 -3.87
C ALA B 157 -5.39 35.14 -4.99
N GLY B 158 -5.92 34.82 -6.17
CA GLY B 158 -5.79 35.70 -7.33
C GLY B 158 -4.46 35.50 -8.07
N LYS B 159 -3.95 34.25 -8.14
CA LYS B 159 -2.67 33.93 -8.84
C LYS B 159 -2.79 34.29 -10.34
N SER B 160 -3.89 33.83 -11.00
CA SER B 160 -4.17 34.10 -12.43
C SER B 160 -4.27 35.58 -12.72
N LYS B 161 -4.97 36.33 -11.84
CA LYS B 161 -5.17 37.75 -12.00
C LYS B 161 -3.84 38.51 -11.88
N TRP B 162 -3.01 38.14 -10.88
CA TRP B 162 -1.71 38.81 -10.73
C TRP B 162 -0.82 38.49 -11.94
N LEU B 163 -0.81 37.22 -12.38
CA LEU B 163 -0.02 36.79 -13.54
C LEU B 163 -0.40 37.55 -14.81
N ASN B 164 -1.71 37.69 -15.07
CA ASN B 164 -2.23 38.43 -16.22
CA ASN B 164 -2.21 38.43 -16.24
C ASN B 164 -1.74 39.88 -16.22
N ALA B 165 -1.62 40.47 -15.02
CA ALA B 165 -1.17 41.84 -14.81
C ALA B 165 0.33 42.00 -15.04
N GLN B 166 1.09 40.89 -15.20
CA GLN B 166 2.52 40.93 -15.47
C GLN B 166 2.74 40.93 -16.99
N THR B 167 1.62 40.99 -17.74
CA THR B 167 1.52 41.02 -19.20
C THR B 167 2.48 39.98 -19.85
N PRO B 168 2.22 38.68 -19.59
CA PRO B 168 3.02 37.64 -20.27
C PRO B 168 2.69 37.61 -21.76
N ASP B 169 3.50 36.94 -22.56
CA ASP B 169 3.19 36.83 -23.98
C ASP B 169 2.19 35.73 -24.28
N VAL B 170 2.30 34.61 -23.55
CA VAL B 170 1.45 33.43 -23.76
CA VAL B 170 1.43 33.46 -23.77
C VAL B 170 1.15 32.81 -22.42
N THR B 171 -0.08 32.26 -22.26
CA THR B 171 -0.43 31.52 -21.05
C THR B 171 -0.77 30.10 -21.49
N ILE B 172 -0.09 29.12 -20.93
CA ILE B 172 -0.38 27.71 -21.21
C ILE B 172 -1.43 27.30 -20.22
N ARG B 173 -2.51 26.71 -20.70
CA ARG B 173 -3.64 26.35 -19.82
C ARG B 173 -3.67 24.84 -19.66
N TRP B 174 -3.50 24.38 -18.41
CA TRP B 174 -3.39 22.93 -18.11
C TRP B 174 -4.09 22.58 -16.83
N GLY B 175 -4.99 21.59 -16.92
CA GLY B 175 -5.67 21.01 -15.77
C GLY B 175 -6.62 21.95 -15.03
N GLU B 176 -7.11 22.99 -15.76
CA GLU B 176 -8.03 23.98 -15.23
C GLU B 176 -9.34 23.94 -16.02
N PRO B 177 -10.49 24.30 -15.43
CA PRO B 177 -11.75 24.26 -16.20
C PRO B 177 -11.77 25.37 -17.27
N GLY B 178 -12.36 25.06 -18.40
CA GLY B 178 -12.48 26.02 -19.50
C GLY B 178 -13.19 27.29 -19.08
N GLU B 179 -12.68 28.44 -19.53
CA GLU B 179 -13.30 29.73 -19.23
CA GLU B 179 -13.28 29.76 -19.22
C GLU B 179 -13.13 30.69 -20.41
N THR B 180 -13.74 31.90 -20.33
CA THR B 180 -13.67 32.87 -21.43
CA THR B 180 -13.71 32.89 -21.41
C THR B 180 -12.24 33.15 -21.85
N PHE B 181 -11.31 33.17 -20.88
CA PHE B 181 -9.86 33.38 -21.13
C PHE B 181 -9.31 32.41 -22.20
N ASP B 182 -9.87 31.18 -22.27
CA ASP B 182 -9.39 30.18 -23.24
C ASP B 182 -9.68 30.54 -24.68
N MET B 183 -10.59 31.49 -24.93
CA MET B 183 -10.90 31.93 -26.30
C MET B 183 -9.81 32.84 -26.86
N GLU B 184 -8.99 33.45 -25.99
CA GLU B 184 -7.89 34.33 -26.41
C GLU B 184 -6.85 33.57 -27.21
N GLU B 185 -6.35 34.19 -28.29
CA GLU B 185 -5.31 33.60 -29.12
C GLU B 185 -4.03 33.33 -28.29
N SER B 186 -3.78 34.16 -27.28
CA SER B 186 -2.57 34.04 -26.45
C SER B 186 -2.70 32.93 -25.38
N SER B 187 -3.85 32.20 -25.31
CA SER B 187 -4.01 31.08 -24.37
CA SER B 187 -3.95 31.08 -24.37
C SER B 187 -3.82 29.79 -25.17
N ILE B 188 -2.90 28.91 -24.75
CA ILE B 188 -2.65 27.64 -25.48
C ILE B 188 -2.98 26.47 -24.57
N ALA B 189 -3.98 25.68 -24.95
CA ALA B 189 -4.44 24.59 -24.10
C ALA B 189 -3.61 23.34 -24.30
N VAL B 190 -3.29 22.64 -23.19
CA VAL B 190 -2.53 21.37 -23.26
C VAL B 190 -3.24 20.34 -22.41
N ALA B 191 -2.94 19.05 -22.64
CA ALA B 191 -3.62 17.99 -21.95
C ALA B 191 -2.77 17.29 -20.89
N ASP B 192 -1.55 16.78 -21.25
CA ASP B 192 -0.77 16.04 -20.25
C ASP B 192 0.52 16.77 -19.85
N LEU B 193 1.26 16.17 -18.91
CA LEU B 193 2.51 16.79 -18.47
C LEU B 193 3.53 16.96 -19.60
N THR B 194 3.67 15.96 -20.49
CA THR B 194 4.71 16.07 -21.53
C THR B 194 4.35 17.17 -22.52
N GLU B 195 3.05 17.29 -22.91
CA GLU B 195 2.66 18.35 -23.83
C GLU B 195 2.85 19.72 -23.16
N MET B 196 2.48 19.81 -21.89
CA MET B 196 2.65 21.07 -21.16
C MET B 196 4.13 21.50 -21.19
N LEU B 197 5.04 20.61 -20.82
CA LEU B 197 6.45 20.96 -20.75
CA LEU B 197 6.46 20.95 -20.75
C LEU B 197 7.05 21.25 -22.13
N ALA B 198 6.70 20.45 -23.14
CA ALA B 198 7.23 20.69 -24.49
C ALA B 198 6.77 22.07 -25.01
N VAL B 199 5.48 22.39 -24.87
CA VAL B 199 4.93 23.67 -25.35
C VAL B 199 5.65 24.81 -24.60
N ALA B 200 5.78 24.66 -23.28
CA ALA B 200 6.43 25.70 -22.45
C ALA B 200 7.87 25.91 -22.86
N LEU B 201 8.66 24.81 -22.99
CA LEU B 201 10.08 24.94 -23.36
C LEU B 201 10.23 25.50 -24.77
N LEU B 202 9.35 25.10 -25.70
CA LEU B 202 9.45 25.64 -27.09
C LEU B 202 9.17 27.16 -27.11
N LEU B 203 8.11 27.59 -26.44
CA LEU B 203 7.77 29.02 -26.36
C LEU B 203 8.88 29.82 -25.70
N ALA B 204 9.41 29.34 -24.57
CA ALA B 204 10.49 30.04 -23.84
C ALA B 204 11.75 30.11 -24.71
N THR B 205 12.08 29.01 -25.41
CA THR B 205 13.29 28.99 -26.29
C THR B 205 13.07 29.97 -27.45
N ALA B 206 11.80 30.15 -27.92
CA ALA B 206 11.44 31.09 -29.00
C ALA B 206 11.31 32.55 -28.45
N ASP B 207 11.73 32.78 -27.18
CA ASP B 207 11.82 34.08 -26.48
C ASP B 207 10.48 34.67 -26.06
N TYR B 208 9.46 33.82 -25.84
CA TYR B 208 8.18 34.28 -25.31
C TYR B 208 8.22 34.26 -23.77
N ARG B 209 7.59 35.24 -23.12
CA ARG B 209 7.38 35.19 -21.66
C ARG B 209 6.18 34.29 -21.49
N VAL B 210 6.42 33.06 -21.01
CA VAL B 210 5.36 32.07 -20.89
C VAL B 210 5.01 31.83 -19.42
N VAL B 211 3.71 31.79 -19.16
CA VAL B 211 3.15 31.49 -17.84
C VAL B 211 2.32 30.22 -17.98
N ILE B 212 2.38 29.34 -16.95
CA ILE B 212 1.59 28.11 -16.98
C ILE B 212 0.54 28.21 -15.90
N ASP B 213 -0.72 28.10 -16.34
CA ASP B 213 -1.90 28.14 -15.48
C ASP B 213 -2.60 26.77 -15.66
N SER B 214 -2.21 25.75 -14.89
CA SER B 214 -1.34 25.85 -13.69
C SER B 214 -0.65 24.52 -13.44
N PHE B 215 0.03 24.40 -12.28
CA PHE B 215 0.64 23.12 -11.89
C PHE B 215 -0.26 22.31 -10.94
N ARG B 216 -1.58 22.59 -10.96
CA ARG B 216 -2.58 21.84 -10.19
C ARG B 216 -2.37 20.31 -10.32
N ASN B 217 -2.24 19.82 -11.56
CA ASN B 217 -2.08 18.37 -11.76
C ASN B 217 -0.80 17.81 -11.21
N LEU B 218 0.25 18.64 -11.08
CA LEU B 218 1.50 18.19 -10.47
C LEU B 218 1.26 18.03 -8.96
N VAL B 219 0.58 18.99 -8.34
CA VAL B 219 0.22 18.90 -6.90
C VAL B 219 -0.64 17.66 -6.66
N PHE B 220 -1.64 17.46 -7.53
CA PHE B 220 -2.54 16.35 -7.34
C PHE B 220 -1.91 14.99 -7.63
N GLY B 221 -1.04 14.94 -8.62
CA GLY B 221 -0.52 13.67 -9.11
C GLY B 221 0.80 13.19 -8.58
N ILE B 222 1.63 14.08 -8.04
CA ILE B 222 2.96 13.69 -7.52
C ILE B 222 2.79 13.48 -6.03
N THR B 223 2.49 12.25 -5.63
CA THR B 223 2.22 12.01 -4.21
C THR B 223 3.22 10.99 -3.61
N GLY B 224 3.01 10.67 -2.34
CA GLY B 224 3.93 9.80 -1.60
C GLY B 224 4.18 10.39 -0.23
N ALA B 225 5.22 9.92 0.47
CA ALA B 225 5.53 10.35 1.83
C ALA B 225 5.45 11.84 1.97
N ALA B 226 4.70 12.28 2.95
CA ALA B 226 4.50 13.69 3.19
C ALA B 226 5.52 14.23 4.13
N GLY B 227 5.85 15.48 3.94
CA GLY B 227 6.69 16.19 4.88
C GLY B 227 5.73 17.00 5.75
N PRO B 228 6.18 18.14 6.27
CA PRO B 228 5.23 19.05 6.99
C PRO B 228 4.15 19.68 6.07
N GLY B 229 3.01 20.00 6.67
CA GLY B 229 1.87 20.54 5.95
C GLY B 229 1.08 19.49 5.23
N GLY B 230 1.61 18.26 5.25
CA GLY B 230 1.00 17.15 4.53
C GLY B 230 1.34 17.22 3.07
N VAL B 231 2.41 17.96 2.68
CA VAL B 231 2.75 18.05 1.25
C VAL B 231 3.77 16.96 0.92
N SER B 232 3.56 16.21 -0.16
CA SER B 232 4.45 15.15 -0.54
CA SER B 232 4.45 15.16 -0.63
C SER B 232 5.84 15.72 -0.87
N VAL B 233 6.90 15.13 -0.27
CA VAL B 233 8.25 15.66 -0.52
C VAL B 233 8.66 15.42 -1.96
N ALA B 234 8.01 14.45 -2.65
CA ALA B 234 8.29 14.22 -4.07
C ALA B 234 7.92 15.46 -4.92
N LEU B 235 7.00 16.30 -4.43
CA LEU B 235 6.64 17.52 -5.14
C LEU B 235 7.85 18.48 -5.15
N TYR B 236 8.54 18.59 -4.00
CA TYR B 236 9.72 19.48 -3.97
C TYR B 236 10.80 18.98 -4.92
N ALA B 237 11.05 17.68 -4.91
CA ALA B 237 12.06 17.08 -5.82
C ALA B 237 11.63 17.34 -7.27
N ALA B 238 10.31 17.21 -7.59
CA ALA B 238 9.83 17.41 -8.96
C ALA B 238 10.04 18.88 -9.39
N LEU B 239 9.76 19.82 -8.47
CA LEU B 239 9.99 21.22 -8.80
C LEU B 239 11.47 21.52 -9.04
N THR B 240 12.39 20.89 -8.26
CA THR B 240 13.84 21.09 -8.50
C THR B 240 14.22 20.48 -9.83
N SER B 241 13.70 19.30 -10.14
CA SER B 241 14.01 18.64 -11.44
C SER B 241 13.56 19.54 -12.61
N LEU B 242 12.32 20.04 -12.56
CA LEU B 242 11.82 20.91 -13.64
C LEU B 242 12.63 22.19 -13.69
N ASN B 243 12.92 22.78 -12.51
CA ASN B 243 13.75 23.98 -12.43
C ASN B 243 15.09 23.79 -13.15
N ASN B 244 15.76 22.66 -12.87
CA ASN B 244 17.10 22.45 -13.37
C ASN B 244 17.12 22.07 -14.85
N ILE B 245 16.04 21.47 -15.36
CA ILE B 245 15.93 21.24 -16.81
C ILE B 245 15.82 22.63 -17.49
N CYS B 246 14.97 23.52 -16.95
CA CYS B 246 14.87 24.89 -17.50
C CYS B 246 16.23 25.59 -17.46
N ALA B 247 16.93 25.48 -16.31
CA ALA B 247 18.25 26.11 -16.17
C ALA B 247 19.23 25.57 -17.22
N GLU B 248 19.26 24.24 -17.44
CA GLU B 248 20.14 23.64 -18.44
C GLU B 248 19.85 24.18 -19.85
N LEU B 249 18.58 24.43 -20.15
CA LEU B 249 18.15 24.90 -21.46
C LEU B 249 18.17 26.43 -21.59
N GLY B 250 18.60 27.11 -20.52
CA GLY B 250 18.74 28.57 -20.48
C GLY B 250 17.44 29.34 -20.61
N VAL B 251 16.34 28.76 -20.09
CA VAL B 251 15.03 29.39 -20.19
C VAL B 251 14.46 29.62 -18.80
N LEU B 252 13.41 30.47 -18.75
CA LEU B 252 12.68 30.70 -17.53
C LEU B 252 11.22 30.38 -17.78
N LEU B 253 10.64 29.51 -16.94
CA LEU B 253 9.21 29.22 -16.99
C LEU B 253 8.59 29.77 -15.73
N VAL B 254 7.35 30.24 -15.82
CA VAL B 254 6.61 30.77 -14.67
C VAL B 254 5.38 29.94 -14.51
N ALA B 255 5.07 29.46 -13.29
CA ALA B 255 3.90 28.60 -13.14
C ALA B 255 3.15 28.91 -11.87
N ALA B 256 1.82 28.86 -11.93
CA ALA B 256 0.97 29.03 -10.75
C ALA B 256 0.86 27.69 -10.03
N ILE B 257 0.90 27.71 -8.69
CA ILE B 257 0.78 26.47 -7.94
C ILE B 257 0.14 26.70 -6.61
N ASN B 258 -0.72 25.76 -6.20
CA ASN B 258 -1.38 25.81 -4.89
C ASN B 258 -1.08 24.48 -4.22
N PRO B 259 -0.07 24.40 -3.32
CA PRO B 259 0.33 23.10 -2.77
C PRO B 259 -0.66 22.49 -1.78
N MET B 260 -1.70 23.24 -1.36
CA MET B 260 -2.77 22.79 -0.47
C MET B 260 -2.21 22.24 0.85
N SER B 261 -1.34 23.02 1.45
CA SER B 261 -0.75 22.72 2.74
C SER B 261 -1.82 22.84 3.80
N SER B 262 -1.65 22.13 4.93
CA SER B 262 -2.55 22.36 6.07
C SER B 262 -2.30 23.82 6.53
N ASP B 263 -3.32 24.50 7.09
CA ASP B 263 -3.23 25.93 7.47
C ASP B 263 -2.12 26.26 8.48
N ASP B 264 -1.77 25.32 9.36
CA ASP B 264 -0.75 25.54 10.39
C ASP B 264 0.69 25.47 9.84
N LYS B 265 0.88 24.91 8.64
CA LYS B 265 2.22 24.72 8.11
C LYS B 265 2.46 25.42 6.78
N VAL B 266 1.62 26.40 6.40
CA VAL B 266 1.77 27.14 5.13
C VAL B 266 3.18 27.76 5.01
N SER B 267 3.65 28.45 6.06
CA SER B 267 4.96 29.11 6.05
C SER B 267 6.10 28.10 5.77
N LEU B 268 6.02 26.92 6.38
CA LEU B 268 7.04 25.88 6.18
C LEU B 268 6.99 25.36 4.77
N VAL B 269 5.79 25.08 4.25
CA VAL B 269 5.67 24.56 2.87
C VAL B 269 6.18 25.61 1.88
N TYR B 270 5.80 26.87 2.07
CA TYR B 270 6.25 27.92 1.15
C TYR B 270 7.79 28.03 1.19
N ASN B 271 8.40 27.92 2.38
CA ASN B 271 9.87 27.93 2.49
C ASN B 271 10.48 26.73 1.73
N ASN B 272 9.84 25.54 1.83
CA ASN B 272 10.36 24.35 1.13
C ASN B 272 10.26 24.53 -0.39
N ILE B 273 9.16 25.18 -0.85
CA ILE B 273 9.00 25.48 -2.28
C ILE B 273 10.10 26.46 -2.74
N ALA B 274 10.32 27.54 -1.98
CA ALA B 274 11.37 28.53 -2.31
C ALA B 274 12.74 27.87 -2.37
N ALA B 275 12.98 26.86 -1.53
CA ALA B 275 14.27 26.14 -1.47
C ALA B 275 14.43 25.21 -2.65
N SER B 276 13.37 25.03 -3.45
CA SER B 276 13.42 24.08 -4.57
C SER B 276 13.59 24.71 -5.94
N VAL B 277 13.36 26.01 -6.06
CA VAL B 277 13.29 26.62 -7.41
C VAL B 277 14.05 27.92 -7.51
N ALA B 278 14.17 28.47 -8.74
CA ALA B 278 14.87 29.75 -8.97
C ALA B 278 14.15 30.96 -8.37
N GLY B 279 12.83 30.92 -8.27
CA GLY B 279 12.11 32.07 -7.71
C GLY B 279 10.72 31.72 -7.29
N MET B 280 10.20 32.52 -6.36
CA MET B 280 8.86 32.26 -5.85
C MET B 280 8.21 33.56 -5.46
N THR B 281 6.94 33.73 -5.85
CA THR B 281 6.12 34.88 -5.48
C THR B 281 4.90 34.36 -4.76
N VAL B 282 4.63 34.89 -3.56
CA VAL B 282 3.42 34.56 -2.80
C VAL B 282 2.40 35.65 -3.09
N VAL B 283 1.21 35.26 -3.53
CA VAL B 283 0.16 36.22 -3.87
C VAL B 283 -1.05 36.02 -2.97
N ASN B 284 -1.71 37.11 -2.62
CA ASN B 284 -2.96 37.12 -1.88
C ASN B 284 -3.74 38.33 -2.34
N ASN B 285 -5.05 38.15 -2.65
CA ASN B 285 -5.88 39.23 -3.18
C ASN B 285 -5.23 39.85 -4.44
N ALA B 286 -4.66 38.98 -5.33
CA ALA B 286 -3.99 39.34 -6.59
C ALA B 286 -2.85 40.37 -6.39
N ALA B 287 -2.21 40.37 -5.22
CA ALA B 287 -1.10 41.28 -4.90
C ALA B 287 0.05 40.49 -4.27
N VAL B 288 1.30 40.98 -4.44
CA VAL B 288 2.48 40.30 -3.90
C VAL B 288 2.55 40.42 -2.37
N VAL B 289 2.58 39.28 -1.69
CA VAL B 289 2.77 39.19 -0.23
C VAL B 289 4.28 39.16 0.04
N SER B 290 5.00 38.32 -0.72
CA SER B 290 6.45 38.19 -0.60
C SER B 290 7.00 37.67 -1.91
N GLN B 291 8.29 37.84 -2.12
CA GLN B 291 8.94 37.36 -3.33
C GLN B 291 10.39 37.08 -3.02
N THR B 292 10.91 35.99 -3.57
CA THR B 292 12.32 35.65 -3.40
C THR B 292 12.83 35.13 -4.72
N ILE B 293 13.99 35.61 -5.15
CA ILE B 293 14.53 35.23 -6.46
C ILE B 293 16.02 34.98 -6.37
N ARG B 294 16.47 33.94 -7.08
CA ARG B 294 17.88 33.67 -7.28
C ARG B 294 18.25 34.44 -8.53
N SER B 295 19.01 35.55 -8.37
CA SER B 295 19.37 36.38 -9.50
C SER B 295 20.86 36.21 -9.81
N GLY B 296 21.29 36.73 -10.95
CA GLY B 296 22.70 36.70 -11.34
C GLY B 296 23.61 37.41 -10.34
N THR B 297 23.04 38.31 -9.52
CA THR B 297 23.81 39.08 -8.53
C THR B 297 23.49 38.68 -7.08
N GLY B 298 22.92 37.49 -6.88
CA GLY B 298 22.59 36.96 -5.57
C GLY B 298 21.11 36.81 -5.30
N ARG B 299 20.77 36.32 -4.08
CA ARG B 299 19.39 36.10 -3.64
CA ARG B 299 19.39 36.11 -3.65
C ARG B 299 18.73 37.44 -3.33
N ILE B 300 17.53 37.67 -3.87
CA ILE B 300 16.76 38.89 -3.65
C ILE B 300 15.50 38.48 -2.87
N PHE B 301 15.17 39.22 -1.79
CA PHE B 301 13.99 38.96 -0.96
C PHE B 301 13.18 40.24 -0.86
N SER B 302 11.86 40.15 -0.99
CA SER B 302 10.96 41.30 -0.90
C SER B 302 9.70 40.93 -0.13
N GLY B 303 9.05 41.95 0.45
CA GLY B 303 7.83 41.80 1.23
C GLY B 303 8.10 41.34 2.65
N VAL C 34 -21.38 2.17 -36.69
CA VAL C 34 -20.92 2.27 -35.30
C VAL C 34 -20.71 0.83 -34.77
N ALA C 35 -19.46 0.50 -34.38
CA ALA C 35 -19.10 -0.84 -33.91
C ALA C 35 -18.65 -0.84 -32.44
N ALA C 36 -18.70 -2.03 -31.79
CA ALA C 36 -18.33 -2.20 -30.39
C ALA C 36 -16.82 -2.09 -30.16
N PRO C 37 -16.38 -1.37 -29.10
CA PRO C 37 -14.93 -1.32 -28.82
C PRO C 37 -14.43 -2.70 -28.41
N ALA C 38 -13.13 -2.97 -28.62
CA ALA C 38 -12.51 -4.24 -28.22
C ALA C 38 -12.51 -4.38 -26.71
N VAL C 39 -12.73 -5.58 -26.22
CA VAL C 39 -12.69 -5.80 -24.77
C VAL C 39 -11.51 -6.75 -24.45
N VAL C 40 -10.92 -7.39 -25.48
CA VAL C 40 -9.69 -8.15 -25.30
C VAL C 40 -8.57 -7.16 -24.92
N GLU C 41 -7.72 -7.50 -23.91
CA GLU C 41 -6.61 -6.62 -23.56
C GLU C 41 -5.56 -6.60 -24.65
N GLY C 42 -5.13 -5.40 -25.03
CA GLY C 42 -4.16 -5.22 -26.11
C GLY C 42 -2.74 -5.23 -25.59
N SER C 43 -1.85 -5.90 -26.31
CA SER C 43 -0.45 -5.98 -25.91
C SER C 43 0.22 -4.60 -26.00
N SER C 44 1.03 -4.25 -24.98
CA SER C 44 1.79 -3.02 -25.03
C SER C 44 3.22 -3.27 -25.54
N THR C 45 3.56 -4.54 -25.85
CA THR C 45 4.95 -4.86 -26.29
C THR C 45 5.04 -5.29 -27.74
N ASN C 46 3.89 -5.40 -28.40
CA ASN C 46 3.78 -5.86 -29.78
C ASN C 46 3.48 -4.64 -30.66
N ALA C 47 4.37 -4.32 -31.61
CA ALA C 47 4.21 -3.16 -32.48
C ALA C 47 2.88 -3.15 -33.25
N ALA C 48 2.43 -4.31 -33.77
CA ALA C 48 1.16 -4.40 -34.53
C ALA C 48 -0.05 -4.07 -33.65
N ALA C 49 -0.04 -4.51 -32.36
CA ALA C 49 -1.13 -4.24 -31.44
C ALA C 49 -1.18 -2.78 -31.07
N VAL C 50 0.01 -2.20 -30.79
CA VAL C 50 0.11 -0.82 -30.33
C VAL C 50 -0.30 0.17 -31.46
N LYS C 51 -0.05 -0.19 -32.73
CA LYS C 51 -0.41 0.68 -33.87
C LYS C 51 -1.92 0.82 -34.08
N LYS C 52 -2.73 -0.11 -33.53
CA LYS C 52 -4.18 -0.08 -33.68
C LYS C 52 -4.80 1.11 -32.95
N SER C 53 -6.07 1.44 -33.33
CA SER C 53 -6.78 2.55 -32.70
C SER C 53 -7.06 2.23 -31.24
N LEU C 54 -7.48 3.25 -30.47
CA LEU C 54 -7.82 3.02 -29.06
C LEU C 54 -9.03 2.06 -28.94
N ARG C 55 -10.04 2.18 -29.85
CA ARG C 55 -11.19 1.28 -29.79
C ARG C 55 -10.79 -0.15 -30.14
N ASP C 56 -9.68 -0.33 -30.88
CA ASP C 56 -9.24 -1.67 -31.28
C ASP C 56 -8.13 -2.22 -30.35
N GLY C 57 -7.96 -1.63 -29.19
CA GLY C 57 -6.99 -2.14 -28.21
C GLY C 57 -5.55 -1.65 -28.35
N GLY C 58 -5.32 -0.67 -29.22
CA GLY C 58 -4.00 -0.08 -29.42
C GLY C 58 -3.84 1.29 -28.77
N MET C 59 -2.80 2.04 -29.20
CA MET C 59 -2.48 3.35 -28.61
C MET C 59 -2.73 4.50 -29.57
N THR C 60 -2.97 4.20 -30.85
CA THR C 60 -3.05 5.26 -31.85
C THR C 60 -4.44 5.86 -31.91
N ALA C 61 -4.59 7.07 -31.42
CA ALA C 61 -5.90 7.70 -31.45
C ALA C 61 -6.33 8.03 -32.87
N LEU C 62 -7.55 7.64 -33.22
CA LEU C 62 -8.15 8.08 -34.49
C LEU C 62 -8.45 9.56 -34.36
N PRO C 63 -8.65 10.30 -35.49
CA PRO C 63 -9.03 11.71 -35.37
C PRO C 63 -10.29 11.94 -34.50
N SER C 64 -11.20 10.94 -34.45
CA SER C 64 -12.46 11.04 -33.68
C SER C 64 -12.30 10.70 -32.19
N GLU C 65 -11.16 10.12 -31.77
CA GLU C 65 -11.00 9.67 -30.38
C GLU C 65 -10.30 10.67 -29.50
N ILE C 66 -10.83 10.90 -28.29
CA ILE C 66 -10.19 11.73 -27.29
C ILE C 66 -9.90 10.87 -26.09
N LEU C 67 -8.62 10.70 -25.75
CA LEU C 67 -8.22 9.95 -24.55
C LEU C 67 -8.17 10.89 -23.37
N PHE C 68 -8.75 10.46 -22.25
CA PHE C 68 -8.69 11.23 -20.99
C PHE C 68 -8.72 10.26 -19.84
N ALA C 69 -8.76 10.78 -18.62
CA ALA C 69 -8.72 9.89 -17.46
C ALA C 69 -9.51 10.46 -16.32
N VAL C 70 -10.07 9.58 -15.50
CA VAL C 70 -10.76 9.96 -14.24
C VAL C 70 -10.08 9.09 -13.18
N GLY C 71 -9.28 9.68 -12.28
CA GLY C 71 -8.46 8.87 -11.38
C GLY C 71 -7.46 8.08 -12.21
N SER C 72 -7.34 6.79 -11.94
CA SER C 72 -6.46 5.91 -12.72
C SER C 72 -7.22 5.26 -13.88
N ILE C 73 -8.49 5.66 -14.10
CA ILE C 73 -9.31 5.04 -15.13
C ILE C 73 -9.12 5.77 -16.46
N PRO C 74 -8.59 5.08 -17.49
CA PRO C 74 -8.51 5.70 -18.79
C PRO C 74 -9.86 5.63 -19.50
N LEU C 75 -10.20 6.68 -20.24
CA LEU C 75 -11.45 6.73 -20.99
C LEU C 75 -11.22 7.29 -22.33
N VAL C 76 -12.06 6.91 -23.26
CA VAL C 76 -12.08 7.50 -24.60
C VAL C 76 -13.50 7.91 -24.93
N VAL C 77 -13.64 9.09 -25.51
CA VAL C 77 -14.91 9.51 -26.08
CA VAL C 77 -14.90 9.57 -26.10
C VAL C 77 -14.70 9.53 -27.61
N ASP C 78 -15.61 8.90 -28.36
CA ASP C 78 -15.50 8.92 -29.84
C ASP C 78 -16.51 9.92 -30.38
N LYS C 79 -16.00 11.02 -30.96
CA LYS C 79 -16.84 12.13 -31.46
C LYS C 79 -17.78 11.72 -32.60
N ASP C 80 -17.35 10.76 -33.45
CA ASP C 80 -18.18 10.34 -34.59
C ASP C 80 -19.29 9.41 -34.12
N ALA C 81 -18.99 8.49 -33.18
CA ALA C 81 -20.02 7.64 -32.60
C ALA C 81 -21.03 8.55 -31.88
N LEU C 82 -20.52 9.59 -31.17
CA LEU C 82 -21.40 10.50 -30.47
C LEU C 82 -22.33 11.28 -31.42
N SER C 83 -21.78 11.87 -32.48
CA SER C 83 -22.61 12.68 -33.38
C SER C 83 -23.61 11.80 -34.15
N THR C 84 -23.16 10.60 -34.59
CA THR C 84 -24.04 9.67 -35.33
C THR C 84 -25.22 9.22 -34.45
N LEU C 85 -24.92 8.74 -33.24
CA LEU C 85 -25.94 8.20 -32.35
C LEU C 85 -26.83 9.30 -31.77
N ALA C 86 -26.29 10.51 -31.49
CA ALA C 86 -27.16 11.59 -31.01
C ALA C 86 -28.18 11.97 -32.08
N ALA C 87 -27.79 11.97 -33.37
CA ALA C 87 -28.73 12.25 -34.48
C ALA C 87 -29.87 11.20 -34.50
N ALA C 88 -29.54 9.92 -34.26
CA ALA C 88 -30.50 8.82 -34.17
C ALA C 88 -31.44 9.05 -32.97
N LEU C 89 -30.88 9.51 -31.83
CA LEU C 89 -31.66 9.78 -30.63
C LEU C 89 -32.63 10.94 -30.87
N VAL C 90 -32.17 12.03 -31.51
CA VAL C 90 -33.00 13.19 -31.89
C VAL C 90 -34.19 12.72 -32.73
N ALA C 91 -33.92 11.85 -33.72
CA ALA C 91 -34.94 11.35 -34.66
C ALA C 91 -36.01 10.49 -33.99
N SER C 92 -35.64 9.73 -32.94
CA SER C 92 -36.57 8.84 -32.23
C SER C 92 -37.60 9.64 -31.42
N ASP C 93 -37.18 10.77 -30.81
CA ASP C 93 -38.02 11.66 -29.97
C ASP C 93 -38.59 10.90 -28.73
N ASP C 94 -37.96 9.75 -28.34
CA ASP C 94 -38.38 8.93 -27.21
C ASP C 94 -37.13 8.34 -26.55
N PRO C 95 -36.45 9.13 -25.67
CA PRO C 95 -35.18 8.68 -25.09
C PRO C 95 -35.25 7.36 -24.34
N SER C 96 -36.28 7.15 -23.49
CA SER C 96 -36.38 5.93 -22.69
C SER C 96 -36.34 4.68 -23.56
N THR C 97 -37.17 4.64 -24.62
CA THR C 97 -37.22 3.51 -25.55
C THR C 97 -35.90 3.40 -26.34
N TRP C 98 -35.40 4.53 -26.86
CA TRP C 98 -34.19 4.54 -27.68
C TRP C 98 -33.00 3.97 -26.92
N PHE C 99 -32.83 4.35 -25.65
CA PHE C 99 -31.69 3.87 -24.87
C PHE C 99 -31.77 2.37 -24.57
N VAL C 100 -32.98 1.81 -24.36
CA VAL C 100 -33.12 0.36 -24.13
C VAL C 100 -32.71 -0.41 -25.40
N ALA C 101 -33.19 0.05 -26.57
CA ALA C 101 -32.92 -0.59 -27.85
C ALA C 101 -31.46 -0.45 -28.31
N ASN C 102 -30.75 0.63 -27.90
CA ASN C 102 -29.40 0.92 -28.39
C ASN C 102 -28.32 0.80 -27.35
N ARG C 103 -28.61 0.10 -26.25
CA ARG C 103 -27.68 -0.12 -25.14
C ARG C 103 -26.29 -0.65 -25.62
N GLU C 104 -26.27 -1.57 -26.59
CA GLU C 104 -25.02 -2.13 -27.09
C GLU C 104 -24.23 -1.10 -27.91
N LEU C 105 -24.91 -0.32 -28.74
CA LEU C 105 -24.26 0.67 -29.60
C LEU C 105 -23.61 1.80 -28.81
N ILE C 106 -24.21 2.18 -27.66
CA ILE C 106 -23.65 3.32 -26.90
C ILE C 106 -22.28 3.01 -26.27
N ARG C 107 -21.86 1.74 -26.26
CA ARG C 107 -20.54 1.37 -25.74
C ARG C 107 -19.43 2.03 -26.60
N ALA C 108 -19.73 2.35 -27.86
CA ALA C 108 -18.76 3.01 -28.76
C ALA C 108 -18.53 4.47 -28.42
N VAL C 109 -19.48 5.08 -27.71
CA VAL C 109 -19.43 6.53 -27.44
C VAL C 109 -18.40 6.84 -26.36
N VAL C 110 -18.46 6.13 -25.22
CA VAL C 110 -17.49 6.28 -24.12
C VAL C 110 -17.08 4.88 -23.71
N PHE C 111 -15.79 4.62 -23.68
CA PHE C 111 -15.34 3.28 -23.29
C PHE C 111 -13.96 3.35 -22.65
N VAL C 112 -13.62 2.30 -21.88
CA VAL C 112 -12.27 2.13 -21.36
C VAL C 112 -11.42 1.49 -22.48
N PRO C 113 -10.38 2.17 -22.99
CA PRO C 113 -9.53 1.55 -24.04
C PRO C 113 -8.76 0.42 -23.38
N GLN C 114 -8.67 -0.73 -24.07
CA GLN C 114 -8.12 -1.92 -23.43
C GLN C 114 -6.66 -2.23 -23.74
N GLN C 115 -5.96 -1.28 -24.35
CA GLN C 115 -4.51 -1.40 -24.49
C GLN C 115 -3.91 -1.48 -23.10
N ASN C 116 -2.98 -2.43 -22.89
CA ASN C 116 -2.31 -2.51 -21.61
C ASN C 116 -1.55 -1.21 -21.31
N ASN C 117 -1.62 -0.69 -20.04
CA ASN C 117 -0.86 0.52 -19.67
CA ASN C 117 -0.86 0.50 -19.64
C ASN C 117 -1.07 1.64 -20.67
N VAL C 118 -2.30 1.88 -21.08
CA VAL C 118 -2.65 2.84 -22.12
C VAL C 118 -2.26 4.29 -21.77
N LEU C 119 -2.17 4.65 -20.48
CA LEU C 119 -1.84 6.04 -20.16
C LEU C 119 -0.34 6.30 -20.06
N ARG C 120 0.50 5.29 -20.38
CA ARG C 120 1.97 5.38 -20.20
C ARG C 120 2.66 6.56 -20.94
N ALA C 121 2.11 7.04 -22.07
CA ALA C 121 2.75 8.13 -22.84
C ALA C 121 2.16 9.49 -22.44
N THR C 122 1.15 9.50 -21.55
CA THR C 122 0.43 10.73 -21.18
C THR C 122 0.30 10.82 -19.67
N PRO C 123 1.41 11.09 -18.97
CA PRO C 123 1.35 11.20 -17.50
C PRO C 123 0.56 12.45 -17.11
N LEU C 124 -0.17 12.36 -15.96
CA LEU C 124 -0.97 13.48 -15.41
C LEU C 124 -1.88 14.06 -16.48
N LEU C 125 -2.60 13.17 -17.18
CA LEU C 125 -3.44 13.57 -18.30
C LEU C 125 -4.71 14.25 -17.83
N SER C 126 -4.88 15.49 -18.28
CA SER C 126 -6.10 16.27 -18.09
C SER C 126 -6.76 16.36 -19.47
N VAL C 127 -7.70 17.30 -19.66
CA VAL C 127 -8.37 17.53 -20.95
C VAL C 127 -8.17 19.01 -21.30
N ARG C 128 -7.77 19.29 -22.54
CA ARG C 128 -7.47 20.69 -22.95
C ARG C 128 -8.63 21.63 -22.60
N PRO C 129 -8.40 22.70 -21.82
CA PRO C 129 -9.49 23.62 -21.52
C PRO C 129 -9.93 24.39 -22.76
N VAL C 130 -11.26 24.46 -22.99
CA VAL C 130 -11.77 25.22 -24.16
C VAL C 130 -13.04 25.96 -23.75
N ALA C 131 -13.35 27.03 -24.51
CA ALA C 131 -14.61 27.74 -24.30
C ALA C 131 -14.96 28.41 -25.59
N SER C 132 -16.25 28.53 -25.85
CA SER C 132 -16.71 29.21 -27.05
C SER C 132 -17.98 29.94 -26.75
N LEU C 133 -18.09 31.15 -27.28
CA LEU C 133 -19.29 31.96 -27.17
C LEU C 133 -20.40 31.34 -28.04
N SER C 134 -20.01 30.42 -28.95
CA SER C 134 -20.93 29.72 -29.85
C SER C 134 -21.50 28.42 -29.21
N SER C 135 -21.07 28.10 -27.97
CA SER C 135 -21.54 26.94 -27.25
C SER C 135 -21.88 27.32 -25.82
N VAL C 136 -22.95 28.12 -25.65
CA VAL C 136 -23.39 28.54 -24.32
C VAL C 136 -24.79 27.95 -24.09
N HIS C 137 -25.22 27.91 -22.85
CA HIS C 137 -26.41 27.17 -22.45
C HIS C 137 -27.28 27.91 -21.48
N ASN C 138 -28.58 27.68 -21.59
CA ASN C 138 -29.55 28.31 -20.70
C ASN C 138 -29.75 27.44 -19.48
N TRP C 139 -28.92 27.68 -18.46
CA TRP C 139 -28.99 26.97 -17.20
C TRP C 139 -28.61 27.96 -16.14
N GLN C 140 -29.61 28.41 -15.33
CA GLN C 140 -29.47 29.39 -14.23
C GLN C 140 -29.19 30.80 -14.77
N VAL C 141 -28.32 30.91 -15.79
CA VAL C 141 -28.06 32.14 -16.55
C VAL C 141 -28.25 31.76 -18.01
N ARG C 142 -28.52 32.74 -18.89
CA ARG C 142 -28.76 32.45 -20.31
C ARG C 142 -27.53 31.96 -21.07
N ASN C 143 -26.31 32.24 -20.55
CA ASN C 143 -25.08 31.99 -21.30
C ASN C 143 -24.05 31.22 -20.46
N HIS C 144 -24.48 30.15 -19.83
CA HIS C 144 -23.57 29.28 -19.05
C HIS C 144 -22.61 28.63 -20.01
N LEU C 145 -21.29 28.63 -19.70
CA LEU C 145 -20.38 27.97 -20.64
C LEU C 145 -20.63 26.45 -20.66
N SER C 146 -20.25 25.80 -21.76
CA SER C 146 -20.23 24.34 -21.82
C SER C 146 -19.26 23.81 -20.74
N GLY C 147 -19.59 22.65 -20.20
CA GLY C 147 -18.84 22.07 -19.10
C GLY C 147 -19.75 21.29 -18.19
N LEU C 148 -19.39 21.25 -16.90
CA LEU C 148 -20.15 20.55 -15.88
C LEU C 148 -20.59 21.54 -14.82
N HIS C 149 -21.87 21.45 -14.43
CA HIS C 149 -22.40 22.27 -13.33
C HIS C 149 -22.71 21.31 -12.19
N VAL C 150 -22.14 21.51 -11.01
CA VAL C 150 -22.39 20.55 -9.95
C VAL C 150 -23.28 21.18 -8.88
N VAL C 151 -24.13 20.36 -8.29
CA VAL C 151 -25.05 20.80 -7.24
C VAL C 151 -24.58 20.13 -5.97
N VAL C 152 -24.18 20.94 -4.96
CA VAL C 152 -23.60 20.36 -3.74
C VAL C 152 -24.48 20.60 -2.57
N GLY C 153 -24.31 19.72 -1.63
CA GLY C 153 -25.04 19.77 -0.39
C GLY C 153 -24.79 18.47 0.33
N GLY C 154 -24.86 18.59 1.66
CA GLY C 154 -24.74 17.47 2.58
C GLY C 154 -26.03 16.69 2.61
N THR C 155 -26.23 15.91 3.65
CA THR C 155 -27.43 15.08 3.79
C THR C 155 -28.64 15.94 4.14
N GLY C 156 -29.76 15.65 3.48
CA GLY C 156 -31.02 16.37 3.68
C GLY C 156 -31.05 17.77 3.07
N ALA C 157 -30.02 18.12 2.25
CA ALA C 157 -29.92 19.42 1.57
C ALA C 157 -31.05 19.60 0.56
N GLY C 158 -31.57 18.49 0.04
CA GLY C 158 -32.61 18.49 -0.98
C GLY C 158 -32.05 18.84 -2.33
N LYS C 159 -30.94 18.16 -2.74
CA LYS C 159 -30.29 18.39 -4.04
C LYS C 159 -31.26 17.98 -5.12
N SER C 160 -31.91 16.80 -4.94
CA SER C 160 -32.88 16.23 -5.87
C SER C 160 -34.14 17.07 -5.97
N LYS C 161 -34.64 17.62 -4.86
CA LYS C 161 -35.85 18.43 -4.86
C LYS C 161 -35.60 19.77 -5.60
N TRP C 162 -34.47 20.43 -5.33
CA TRP C 162 -34.14 21.67 -6.04
C TRP C 162 -33.96 21.37 -7.54
N LEU C 163 -33.25 20.28 -7.88
CA LEU C 163 -33.01 19.90 -9.27
C LEU C 163 -34.30 19.63 -10.02
N ASN C 164 -35.23 18.91 -9.40
CA ASN C 164 -36.53 18.61 -10.02
C ASN C 164 -37.33 19.88 -10.28
N ALA C 165 -37.15 20.91 -9.44
CA ALA C 165 -37.80 22.21 -9.60
C ALA C 165 -37.17 23.03 -10.74
N GLN C 166 -36.02 22.59 -11.29
CA GLN C 166 -35.39 23.29 -12.42
C GLN C 166 -35.93 22.70 -13.74
N THR C 167 -36.92 21.80 -13.61
CA THR C 167 -37.64 21.09 -14.66
C THR C 167 -36.68 20.56 -15.74
N PRO C 168 -35.78 19.61 -15.37
CA PRO C 168 -34.91 19.02 -16.39
C PRO C 168 -35.71 18.13 -17.32
N ASP C 169 -35.17 17.79 -18.49
CA ASP C 169 -35.88 16.90 -19.40
C ASP C 169 -35.71 15.45 -19.01
N VAL C 170 -34.50 15.09 -18.53
CA VAL C 170 -34.16 13.70 -18.17
CA VAL C 170 -34.21 13.72 -18.16
C VAL C 170 -33.27 13.70 -16.95
N THR C 171 -33.45 12.71 -16.06
CA THR C 171 -32.54 12.52 -14.93
C THR C 171 -31.90 11.17 -15.11
N ILE C 172 -30.57 11.14 -15.14
CA ILE C 172 -29.85 9.88 -15.21
C ILE C 172 -29.65 9.43 -13.77
N ARG C 173 -29.99 8.16 -13.49
CA ARG C 173 -29.91 7.64 -12.14
C ARG C 173 -28.75 6.66 -12.06
N TRP C 174 -27.76 6.98 -11.21
CA TRP C 174 -26.55 6.20 -11.12
C TRP C 174 -26.07 6.10 -9.69
N GLY C 175 -25.81 4.87 -9.24
CA GLY C 175 -25.19 4.60 -7.94
C GLY C 175 -26.04 4.95 -6.74
N GLU C 176 -27.33 5.01 -6.94
CA GLU C 176 -28.31 5.40 -5.91
C GLU C 176 -29.31 4.24 -5.73
N PRO C 177 -29.88 4.03 -4.53
CA PRO C 177 -30.86 2.92 -4.36
C PRO C 177 -32.15 3.25 -5.11
N GLY C 178 -32.79 2.22 -5.64
CA GLY C 178 -34.07 2.34 -6.35
C GLY C 178 -35.12 3.06 -5.52
N GLU C 179 -35.89 3.94 -6.16
CA GLU C 179 -36.91 4.77 -5.50
C GLU C 179 -38.14 4.88 -6.41
N THR C 180 -39.31 5.33 -5.90
CA THR C 180 -40.52 5.47 -6.76
C THR C 180 -40.21 6.35 -7.99
N PHE C 181 -39.31 7.34 -7.86
CA PHE C 181 -38.84 8.22 -8.94
C PHE C 181 -38.33 7.42 -10.17
N ASP C 182 -37.75 6.21 -9.94
CA ASP C 182 -37.22 5.42 -11.04
C ASP C 182 -38.30 4.83 -11.94
N MET C 183 -39.58 4.86 -11.52
CA MET C 183 -40.67 4.40 -12.36
C MET C 183 -40.98 5.39 -13.49
N GLU C 184 -40.58 6.66 -13.32
CA GLU C 184 -40.85 7.72 -14.30
C GLU C 184 -40.12 7.45 -15.60
N GLU C 185 -40.79 7.71 -16.74
CA GLU C 185 -40.20 7.56 -18.06
C GLU C 185 -39.00 8.50 -18.22
N SER C 186 -39.04 9.68 -17.55
CA SER C 186 -37.94 10.65 -17.66
C SER C 186 -36.70 10.29 -16.80
N SER C 187 -36.72 9.15 -16.06
CA SER C 187 -35.57 8.67 -15.26
CA SER C 187 -35.55 8.72 -15.29
C SER C 187 -34.92 7.55 -16.04
N ILE C 188 -33.62 7.66 -16.34
CA ILE C 188 -32.92 6.62 -17.12
C ILE C 188 -31.83 6.06 -16.21
N ALA C 189 -31.94 4.76 -15.90
CA ALA C 189 -30.98 4.11 -14.99
C ALA C 189 -29.75 3.68 -15.76
N VAL C 190 -28.57 3.84 -15.14
CA VAL C 190 -27.30 3.41 -15.74
C VAL C 190 -26.51 2.65 -14.66
N ALA C 191 -25.54 1.83 -15.08
CA ALA C 191 -24.81 1.00 -14.14
C ALA C 191 -23.38 1.49 -13.86
N ASP C 192 -22.54 1.73 -14.91
CA ASP C 192 -21.12 2.10 -14.65
C ASP C 192 -20.83 3.53 -15.12
N LEU C 193 -19.59 3.97 -14.91
CA LEU C 193 -19.19 5.32 -15.31
C LEU C 193 -19.30 5.53 -16.84
N THR C 194 -18.90 4.52 -17.65
CA THR C 194 -18.93 4.72 -19.12
C THR C 194 -20.36 4.85 -19.61
N GLU C 195 -21.29 4.04 -19.09
CA GLU C 195 -22.69 4.11 -19.52
C GLU C 195 -23.26 5.46 -19.08
N MET C 196 -22.96 5.86 -17.85
CA MET C 196 -23.47 7.14 -17.34
C MET C 196 -23.01 8.28 -18.28
N LEU C 197 -21.72 8.36 -18.57
CA LEU C 197 -21.19 9.44 -19.41
CA LEU C 197 -21.18 9.43 -19.41
C LEU C 197 -21.71 9.39 -20.84
N ALA C 198 -21.79 8.18 -21.46
CA ALA C 198 -22.30 8.07 -22.83
C ALA C 198 -23.75 8.53 -22.91
N VAL C 199 -24.59 8.08 -21.98
CA VAL C 199 -26.02 8.43 -21.96
C VAL C 199 -26.14 9.96 -21.76
N ALA C 200 -25.36 10.50 -20.81
CA ALA C 200 -25.38 11.96 -20.55
C ALA C 200 -24.95 12.76 -21.76
N LEU C 201 -23.81 12.41 -22.37
CA LEU C 201 -23.34 13.16 -23.55
C LEU C 201 -24.29 13.05 -24.72
N LEU C 202 -24.90 11.88 -24.92
CA LEU C 202 -25.85 11.69 -26.03
C LEU C 202 -27.09 12.58 -25.82
N LEU C 203 -27.66 12.56 -24.61
CA LEU C 203 -28.84 13.39 -24.31
C LEU C 203 -28.53 14.86 -24.44
N ALA C 204 -27.39 15.31 -23.90
CA ALA C 204 -27.03 16.73 -23.97
C ALA C 204 -26.77 17.17 -25.43
N THR C 205 -26.11 16.32 -26.23
CA THR C 205 -25.85 16.62 -27.65
C THR C 205 -27.19 16.71 -28.40
N ALA C 206 -28.17 15.88 -27.99
CA ALA C 206 -29.54 15.86 -28.56
C ALA C 206 -30.43 17.01 -27.99
N ASP C 207 -29.82 17.96 -27.26
CA ASP C 207 -30.42 19.20 -26.72
C ASP C 207 -31.41 18.98 -25.54
N TYR C 208 -31.23 17.88 -24.79
CA TYR C 208 -31.97 17.65 -23.57
C TYR C 208 -31.27 18.30 -22.40
N ARG C 209 -32.05 18.85 -21.47
CA ARG C 209 -31.48 19.32 -20.22
C ARG C 209 -31.36 18.08 -19.36
N VAL C 210 -30.13 17.63 -19.15
CA VAL C 210 -29.92 16.37 -18.41
C VAL C 210 -29.29 16.62 -17.05
N VAL C 211 -29.81 15.92 -16.04
CA VAL C 211 -29.32 16.00 -14.67
C VAL C 211 -28.86 14.61 -14.26
N ILE C 212 -27.73 14.50 -13.56
CA ILE C 212 -27.25 13.20 -13.11
C ILE C 212 -27.38 13.10 -11.61
N ASP C 213 -28.19 12.09 -11.17
CA ASP C 213 -28.42 11.77 -9.77
C ASP C 213 -27.84 10.36 -9.53
N SER C 214 -26.56 10.22 -9.19
CA SER C 214 -25.67 11.34 -8.78
C SER C 214 -24.25 10.95 -9.08
N PHE C 215 -23.29 11.78 -8.60
CA PHE C 215 -21.87 11.42 -8.71
C PHE C 215 -21.36 10.74 -7.41
N ARG C 216 -22.24 10.15 -6.61
CA ARG C 216 -21.87 9.37 -5.40
C ARG C 216 -20.73 8.36 -5.68
N ASN C 217 -20.85 7.57 -6.79
CA ASN C 217 -19.81 6.59 -7.11
C ASN C 217 -18.48 7.21 -7.50
N LEU C 218 -18.49 8.45 -8.00
CA LEU C 218 -17.24 9.14 -8.32
C LEU C 218 -16.58 9.55 -7.01
N VAL C 219 -17.38 10.05 -6.03
CA VAL C 219 -16.84 10.40 -4.70
C VAL C 219 -16.26 9.16 -4.04
N PHE C 220 -17.02 8.05 -4.11
CA PHE C 220 -16.55 6.84 -3.44
C PHE C 220 -15.37 6.17 -4.14
N GLY C 221 -15.37 6.18 -5.47
CA GLY C 221 -14.41 5.46 -6.27
C GLY C 221 -13.12 6.13 -6.68
N ILE C 222 -13.08 7.46 -6.68
CA ILE C 222 -11.87 8.17 -7.11
C ILE C 222 -11.10 8.47 -5.84
N THR C 223 -10.13 7.60 -5.53
CA THR C 223 -9.38 7.66 -4.26
C THR C 223 -7.93 8.14 -4.41
N GLY C 224 -7.27 8.30 -3.27
CA GLY C 224 -5.87 8.72 -3.31
C GLY C 224 -5.60 9.69 -2.22
N ALA C 225 -4.39 10.32 -2.28
CA ALA C 225 -3.98 11.32 -1.31
C ALA C 225 -5.06 12.32 -1.09
N ALA C 226 -5.35 12.58 0.17
CA ALA C 226 -6.41 13.50 0.55
C ALA C 226 -5.87 14.87 0.70
N GLY C 227 -6.71 15.83 0.39
CA GLY C 227 -6.41 17.22 0.61
C GLY C 227 -7.16 17.59 1.86
N PRO C 228 -7.56 18.85 1.98
CA PRO C 228 -8.37 19.27 3.13
C PRO C 228 -9.74 18.59 3.19
N GLY C 229 -10.24 18.39 4.40
CA GLY C 229 -11.53 17.76 4.59
C GLY C 229 -11.54 16.27 4.42
N GLY C 230 -10.37 15.71 4.12
CA GLY C 230 -10.24 14.29 3.87
C GLY C 230 -10.71 13.90 2.48
N VAL C 231 -10.92 14.89 1.59
CA VAL C 231 -11.39 14.60 0.22
C VAL C 231 -10.20 14.38 -0.70
N SER C 232 -10.22 13.27 -1.46
CA SER C 232 -9.12 12.95 -2.37
C SER C 232 -8.96 14.07 -3.41
N VAL C 233 -7.72 14.55 -3.57
CA VAL C 233 -7.51 15.63 -4.57
C VAL C 233 -7.76 15.12 -6.00
N ALA C 234 -7.64 13.79 -6.22
CA ALA C 234 -7.95 13.20 -7.52
C ALA C 234 -9.43 13.48 -7.91
N LEU C 235 -10.30 13.71 -6.93
CA LEU C 235 -11.71 13.99 -7.24
C LEU C 235 -11.79 15.34 -7.98
N TYR C 236 -11.01 16.34 -7.52
CA TYR C 236 -11.01 17.67 -8.19
C TYR C 236 -10.52 17.54 -9.61
N ALA C 237 -9.42 16.78 -9.81
CA ALA C 237 -8.89 16.58 -11.17
C ALA C 237 -9.94 15.85 -12.03
N ALA C 238 -10.66 14.86 -11.45
CA ALA C 238 -11.67 14.12 -12.22
C ALA C 238 -12.81 15.06 -12.66
N LEU C 239 -13.23 15.94 -11.74
CA LEU C 239 -14.29 16.88 -12.08
C LEU C 239 -13.82 17.82 -13.20
N THR C 240 -12.55 18.28 -13.16
CA THR C 240 -12.06 19.15 -14.25
C THR C 240 -11.99 18.36 -15.57
N SER C 241 -11.54 17.12 -15.52
CA SER C 241 -11.48 16.30 -16.76
C SER C 241 -12.90 16.14 -17.37
N LEU C 242 -13.88 15.78 -16.54
CA LEU C 242 -15.27 15.66 -17.02
C LEU C 242 -15.79 17.00 -17.51
N ASN C 243 -15.51 18.07 -16.76
CA ASN C 243 -15.92 19.39 -17.21
C ASN C 243 -15.38 19.71 -18.61
N ASN C 244 -14.09 19.46 -18.82
CA ASN C 244 -13.44 19.89 -20.06
C ASN C 244 -13.84 18.99 -21.23
N ILE C 245 -14.19 17.72 -20.99
CA ILE C 245 -14.72 16.86 -22.07
CA ILE C 245 -14.65 16.89 -22.10
C ILE C 245 -16.05 17.44 -22.52
N CYS C 246 -16.91 17.82 -21.56
CA CYS C 246 -18.19 18.45 -21.90
C CYS C 246 -17.95 19.74 -22.69
N ALA C 247 -16.98 20.59 -22.23
CA ALA C 247 -16.69 21.84 -22.92
C ALA C 247 -16.23 21.58 -24.37
N GLU C 248 -15.37 20.57 -24.57
CA GLU C 248 -14.88 20.24 -25.92
C GLU C 248 -16.04 19.82 -26.85
N LEU C 249 -17.02 19.11 -26.28
CA LEU C 249 -18.18 18.60 -27.05
C LEU C 249 -19.34 19.62 -27.11
N GLY C 250 -19.13 20.78 -26.51
CA GLY C 250 -20.10 21.88 -26.55
C GLY C 250 -21.41 21.60 -25.82
N VAL C 251 -21.34 20.79 -24.75
CA VAL C 251 -22.53 20.43 -23.98
C VAL C 251 -22.41 20.89 -22.55
N LEU C 252 -23.55 20.91 -21.86
CA LEU C 252 -23.58 21.19 -20.43
C LEU C 252 -24.23 20.02 -19.72
N LEU C 253 -23.54 19.45 -18.73
CA LEU C 253 -24.10 18.41 -17.88
C LEU C 253 -24.28 18.98 -16.48
N VAL C 254 -25.33 18.58 -15.78
CA VAL C 254 -25.61 19.01 -14.40
C VAL C 254 -25.54 17.76 -13.52
N ALA C 255 -24.80 17.79 -12.42
CA ALA C 255 -24.73 16.58 -11.58
C ALA C 255 -24.80 16.91 -10.11
N ALA C 256 -25.49 16.06 -9.33
CA ALA C 256 -25.54 16.21 -7.86
C ALA C 256 -24.28 15.54 -7.29
N ILE C 257 -23.65 16.16 -6.30
CA ILE C 257 -22.50 15.54 -5.66
C ILE C 257 -22.45 15.96 -4.19
N ASN C 258 -22.07 15.00 -3.33
CA ASN C 258 -21.86 15.25 -1.90
C ASN C 258 -20.44 14.74 -1.63
N PRO C 259 -19.41 15.63 -1.60
CA PRO C 259 -18.04 15.14 -1.47
C PRO C 259 -17.68 14.55 -0.09
N MET C 260 -18.60 14.67 0.90
CA MET C 260 -18.45 14.11 2.26
C MET C 260 -17.17 14.56 2.95
N SER C 261 -17.01 15.87 2.96
CA SER C 261 -15.88 16.49 3.62
C SER C 261 -16.09 16.37 5.13
N SER C 262 -15.00 16.46 5.91
CA SER C 262 -15.13 16.60 7.35
C SER C 262 -15.80 17.97 7.61
N ASP C 263 -16.57 18.10 8.71
CA ASP C 263 -17.35 19.31 8.99
C ASP C 263 -16.53 20.60 9.09
N ASP C 264 -15.27 20.51 9.55
CA ASP C 264 -14.45 21.71 9.72
C ASP C 264 -13.92 22.28 8.38
N LYS C 265 -13.97 21.50 7.29
CA LYS C 265 -13.38 21.95 6.03
C LYS C 265 -14.36 22.00 4.87
N VAL C 266 -15.68 21.98 5.14
CA VAL C 266 -16.69 22.02 4.04
C VAL C 266 -16.47 23.23 3.12
N SER C 267 -16.25 24.43 3.69
CA SER C 267 -16.09 25.65 2.89
C SER C 267 -14.87 25.54 1.95
N LEU C 268 -13.76 24.97 2.43
CA LEU C 268 -12.57 24.80 1.61
C LEU C 268 -12.82 23.79 0.50
N VAL C 269 -13.51 22.67 0.80
CA VAL C 269 -13.80 21.66 -0.21
C VAL C 269 -14.73 22.25 -1.27
N TYR C 270 -15.78 23.01 -0.85
CA TYR C 270 -16.67 23.61 -1.84
C TYR C 270 -15.92 24.62 -2.73
N ASN C 271 -14.97 25.40 -2.14
CA ASN C 271 -14.13 26.31 -2.95
C ASN C 271 -13.32 25.51 -3.98
N ASN C 272 -12.75 24.35 -3.58
CA ASN C 272 -11.95 23.52 -4.49
C ASN C 272 -12.81 22.95 -5.60
N ILE C 273 -14.07 22.57 -5.27
CA ILE C 273 -14.98 22.09 -6.31
C ILE C 273 -15.32 23.22 -7.30
N ALA C 274 -15.66 24.41 -6.79
CA ALA C 274 -16.00 25.57 -7.64
C ALA C 274 -14.82 25.89 -8.58
N ALA C 275 -13.58 25.73 -8.06
CA ALA C 275 -12.37 26.02 -8.86
C ALA C 275 -12.13 24.95 -9.95
N SER C 276 -12.89 23.86 -9.92
CA SER C 276 -12.66 22.73 -10.85
C SER C 276 -13.64 22.63 -12.00
N VAL C 277 -14.77 23.34 -11.94
CA VAL C 277 -15.83 23.12 -12.93
C VAL C 277 -16.40 24.44 -13.45
N ALA C 278 -17.33 24.34 -14.46
CA ALA C 278 -17.95 25.52 -15.08
C ALA C 278 -18.93 26.20 -14.12
N GLY C 279 -19.54 25.45 -13.23
CA GLY C 279 -20.49 26.09 -12.32
C GLY C 279 -20.82 25.22 -11.13
N MET C 280 -21.24 25.88 -10.03
CA MET C 280 -21.53 25.17 -8.81
C MET C 280 -22.64 25.87 -8.07
N THR C 281 -23.61 25.09 -7.60
CA THR C 281 -24.72 25.59 -6.78
C THR C 281 -24.69 24.88 -5.41
N VAL C 282 -24.75 25.65 -4.32
CA VAL C 282 -24.86 25.09 -2.97
C VAL C 282 -26.34 25.16 -2.61
N VAL C 283 -26.94 24.02 -2.23
CA VAL C 283 -28.36 23.98 -1.88
C VAL C 283 -28.56 23.57 -0.43
N ASN C 284 -29.60 24.15 0.18
CA ASN C 284 -30.08 23.76 1.51
C ASN C 284 -31.56 24.01 1.54
N ASN C 285 -32.35 23.06 2.09
CA ASN C 285 -33.83 23.18 2.15
C ASN C 285 -34.39 23.34 0.74
N ALA C 286 -33.77 22.63 -0.23
CA ALA C 286 -34.11 22.67 -1.65
C ALA C 286 -34.15 24.14 -2.19
N ALA C 287 -33.28 25.03 -1.64
CA ALA C 287 -33.13 26.44 -2.07
C ALA C 287 -31.66 26.76 -2.32
N VAL C 288 -31.36 27.72 -3.18
CA VAL C 288 -29.97 28.13 -3.46
C VAL C 288 -29.41 28.96 -2.30
N VAL C 289 -28.31 28.47 -1.71
CA VAL C 289 -27.57 29.18 -0.66
C VAL C 289 -26.56 30.06 -1.36
N SER C 290 -25.80 29.49 -2.35
CA SER C 290 -24.86 30.25 -3.13
C SER C 290 -24.72 29.64 -4.52
N GLN C 291 -24.20 30.41 -5.48
CA GLN C 291 -24.04 29.90 -6.84
C GLN C 291 -22.94 30.66 -7.54
N THR C 292 -22.13 29.95 -8.29
CA THR C 292 -21.05 30.60 -9.06
C THR C 292 -20.99 29.92 -10.39
N ILE C 293 -20.92 30.74 -11.47
CA ILE C 293 -20.94 30.21 -12.84
C ILE C 293 -19.91 30.91 -13.71
N ARG C 294 -19.24 30.14 -14.57
CA ARG C 294 -18.38 30.64 -15.62
C ARG C 294 -19.30 30.84 -16.83
N SER C 295 -19.61 32.09 -17.16
CA SER C 295 -20.52 32.41 -18.25
C SER C 295 -19.74 32.99 -19.46
N GLY C 296 -20.42 33.10 -20.61
CA GLY C 296 -19.85 33.69 -21.82
C GLY C 296 -19.38 35.12 -21.61
N THR C 297 -19.92 35.81 -20.58
CA THR C 297 -19.56 37.21 -20.27
C THR C 297 -18.76 37.35 -18.97
N GLY C 298 -18.19 36.24 -18.47
CA GLY C 298 -17.35 36.26 -17.26
C GLY C 298 -17.93 35.44 -16.11
N ARG C 299 -17.23 35.46 -14.97
CA ARG C 299 -17.65 34.73 -13.77
CA ARG C 299 -17.66 34.73 -13.78
C ARG C 299 -18.78 35.47 -13.07
N ILE C 300 -19.86 34.74 -12.73
CA ILE C 300 -21.04 35.26 -12.02
C ILE C 300 -21.06 34.62 -10.64
N PHE C 301 -21.28 35.42 -9.58
CA PHE C 301 -21.35 34.95 -8.19
C PHE C 301 -22.61 35.43 -7.56
N SER C 302 -23.29 34.56 -6.81
CA SER C 302 -24.53 34.89 -6.11
C SER C 302 -24.45 34.31 -4.68
N GLY C 303 -24.72 35.15 -3.69
CA GLY C 303 -24.69 34.83 -2.27
C GLY C 303 -23.36 34.35 -1.74
N VAL D 34 -29.00 -25.77 -16.43
CA VAL D 34 -28.34 -25.09 -15.30
C VAL D 34 -27.18 -25.93 -14.84
N ALA D 35 -26.01 -25.33 -14.69
CA ALA D 35 -24.80 -26.03 -14.27
C ALA D 35 -23.86 -25.09 -13.56
N ALA D 36 -22.97 -25.65 -12.70
CA ALA D 36 -21.95 -24.88 -11.99
C ALA D 36 -21.04 -24.09 -12.98
N PRO D 37 -20.71 -22.83 -12.63
CA PRO D 37 -19.82 -22.00 -13.50
C PRO D 37 -18.37 -22.49 -13.57
N ALA D 38 -17.61 -21.96 -14.55
CA ALA D 38 -16.17 -22.29 -14.71
C ALA D 38 -15.39 -21.82 -13.49
N VAL D 39 -14.41 -22.61 -13.02
CA VAL D 39 -13.58 -22.11 -11.93
C VAL D 39 -12.15 -21.90 -12.46
N VAL D 40 -11.85 -22.44 -13.65
CA VAL D 40 -10.59 -22.15 -14.33
C VAL D 40 -10.56 -20.65 -14.67
N GLU D 41 -9.44 -19.97 -14.40
CA GLU D 41 -9.34 -18.52 -14.70
C GLU D 41 -9.31 -18.34 -16.22
N GLY D 42 -10.12 -17.42 -16.71
CA GLY D 42 -10.21 -17.14 -18.15
C GLY D 42 -9.21 -16.10 -18.61
N SER D 43 -8.59 -16.34 -19.75
CA SER D 43 -7.63 -15.39 -20.30
C SER D 43 -8.31 -14.07 -20.75
N SER D 44 -7.71 -12.95 -20.43
CA SER D 44 -8.21 -11.64 -20.90
C SER D 44 -7.50 -11.19 -22.18
N THR D 45 -6.54 -11.99 -22.69
CA THR D 45 -5.77 -11.60 -23.88
C THR D 45 -6.08 -12.47 -25.10
N ASN D 46 -6.92 -13.49 -24.93
CA ASN D 46 -7.29 -14.43 -25.96
C ASN D 46 -8.73 -14.13 -26.42
N ALA D 47 -8.91 -13.77 -27.71
CA ALA D 47 -10.23 -13.42 -28.25
C ALA D 47 -11.30 -14.52 -28.01
N ALA D 48 -10.95 -15.81 -28.23
CA ALA D 48 -11.90 -16.91 -28.03
C ALA D 48 -12.36 -17.03 -26.57
N ALA D 49 -11.44 -16.83 -25.61
CA ALA D 49 -11.79 -16.92 -24.18
C ALA D 49 -12.68 -15.76 -23.79
N VAL D 50 -12.37 -14.55 -24.28
CA VAL D 50 -13.09 -13.33 -23.90
C VAL D 50 -14.52 -13.35 -24.48
N LYS D 51 -14.72 -13.99 -25.66
CA LYS D 51 -16.05 -14.04 -26.29
C LYS D 51 -17.04 -14.92 -25.51
N LYS D 52 -16.56 -15.80 -24.63
CA LYS D 52 -17.42 -16.70 -23.86
C LYS D 52 -18.28 -15.93 -22.84
N SER D 53 -19.34 -16.58 -22.34
CA SER D 53 -20.22 -15.98 -21.37
C SER D 53 -19.48 -15.76 -20.06
N LEU D 54 -20.06 -14.97 -19.17
CA LEU D 54 -19.42 -14.73 -17.85
C LEU D 54 -19.32 -16.06 -17.07
N ARG D 55 -20.36 -16.93 -17.15
CA ARG D 55 -20.27 -18.21 -16.43
C ARG D 55 -19.18 -19.12 -17.00
N ASP D 56 -18.84 -18.94 -18.26
CA ASP D 56 -17.82 -19.77 -18.91
C ASP D 56 -16.43 -19.11 -18.94
N GLY D 57 -16.22 -18.12 -18.10
CA GLY D 57 -14.88 -17.52 -17.98
C GLY D 57 -14.56 -16.39 -18.93
N GLY D 58 -15.54 -15.92 -19.71
CA GLY D 58 -15.33 -14.80 -20.63
C GLY D 58 -15.95 -13.49 -20.16
N MET D 59 -16.12 -12.55 -21.12
CA MET D 59 -16.65 -11.20 -20.79
C MET D 59 -18.03 -10.94 -21.32
N THR D 60 -18.55 -11.82 -22.17
CA THR D 60 -19.81 -11.54 -22.84
C THR D 60 -21.00 -11.94 -21.97
N ALA D 61 -21.70 -10.96 -21.44
CA ALA D 61 -22.86 -11.29 -20.60
C ALA D 61 -23.99 -11.86 -21.44
N LEU D 62 -24.52 -13.02 -21.01
CA LEU D 62 -25.71 -13.55 -21.64
C LEU D 62 -26.86 -12.64 -21.27
N PRO D 63 -28.02 -12.70 -21.96
CA PRO D 63 -29.18 -11.87 -21.52
C PRO D 63 -29.63 -12.18 -20.09
N SER D 64 -29.35 -13.39 -19.59
CA SER D 64 -29.71 -13.78 -18.23
C SER D 64 -28.71 -13.30 -17.15
N GLU D 65 -27.51 -12.85 -17.55
CA GLU D 65 -26.46 -12.51 -16.56
C GLU D 65 -26.40 -11.03 -16.21
N ILE D 66 -26.30 -10.71 -14.92
CA ILE D 66 -26.10 -9.33 -14.48
C ILE D 66 -24.76 -9.29 -13.76
N LEU D 67 -23.82 -8.51 -14.29
CA LEU D 67 -22.52 -8.32 -13.65
C LEU D 67 -22.60 -7.15 -12.68
N PHE D 68 -22.08 -7.32 -11.47
CA PHE D 68 -22.02 -6.24 -10.49
C PHE D 68 -20.79 -6.46 -9.62
N ALA D 69 -20.60 -5.63 -8.60
CA ALA D 69 -19.43 -5.80 -7.75
C ALA D 69 -19.70 -5.41 -6.34
N VAL D 70 -18.99 -6.04 -5.40
CA VAL D 70 -19.01 -5.59 -3.99
C VAL D 70 -17.52 -5.38 -3.66
N GLY D 71 -17.11 -4.14 -3.41
CA GLY D 71 -15.68 -3.84 -3.28
C GLY D 71 -14.99 -4.23 -4.59
N SER D 72 -13.89 -4.95 -4.48
CA SER D 72 -13.15 -5.38 -5.68
C SER D 72 -13.63 -6.77 -6.15
N ILE D 73 -14.70 -7.30 -5.52
CA ILE D 73 -15.19 -8.64 -5.86
C ILE D 73 -16.22 -8.56 -6.98
N PRO D 74 -15.94 -9.12 -8.17
CA PRO D 74 -16.97 -9.14 -9.21
C PRO D 74 -17.95 -10.26 -8.93
N LEU D 75 -19.21 -10.03 -9.25
CA LEU D 75 -20.25 -11.06 -9.03
C LEU D 75 -21.19 -11.06 -10.21
N VAL D 76 -21.78 -12.22 -10.45
CA VAL D 76 -22.82 -12.33 -11.47
C VAL D 76 -24.01 -13.01 -10.85
N VAL D 77 -25.20 -12.51 -11.11
CA VAL D 77 -26.42 -13.23 -10.77
C VAL D 77 -27.00 -13.72 -12.13
N ASP D 78 -27.38 -15.00 -12.21
CA ASP D 78 -28.01 -15.50 -13.44
C ASP D 78 -29.51 -15.62 -13.16
N LYS D 79 -30.33 -14.78 -13.86
CA LYS D 79 -31.78 -14.73 -13.67
C LYS D 79 -32.47 -16.04 -14.03
N ASP D 80 -31.93 -16.80 -15.02
CA ASP D 80 -32.57 -18.05 -15.44
C ASP D 80 -32.27 -19.17 -14.44
N ALA D 81 -31.02 -19.24 -13.95
CA ALA D 81 -30.68 -20.23 -12.91
C ALA D 81 -31.54 -19.90 -11.66
N LEU D 82 -31.68 -18.59 -11.35
CA LEU D 82 -32.48 -18.19 -10.20
C LEU D 82 -33.94 -18.58 -10.36
N SER D 83 -34.57 -18.22 -11.49
CA SER D 83 -36.01 -18.51 -11.65
C SER D 83 -36.26 -20.00 -11.69
N THR D 84 -35.40 -20.78 -12.40
CA THR D 84 -35.57 -22.23 -12.51
C THR D 84 -35.47 -22.90 -11.12
N LEU D 85 -34.40 -22.60 -10.40
CA LEU D 85 -34.18 -23.23 -9.10
C LEU D 85 -35.17 -22.72 -8.05
N ALA D 86 -35.57 -21.43 -8.13
CA ALA D 86 -36.57 -20.97 -7.16
C ALA D 86 -37.91 -21.71 -7.37
N ALA D 87 -38.29 -21.99 -8.64
CA ALA D 87 -39.55 -22.71 -8.93
C ALA D 87 -39.45 -24.14 -8.34
N ALA D 88 -38.26 -24.76 -8.48
CA ALA D 88 -38.01 -26.09 -7.91
C ALA D 88 -38.13 -26.01 -6.36
N LEU D 89 -37.62 -24.94 -5.73
CA LEU D 89 -37.70 -24.79 -4.27
C LEU D 89 -39.17 -24.63 -3.82
N VAL D 90 -39.96 -23.82 -4.58
CA VAL D 90 -41.41 -23.64 -4.29
C VAL D 90 -42.11 -25.03 -4.33
N ALA D 91 -41.77 -25.83 -5.33
CA ALA D 91 -42.41 -27.14 -5.51
C ALA D 91 -41.92 -28.19 -4.51
N SER D 92 -40.80 -27.93 -3.83
CA SER D 92 -40.15 -28.90 -2.93
C SER D 92 -40.97 -29.23 -1.72
N ASP D 93 -41.09 -30.51 -1.42
CA ASP D 93 -41.79 -30.98 -0.23
C ASP D 93 -40.85 -30.95 0.97
N ASP D 94 -39.54 -30.66 0.75
CA ASP D 94 -38.60 -30.61 1.86
C ASP D 94 -37.53 -29.53 1.56
N PRO D 95 -37.80 -28.25 1.90
CA PRO D 95 -36.84 -27.18 1.62
C PRO D 95 -35.46 -27.35 2.26
N SER D 96 -35.37 -27.85 3.51
CA SER D 96 -34.02 -28.02 4.13
C SER D 96 -33.11 -28.98 3.31
N THR D 97 -33.68 -30.11 2.91
CA THR D 97 -33.00 -31.13 2.09
C THR D 97 -32.76 -30.53 0.72
N TRP D 98 -33.72 -29.68 0.24
CA TRP D 98 -33.55 -29.05 -1.08
C TRP D 98 -32.22 -28.29 -1.18
N PHE D 99 -31.90 -27.45 -0.18
CA PHE D 99 -30.67 -26.69 -0.24
C PHE D 99 -29.42 -27.59 -0.22
N VAL D 100 -29.42 -28.61 0.63
CA VAL D 100 -28.23 -29.49 0.70
C VAL D 100 -28.09 -30.30 -0.62
N ALA D 101 -29.19 -30.88 -1.10
CA ALA D 101 -29.18 -31.72 -2.31
C ALA D 101 -28.78 -30.96 -3.59
N ASN D 102 -29.16 -29.66 -3.67
CA ASN D 102 -28.91 -28.87 -4.89
C ASN D 102 -27.72 -27.94 -4.71
N ARG D 103 -26.85 -28.16 -3.73
CA ARG D 103 -25.72 -27.25 -3.43
C ARG D 103 -24.86 -26.97 -4.69
N GLU D 104 -24.62 -27.98 -5.55
CA GLU D 104 -23.80 -27.74 -6.76
C GLU D 104 -24.48 -26.83 -7.76
N LEU D 105 -25.79 -27.05 -8.10
CA LEU D 105 -26.50 -26.18 -9.03
C LEU D 105 -26.59 -24.78 -8.50
N ILE D 106 -26.73 -24.64 -7.16
CA ILE D 106 -26.91 -23.30 -6.58
C ILE D 106 -25.68 -22.39 -6.87
N ARG D 107 -24.52 -22.97 -7.16
CA ARG D 107 -23.34 -22.14 -7.54
C ARG D 107 -23.62 -21.33 -8.82
N ALA D 108 -24.56 -21.82 -9.67
CA ALA D 108 -24.91 -21.14 -10.92
C ALA D 108 -25.72 -19.84 -10.71
N VAL D 109 -26.36 -19.70 -9.54
CA VAL D 109 -27.27 -18.58 -9.28
C VAL D 109 -26.47 -17.28 -9.04
N VAL D 110 -25.45 -17.34 -8.15
CA VAL D 110 -24.58 -16.18 -7.88
C VAL D 110 -23.19 -16.73 -7.87
N PHE D 111 -22.29 -16.12 -8.64
CA PHE D 111 -20.93 -16.64 -8.69
C PHE D 111 -19.95 -15.53 -9.00
N VAL D 112 -18.69 -15.78 -8.65
CA VAL D 112 -17.61 -14.89 -9.10
C VAL D 112 -17.22 -15.29 -10.53
N PRO D 113 -17.38 -14.39 -11.53
CA PRO D 113 -16.97 -14.74 -12.92
C PRO D 113 -15.45 -14.82 -12.93
N GLN D 114 -14.91 -15.85 -13.61
CA GLN D 114 -13.47 -16.10 -13.49
C GLN D 114 -12.61 -15.56 -14.63
N GLN D 115 -13.22 -14.75 -15.52
CA GLN D 115 -12.43 -14.02 -16.52
C GLN D 115 -11.40 -13.14 -15.79
N ASN D 116 -10.16 -13.17 -16.24
CA ASN D 116 -9.15 -12.28 -15.64
C ASN D 116 -9.55 -10.80 -15.81
N ASN D 117 -9.40 -9.96 -14.73
CA ASN D 117 -9.70 -8.51 -14.86
CA ASN D 117 -9.67 -8.51 -14.85
C ASN D 117 -11.07 -8.28 -15.48
N VAL D 118 -12.07 -9.03 -15.01
CA VAL D 118 -13.42 -8.99 -15.58
C VAL D 118 -14.10 -7.61 -15.48
N LEU D 119 -13.75 -6.79 -14.49
CA LEU D 119 -14.41 -5.48 -14.37
C LEU D 119 -13.76 -4.35 -15.20
N ARG D 120 -12.76 -4.69 -16.03
CA ARG D 120 -11.95 -3.69 -16.75
C ARG D 120 -12.75 -2.76 -17.70
N ALA D 121 -13.91 -3.22 -18.20
CA ALA D 121 -14.67 -2.40 -19.17
C ALA D 121 -15.79 -1.62 -18.47
N THR D 122 -15.96 -1.83 -17.15
CA THR D 122 -17.04 -1.23 -16.35
C THR D 122 -16.47 -0.63 -15.08
N PRO D 123 -15.77 0.51 -15.21
CA PRO D 123 -15.24 1.17 -14.02
C PRO D 123 -16.38 1.76 -13.19
N LEU D 124 -16.20 1.79 -11.87
CA LEU D 124 -17.20 2.35 -10.92
C LEU D 124 -18.58 1.72 -11.17
N LEU D 125 -18.58 0.40 -11.29
CA LEU D 125 -19.79 -0.35 -11.59
C LEU D 125 -20.74 -0.43 -10.40
N SER D 126 -21.93 0.13 -10.60
CA SER D 126 -23.02 -0.01 -9.63
C SER D 126 -24.07 -0.90 -10.31
N VAL D 127 -25.33 -0.85 -9.84
CA VAL D 127 -26.42 -1.62 -10.44
C VAL D 127 -27.54 -0.63 -10.76
N ARG D 128 -28.13 -0.74 -11.96
CA ARG D 128 -29.18 0.20 -12.40
C ARG D 128 -30.29 0.31 -11.36
N PRO D 129 -30.58 1.51 -10.85
CA PRO D 129 -31.68 1.64 -9.87
C PRO D 129 -33.03 1.38 -10.57
N VAL D 130 -33.89 0.59 -9.94
CA VAL D 130 -35.26 0.32 -10.48
C VAL D 130 -36.24 0.27 -9.31
N ALA D 131 -37.52 0.52 -9.59
CA ALA D 131 -38.59 0.35 -8.60
C ALA D 131 -39.85 0.07 -9.32
N SER D 132 -40.75 -0.70 -8.70
CA SER D 132 -42.03 -0.99 -9.30
C SER D 132 -43.09 -1.10 -8.24
N LEU D 133 -44.26 -0.52 -8.51
CA LEU D 133 -45.42 -0.64 -7.62
C LEU D 133 -45.93 -2.07 -7.65
N SER D 134 -45.51 -2.84 -8.67
CA SER D 134 -45.94 -4.22 -8.88
C SER D 134 -45.04 -5.22 -8.11
N SER D 135 -43.98 -4.72 -7.43
CA SER D 135 -43.08 -5.57 -6.66
C SER D 135 -42.85 -4.92 -5.29
N VAL D 136 -43.89 -4.95 -4.44
CA VAL D 136 -43.81 -4.38 -3.09
C VAL D 136 -44.00 -5.53 -2.09
N HIS D 137 -43.59 -5.28 -0.85
CA HIS D 137 -43.47 -6.36 0.15
C HIS D 137 -44.00 -5.97 1.50
N ASN D 138 -44.53 -6.97 2.22
CA ASN D 138 -45.07 -6.75 3.55
C ASN D 138 -44.00 -6.98 4.58
N TRP D 139 -43.25 -5.92 4.90
CA TRP D 139 -42.18 -5.95 5.90
C TRP D 139 -42.18 -4.62 6.56
N GLN D 140 -42.65 -4.58 7.85
CA GLN D 140 -42.74 -3.36 8.69
C GLN D 140 -43.88 -2.47 8.19
N VAL D 141 -43.99 -2.27 6.86
CA VAL D 141 -45.09 -1.56 6.18
C VAL D 141 -45.60 -2.52 5.11
N ARG D 142 -46.85 -2.33 4.63
CA ARG D 142 -47.43 -3.25 3.67
C ARG D 142 -46.83 -3.18 2.27
N ASN D 143 -46.17 -2.05 1.93
CA ASN D 143 -45.70 -1.81 0.57
C ASN D 143 -44.24 -1.37 0.53
N HIS D 144 -43.38 -2.13 1.21
CA HIS D 144 -41.93 -1.88 1.19
C HIS D 144 -41.43 -2.09 -0.23
N LEU D 145 -40.61 -1.16 -0.80
CA LEU D 145 -40.09 -1.46 -2.15
C LEU D 145 -39.15 -2.66 -2.12
N SER D 146 -38.99 -3.31 -3.28
CA SER D 146 -37.99 -4.35 -3.41
C SER D 146 -36.60 -3.71 -3.20
N GLY D 147 -35.70 -4.48 -2.62
CA GLY D 147 -34.36 -3.99 -2.31
C GLY D 147 -33.85 -4.73 -1.08
N LEU D 148 -33.03 -4.02 -0.30
CA LEU D 148 -32.42 -4.54 0.91
C LEU D 148 -32.89 -3.69 2.07
N HIS D 149 -33.28 -4.34 3.18
CA HIS D 149 -33.63 -3.66 4.43
C HIS D 149 -32.56 -4.02 5.43
N VAL D 150 -31.84 -3.06 5.98
CA VAL D 150 -30.80 -3.45 6.93
C VAL D 150 -31.24 -3.11 8.35
N VAL D 151 -30.85 -3.96 9.30
CA VAL D 151 -31.13 -3.79 10.72
C VAL D 151 -29.79 -3.49 11.35
N VAL D 152 -29.64 -2.27 11.91
CA VAL D 152 -28.34 -1.78 12.37
C VAL D 152 -28.30 -1.60 13.86
N GLY D 153 -27.13 -1.85 14.45
CA GLY D 153 -26.92 -1.63 15.87
C GLY D 153 -25.60 -2.22 16.28
N GLY D 154 -25.08 -1.79 17.42
CA GLY D 154 -23.79 -2.26 17.90
C GLY D 154 -23.82 -3.64 18.51
N THR D 155 -22.66 -4.07 19.04
CA THR D 155 -22.53 -5.37 19.67
C THR D 155 -23.38 -5.29 20.91
N GLY D 156 -24.27 -6.24 21.08
CA GLY D 156 -25.19 -6.22 22.22
C GLY D 156 -26.45 -5.36 22.05
N ALA D 157 -26.74 -4.91 20.78
CA ALA D 157 -27.94 -4.09 20.46
C ALA D 157 -29.21 -4.90 20.50
N GLY D 158 -29.09 -6.21 20.31
CA GLY D 158 -30.25 -7.10 20.25
C GLY D 158 -30.87 -7.19 18.87
N LYS D 159 -30.04 -7.11 17.79
CA LYS D 159 -30.52 -7.19 16.40
C LYS D 159 -31.19 -8.55 16.13
N SER D 160 -30.52 -9.67 16.53
CA SER D 160 -31.05 -11.04 16.36
C SER D 160 -32.36 -11.24 17.10
N LYS D 161 -32.45 -10.73 18.34
CA LYS D 161 -33.64 -10.86 19.17
C LYS D 161 -34.80 -10.10 18.56
N TRP D 162 -34.56 -8.84 18.10
CA TRP D 162 -35.63 -8.07 17.48
C TRP D 162 -36.08 -8.77 16.17
N LEU D 163 -35.13 -9.26 15.37
CA LEU D 163 -35.42 -9.95 14.09
C LEU D 163 -36.27 -11.18 14.32
N ASN D 164 -35.94 -11.99 15.33
CA ASN D 164 -36.68 -13.21 15.65
C ASN D 164 -38.10 -12.89 16.06
N ALA D 165 -38.29 -11.72 16.70
CA ALA D 165 -39.61 -11.24 17.13
C ALA D 165 -40.47 -10.75 15.96
N GLN D 166 -39.88 -10.59 14.76
CA GLN D 166 -40.61 -10.19 13.56
C GLN D 166 -41.14 -11.43 12.83
N THR D 167 -40.92 -12.59 13.42
CA THR D 167 -41.32 -13.94 12.98
C THR D 167 -41.01 -14.12 11.48
N PRO D 168 -39.71 -14.08 11.10
CA PRO D 168 -39.38 -14.36 9.69
C PRO D 168 -39.64 -15.82 9.37
N ASP D 169 -39.66 -16.19 8.10
CA ASP D 169 -39.86 -17.60 7.76
C ASP D 169 -38.56 -18.38 7.89
N VAL D 170 -37.44 -17.73 7.57
CA VAL D 170 -36.15 -18.41 7.56
C VAL D 170 -35.06 -17.41 7.84
N THR D 171 -34.02 -17.85 8.52
CA THR D 171 -32.84 -17.03 8.79
C THR D 171 -31.63 -17.68 8.17
N ILE D 172 -30.89 -16.92 7.37
CA ILE D 172 -29.63 -17.39 6.80
C ILE D 172 -28.55 -17.05 7.82
N ARG D 173 -27.72 -18.03 8.17
CA ARG D 173 -26.69 -17.81 9.19
C ARG D 173 -25.34 -17.78 8.52
N TRP D 174 -24.68 -16.62 8.56
CA TRP D 174 -23.40 -16.40 7.86
C TRP D 174 -22.42 -15.62 8.72
N GLY D 175 -21.23 -16.18 8.88
CA GLY D 175 -20.12 -15.53 9.56
C GLY D 175 -20.33 -15.25 11.04
N GLU D 176 -21.21 -16.01 11.67
CA GLU D 176 -21.53 -15.90 13.09
C GLU D 176 -21.18 -17.19 13.82
N PRO D 177 -20.84 -17.17 15.13
CA PRO D 177 -20.51 -18.45 15.83
C PRO D 177 -21.76 -19.31 16.01
N GLY D 178 -21.60 -20.61 15.88
CA GLY D 178 -22.67 -21.59 16.09
C GLY D 178 -23.33 -21.40 17.44
N GLU D 179 -24.66 -21.52 17.47
CA GLU D 179 -25.46 -21.26 18.67
C GLU D 179 -26.66 -22.22 18.68
N THR D 180 -27.40 -22.33 19.80
CA THR D 180 -28.59 -23.22 19.87
C THR D 180 -29.57 -22.92 18.72
N PHE D 181 -29.68 -21.63 18.32
CA PHE D 181 -30.50 -21.16 17.18
C PHE D 181 -30.28 -22.03 15.95
N ASP D 182 -29.00 -22.44 15.69
CA ASP D 182 -28.65 -23.22 14.49
C ASP D 182 -29.24 -24.64 14.48
N MET D 183 -29.70 -25.12 15.64
CA MET D 183 -30.31 -26.45 15.73
C MET D 183 -31.85 -26.38 15.89
N GLU D 184 -32.36 -25.34 16.57
CA GLU D 184 -33.76 -25.18 16.93
C GLU D 184 -34.66 -24.44 15.92
N GLU D 185 -34.14 -23.43 15.23
CA GLU D 185 -35.00 -22.60 14.39
C GLU D 185 -34.86 -22.86 12.89
N SER D 186 -35.78 -22.25 12.11
CA SER D 186 -35.82 -22.33 10.66
C SER D 186 -34.61 -21.55 10.13
N SER D 187 -33.52 -22.27 9.88
CA SER D 187 -32.30 -21.56 9.48
C SER D 187 -31.51 -22.35 8.48
N ILE D 188 -30.70 -21.62 7.70
CA ILE D 188 -29.87 -22.26 6.72
C ILE D 188 -28.47 -21.67 6.91
N ALA D 189 -27.47 -22.52 7.18
CA ALA D 189 -26.10 -22.06 7.41
C ALA D 189 -25.39 -21.97 6.06
N VAL D 190 -24.62 -20.90 5.84
CA VAL D 190 -23.89 -20.72 4.56
C VAL D 190 -22.45 -20.36 4.88
N ALA D 191 -21.55 -20.50 3.88
CA ALA D 191 -20.13 -20.27 4.12
C ALA D 191 -19.60 -18.95 3.52
N ASP D 192 -19.80 -18.72 2.21
CA ASP D 192 -19.17 -17.52 1.57
C ASP D 192 -20.23 -16.54 1.09
N LEU D 193 -19.79 -15.42 0.55
CA LEU D 193 -20.70 -14.38 0.07
C LEU D 193 -21.60 -14.88 -1.09
N THR D 194 -21.06 -15.68 -2.03
CA THR D 194 -21.88 -16.12 -3.15
C THR D 194 -22.98 -17.07 -2.69
N GLU D 195 -22.64 -18.01 -1.78
CA GLU D 195 -23.67 -18.93 -1.29
C GLU D 195 -24.73 -18.13 -0.51
N MET D 196 -24.30 -17.21 0.34
CA MET D 196 -25.24 -16.39 1.12
C MET D 196 -26.22 -15.67 0.18
N LEU D 197 -25.72 -14.99 -0.86
CA LEU D 197 -26.59 -14.25 -1.78
CA LEU D 197 -26.60 -14.25 -1.76
C LEU D 197 -27.52 -15.17 -2.57
N ALA D 198 -26.99 -16.27 -3.10
CA ALA D 198 -27.81 -17.17 -3.91
C ALA D 198 -28.94 -17.76 -3.05
N VAL D 199 -28.60 -18.22 -1.84
CA VAL D 199 -29.61 -18.84 -0.94
C VAL D 199 -30.67 -17.76 -0.59
N ALA D 200 -30.23 -16.55 -0.26
CA ALA D 200 -31.16 -15.44 0.05
C ALA D 200 -32.09 -15.15 -1.12
N LEU D 201 -31.52 -15.00 -2.33
CA LEU D 201 -32.35 -14.68 -3.52
C LEU D 201 -33.31 -15.83 -3.83
N LEU D 202 -32.86 -17.08 -3.68
CA LEU D 202 -33.75 -18.23 -3.93
C LEU D 202 -34.93 -18.25 -2.96
N LEU D 203 -34.66 -18.09 -1.68
CA LEU D 203 -35.70 -18.08 -0.66
C LEU D 203 -36.67 -16.91 -0.86
N ALA D 204 -36.15 -15.70 -1.12
CA ALA D 204 -37.03 -14.53 -1.32
C ALA D 204 -37.88 -14.69 -2.58
N THR D 205 -37.28 -15.24 -3.66
CA THR D 205 -38.01 -15.47 -4.92
C THR D 205 -39.13 -16.50 -4.68
N ALA D 206 -38.85 -17.48 -3.77
CA ALA D 206 -39.82 -18.53 -3.36
C ALA D 206 -40.81 -18.05 -2.30
N ASP D 207 -40.87 -16.73 -2.10
CA ASP D 207 -41.83 -16.01 -1.23
C ASP D 207 -41.62 -16.26 0.27
N TYR D 208 -40.38 -16.55 0.69
CA TYR D 208 -40.05 -16.61 2.11
C TYR D 208 -39.67 -15.23 2.60
N ARG D 209 -40.06 -14.91 3.84
CA ARG D 209 -39.52 -13.72 4.50
C ARG D 209 -38.20 -14.18 5.04
N VAL D 210 -37.11 -13.74 4.42
CA VAL D 210 -35.77 -14.22 4.77
C VAL D 210 -34.97 -13.11 5.44
N VAL D 211 -34.31 -13.48 6.53
CA VAL D 211 -33.43 -12.56 7.28
C VAL D 211 -32.04 -13.13 7.22
N ILE D 212 -31.03 -12.29 7.07
CA ILE D 212 -29.63 -12.72 7.05
C ILE D 212 -28.94 -12.27 8.32
N ASP D 213 -28.46 -13.26 9.09
CA ASP D 213 -27.72 -13.05 10.32
C ASP D 213 -26.32 -13.61 10.10
N SER D 214 -25.38 -12.81 9.58
CA SER D 214 -25.50 -11.36 9.38
C SER D 214 -24.59 -10.90 8.25
N PHE D 215 -24.43 -9.57 8.09
CA PHE D 215 -23.51 -9.03 7.09
C PHE D 215 -22.17 -8.66 7.72
N ARG D 216 -21.85 -9.23 8.90
CA ARG D 216 -20.55 -8.88 9.51
C ARG D 216 -19.35 -9.16 8.55
N ASN D 217 -19.36 -10.25 7.73
CA ASN D 217 -18.20 -10.47 6.83
C ASN D 217 -18.13 -9.41 5.72
N LEU D 218 -19.28 -8.79 5.36
CA LEU D 218 -19.26 -7.68 4.40
C LEU D 218 -18.61 -6.47 5.05
N VAL D 219 -19.00 -6.17 6.31
CA VAL D 219 -18.36 -5.06 7.04
C VAL D 219 -16.88 -5.29 7.18
N PHE D 220 -16.48 -6.51 7.55
CA PHE D 220 -15.08 -6.81 7.77
C PHE D 220 -14.27 -6.89 6.47
N GLY D 221 -14.88 -7.36 5.41
CA GLY D 221 -14.16 -7.64 4.17
C GLY D 221 -14.15 -6.61 3.08
N ILE D 222 -15.11 -5.67 3.08
CA ILE D 222 -15.21 -4.62 2.05
C ILE D 222 -14.49 -3.40 2.62
N THR D 223 -13.21 -3.26 2.25
CA THR D 223 -12.30 -2.24 2.76
C THR D 223 -11.92 -1.15 1.75
N GLY D 224 -11.20 -0.16 2.22
CA GLY D 224 -10.73 0.92 1.36
C GLY D 224 -10.85 2.24 2.06
N ALA D 225 -10.71 3.31 1.27
CA ALA D 225 -10.80 4.69 1.76
C ALA D 225 -12.00 4.86 2.65
N ALA D 226 -11.78 5.45 3.81
CA ALA D 226 -12.83 5.66 4.80
C ALA D 226 -13.51 6.97 4.58
N GLY D 227 -14.79 6.99 4.92
CA GLY D 227 -15.61 8.18 4.88
C GLY D 227 -15.43 8.94 6.17
N PRO D 228 -15.96 10.20 6.25
CA PRO D 228 -15.75 11.02 7.47
C PRO D 228 -16.22 10.32 8.75
N GLY D 229 -16.87 9.16 8.59
CA GLY D 229 -17.35 8.32 9.68
C GLY D 229 -16.39 7.29 10.25
N GLY D 230 -15.34 6.93 9.49
CA GLY D 230 -14.35 5.88 9.80
C GLY D 230 -14.66 4.56 9.07
N VAL D 231 -15.80 4.53 8.43
CA VAL D 231 -16.30 3.32 7.73
C VAL D 231 -15.92 3.44 6.28
N SER D 232 -15.47 2.32 5.65
CA SER D 232 -15.09 2.33 4.25
C SER D 232 -16.26 2.70 3.36
N VAL D 233 -16.07 3.70 2.49
CA VAL D 233 -17.19 4.12 1.61
C VAL D 233 -17.57 3.03 0.65
N ALA D 234 -16.66 2.08 0.35
CA ALA D 234 -16.99 0.95 -0.50
C ALA D 234 -18.11 0.09 0.12
N LEU D 235 -18.31 0.16 1.45
CA LEU D 235 -19.39 -0.60 2.08
C LEU D 235 -20.72 -0.01 1.63
N TYR D 236 -20.81 1.32 1.56
CA TYR D 236 -22.08 1.97 1.14
C TYR D 236 -22.37 1.64 -0.29
N ALA D 237 -21.34 1.69 -1.18
CA ALA D 237 -21.55 1.34 -2.60
C ALA D 237 -21.98 -0.14 -2.69
N ALA D 238 -21.39 -1.01 -1.86
CA ALA D 238 -21.74 -2.46 -1.88
C ALA D 238 -23.19 -2.64 -1.47
N LEU D 239 -23.61 -1.91 -0.43
CA LEU D 239 -25.02 -2.04 0.02
C LEU D 239 -25.98 -1.55 -1.08
N THR D 240 -25.62 -0.49 -1.79
CA THR D 240 -26.50 -0.02 -2.91
C THR D 240 -26.50 -1.04 -4.03
N SER D 241 -25.35 -1.65 -4.32
CA SER D 241 -25.30 -2.70 -5.37
C SER D 241 -26.20 -3.87 -5.01
N LEU D 242 -26.09 -4.37 -3.76
CA LEU D 242 -26.94 -5.49 -3.33
C LEU D 242 -28.39 -5.06 -3.31
N ASN D 243 -28.65 -3.85 -2.82
CA ASN D 243 -30.02 -3.33 -2.84
C ASN D 243 -30.65 -3.37 -4.25
N ASN D 244 -29.90 -2.88 -5.24
CA ASN D 244 -30.43 -2.72 -6.58
C ASN D 244 -30.53 -4.06 -7.30
N ILE D 245 -29.70 -5.03 -6.96
CA ILE D 245 -29.87 -6.39 -7.54
C ILE D 245 -31.20 -6.94 -7.01
N CYS D 246 -31.44 -6.80 -5.69
CA CYS D 246 -32.74 -7.26 -5.13
C CYS D 246 -33.93 -6.54 -5.81
N ALA D 247 -33.80 -5.21 -6.01
CA ALA D 247 -34.87 -4.43 -6.64
C ALA D 247 -35.11 -4.96 -8.07
N GLU D 248 -34.03 -5.20 -8.84
CA GLU D 248 -34.16 -5.70 -10.22
C GLU D 248 -34.90 -7.07 -10.24
N LEU D 249 -34.66 -7.90 -9.21
CA LEU D 249 -35.25 -9.25 -9.14
C LEU D 249 -36.61 -9.25 -8.41
N GLY D 250 -37.08 -8.07 -7.99
CA GLY D 250 -38.37 -7.89 -7.34
C GLY D 250 -38.49 -8.60 -5.99
N VAL D 251 -37.39 -8.66 -5.24
CA VAL D 251 -37.40 -9.32 -3.93
C VAL D 251 -36.98 -8.34 -2.85
N LEU D 252 -37.24 -8.73 -1.60
CA LEU D 252 -36.79 -7.97 -0.44
C LEU D 252 -35.96 -8.87 0.44
N LEU D 253 -34.72 -8.47 0.75
CA LEU D 253 -33.87 -9.18 1.68
C LEU D 253 -33.73 -8.31 2.92
N VAL D 254 -33.64 -8.95 4.09
CA VAL D 254 -33.47 -8.25 5.36
C VAL D 254 -32.13 -8.70 5.92
N ALA D 255 -31.26 -7.79 6.34
CA ALA D 255 -29.97 -8.25 6.87
C ALA D 255 -29.55 -7.46 8.10
N ALA D 256 -28.98 -8.14 9.11
CA ALA D 256 -28.40 -7.48 10.28
C ALA D 256 -27.00 -6.98 9.92
N ILE D 257 -26.65 -5.78 10.38
CA ILE D 257 -25.31 -5.29 10.14
C ILE D 257 -24.86 -4.40 11.29
N ASN D 258 -23.58 -4.50 11.64
CA ASN D 258 -22.96 -3.64 12.67
C ASN D 258 -21.76 -2.98 12.00
N PRO D 259 -21.88 -1.73 11.51
CA PRO D 259 -20.76 -1.14 10.74
C PRO D 259 -19.53 -0.78 11.54
N MET D 260 -19.61 -0.87 12.89
CA MET D 260 -18.50 -0.61 13.82
C MET D 260 -17.90 0.78 13.61
N SER D 261 -18.76 1.77 13.59
CA SER D 261 -18.40 3.17 13.48
C SER D 261 -17.77 3.58 14.80
N SER D 262 -16.92 4.61 14.78
CA SER D 262 -16.46 5.20 16.04
C SER D 262 -17.68 5.88 16.68
N ASP D 263 -17.74 5.96 18.02
CA ASP D 263 -18.88 6.50 18.77
C ASP D 263 -19.29 7.92 18.40
N ASP D 264 -18.34 8.78 18.00
CA ASP D 264 -18.63 10.19 17.67
C ASP D 264 -19.28 10.36 16.29
N LYS D 265 -19.22 9.34 15.43
CA LYS D 265 -19.74 9.49 14.05
C LYS D 265 -20.85 8.50 13.70
N VAL D 266 -21.46 7.86 14.70
CA VAL D 266 -22.54 6.87 14.50
C VAL D 266 -23.68 7.45 13.63
N SER D 267 -24.14 8.66 13.98
CA SER D 267 -25.25 9.32 13.27
C SER D 267 -24.95 9.48 11.78
N LEU D 268 -23.71 9.92 11.45
CA LEU D 268 -23.29 10.10 10.07
C LEU D 268 -23.28 8.75 9.33
N VAL D 269 -22.68 7.72 9.97
CA VAL D 269 -22.62 6.39 9.34
C VAL D 269 -24.02 5.84 9.11
N TYR D 270 -24.93 5.96 10.10
CA TYR D 270 -26.29 5.45 9.95
C TYR D 270 -27.01 6.20 8.83
N ASN D 271 -26.79 7.55 8.72
CA ASN D 271 -27.38 8.31 7.61
C ASN D 271 -26.86 7.81 6.26
N ASN D 272 -25.56 7.51 6.17
CA ASN D 272 -24.99 7.02 4.91
C ASN D 272 -25.56 5.65 4.55
N ILE D 273 -25.77 4.80 5.57
CA ILE D 273 -26.38 3.48 5.32
C ILE D 273 -27.82 3.66 4.82
N ALA D 274 -28.62 4.51 5.51
CA ALA D 274 -30.01 4.76 5.08
C ALA D 274 -30.08 5.29 3.64
N ALA D 275 -29.08 6.10 3.22
CA ALA D 275 -29.03 6.70 1.90
C ALA D 275 -28.63 5.66 0.85
N SER D 276 -28.23 4.45 1.29
CA SER D 276 -27.77 3.42 0.36
C SER D 276 -28.77 2.33 0.06
N VAL D 277 -29.86 2.20 0.86
CA VAL D 277 -30.72 1.01 0.72
C VAL D 277 -32.21 1.37 0.75
N ALA D 278 -33.07 0.37 0.51
CA ALA D 278 -34.53 0.56 0.50
C ALA D 278 -35.09 0.81 1.90
N GLY D 279 -34.44 0.26 2.93
CA GLY D 279 -34.94 0.48 4.28
C GLY D 279 -33.91 0.23 5.34
N MET D 280 -34.07 0.88 6.50
CA MET D 280 -33.13 0.70 7.59
C MET D 280 -33.88 0.81 8.90
N THR D 281 -33.59 -0.10 9.83
CA THR D 281 -34.12 -0.08 11.21
C THR D 281 -32.94 -0.03 12.16
N VAL D 282 -32.93 0.94 13.07
CA VAL D 282 -31.90 1.03 14.11
C VAL D 282 -32.49 0.37 15.36
N VAL D 283 -31.77 -0.60 15.93
CA VAL D 283 -32.24 -1.32 17.10
C VAL D 283 -31.29 -1.11 18.29
N ASN D 284 -31.85 -0.98 19.46
CA ASN D 284 -31.11 -0.92 20.73
C ASN D 284 -31.97 -1.57 21.77
N ASN D 285 -31.36 -2.44 22.59
CA ASN D 285 -32.07 -3.22 23.62
C ASN D 285 -33.25 -4.00 22.97
N ALA D 286 -32.99 -4.60 21.78
CA ALA D 286 -33.94 -5.39 20.98
C ALA D 286 -35.26 -4.63 20.67
N ALA D 287 -35.18 -3.30 20.60
CA ALA D 287 -36.33 -2.44 20.30
C ALA D 287 -35.98 -1.43 19.20
N VAL D 288 -36.98 -1.00 18.43
CA VAL D 288 -36.76 -0.03 17.35
C VAL D 288 -36.47 1.34 17.93
N VAL D 289 -35.32 1.91 17.56
CA VAL D 289 -34.93 3.28 17.92
C VAL D 289 -35.49 4.21 16.82
N SER D 290 -35.25 3.84 15.57
CA SER D 290 -35.69 4.60 14.41
C SER D 290 -35.84 3.68 13.23
N GLN D 291 -36.63 4.09 12.23
CA GLN D 291 -36.84 3.28 11.05
C GLN D 291 -37.13 4.18 9.88
N THR D 292 -36.60 3.85 8.70
CA THR D 292 -36.90 4.61 7.48
C THR D 292 -37.04 3.62 6.36
N ILE D 293 -38.13 3.74 5.59
CA ILE D 293 -38.40 2.82 4.49
C ILE D 293 -38.84 3.55 3.24
N ARG D 294 -38.30 3.13 2.07
CA ARG D 294 -38.76 3.61 0.77
C ARG D 294 -39.93 2.68 0.41
N SER D 295 -41.16 3.19 0.46
CA SER D 295 -42.36 2.42 0.12
C SER D 295 -42.88 2.82 -1.25
N GLY D 296 -43.87 2.05 -1.71
CA GLY D 296 -44.52 2.33 -2.98
C GLY D 296 -45.27 3.66 -2.97
N THR D 297 -45.58 4.21 -1.78
CA THR D 297 -46.30 5.48 -1.68
C THR D 297 -45.45 6.61 -1.05
N GLY D 298 -44.14 6.40 -0.98
CA GLY D 298 -43.21 7.40 -0.45
C GLY D 298 -42.45 6.92 0.77
N ARG D 299 -41.65 7.82 1.38
CA ARG D 299 -40.85 7.44 2.53
C ARG D 299 -41.71 7.30 3.80
N ILE D 300 -41.58 6.16 4.50
CA ILE D 300 -42.33 5.91 5.76
C ILE D 300 -41.28 5.78 6.84
N PHE D 301 -41.35 6.59 7.89
CA PHE D 301 -40.28 6.61 8.87
C PHE D 301 -40.77 7.00 10.25
N SER D 302 -39.97 6.70 11.28
CA SER D 302 -40.36 6.98 12.66
C SER D 302 -39.14 7.04 13.53
N GLY D 303 -39.24 7.81 14.62
CA GLY D 303 -38.16 7.92 15.60
C GLY D 303 -36.89 8.55 15.08
N GLU D 304 -36.95 9.22 13.94
CA GLU D 304 -35.79 9.88 13.31
C GLU D 304 -35.40 11.12 14.09
N PRO D 305 -34.08 11.34 14.38
CA PRO D 305 -33.70 12.55 15.12
C PRO D 305 -33.66 13.81 14.26
N ALA D 306 -33.73 13.67 12.91
CA ALA D 306 -33.66 14.80 11.97
C ALA D 306 -34.91 14.93 11.11
N VAL E 34 -3.57 -42.15 4.40
CA VAL E 34 -3.19 -40.78 4.75
C VAL E 34 -1.85 -40.44 4.09
N ALA E 35 -1.90 -39.53 3.12
CA ALA E 35 -0.73 -39.06 2.36
C ALA E 35 -0.52 -37.55 2.58
N ALA E 36 0.72 -37.06 2.29
CA ALA E 36 1.10 -35.67 2.43
C ALA E 36 0.44 -34.77 1.38
N PRO E 37 -0.15 -33.63 1.78
CA PRO E 37 -0.74 -32.72 0.76
C PRO E 37 0.36 -32.19 -0.15
N ALA E 38 0.00 -31.87 -1.40
CA ALA E 38 0.95 -31.33 -2.39
C ALA E 38 1.50 -29.99 -1.90
N VAL E 39 2.78 -29.72 -2.14
CA VAL E 39 3.31 -28.41 -1.79
C VAL E 39 3.69 -27.65 -3.10
N VAL E 40 3.74 -28.37 -4.23
CA VAL E 40 3.91 -27.72 -5.53
C VAL E 40 2.67 -26.83 -5.77
N GLU E 41 2.89 -25.59 -6.21
CA GLU E 41 1.76 -24.68 -6.51
C GLU E 41 0.98 -25.19 -7.74
N GLY E 42 -0.34 -25.26 -7.61
CA GLY E 42 -1.22 -25.76 -8.66
C GLY E 42 -1.66 -24.65 -9.60
N SER E 43 -1.67 -24.92 -10.90
CA SER E 43 -2.08 -23.92 -11.88
C SER E 43 -3.58 -23.59 -11.75
N SER E 44 -3.92 -22.29 -11.85
CA SER E 44 -5.35 -21.92 -11.86
C SER E 44 -5.88 -21.73 -13.29
N THR E 45 -5.05 -21.95 -14.32
CA THR E 45 -5.45 -21.73 -15.72
C THR E 45 -5.48 -23.03 -16.51
N ASN E 46 -5.11 -24.15 -15.88
CA ASN E 46 -5.07 -25.47 -16.51
C ASN E 46 -6.26 -26.29 -15.99
N ALA E 47 -7.18 -26.73 -16.90
CA ALA E 47 -8.39 -27.48 -16.48
C ALA E 47 -8.05 -28.76 -15.67
N ALA E 48 -7.03 -29.53 -16.10
CA ALA E 48 -6.63 -30.77 -15.42
C ALA E 48 -6.11 -30.50 -14.00
N ALA E 49 -5.36 -29.40 -13.80
CA ALA E 49 -4.87 -29.05 -12.47
C ALA E 49 -6.01 -28.65 -11.54
N VAL E 50 -6.95 -27.86 -12.05
CA VAL E 50 -8.05 -27.32 -11.23
C VAL E 50 -9.04 -28.42 -10.81
N LYS E 51 -9.19 -29.47 -11.66
CA LYS E 51 -10.09 -30.58 -11.34
C LYS E 51 -9.60 -31.44 -10.16
N LYS E 52 -8.29 -31.36 -9.81
CA LYS E 52 -7.75 -32.18 -8.73
C LYS E 52 -8.31 -31.74 -7.37
N SER E 53 -8.16 -32.62 -6.34
CA SER E 53 -8.62 -32.30 -5.00
C SER E 53 -7.82 -31.15 -4.42
N LEU E 54 -8.31 -30.57 -3.33
CA LEU E 54 -7.57 -29.48 -2.66
C LEU E 54 -6.20 -30.00 -2.16
N ARG E 55 -6.15 -31.24 -1.64
CA ARG E 55 -4.84 -31.76 -1.18
CA ARG E 55 -4.86 -31.74 -1.17
C ARG E 55 -3.88 -31.94 -2.32
N ASP E 56 -4.39 -32.16 -3.52
CA ASP E 56 -3.54 -32.38 -4.70
C ASP E 56 -3.30 -31.11 -5.54
N GLY E 57 -3.54 -29.95 -4.96
CA GLY E 57 -3.25 -28.68 -5.64
C GLY E 57 -4.32 -28.15 -6.57
N GLY E 58 -5.51 -28.76 -6.54
CA GLY E 58 -6.64 -28.27 -7.37
C GLY E 58 -7.70 -27.55 -6.57
N MET E 59 -8.90 -27.42 -7.18
CA MET E 59 -10.01 -26.67 -6.54
C MET E 59 -11.15 -27.57 -6.08
N THR E 60 -11.14 -28.85 -6.45
CA THR E 60 -12.30 -29.69 -6.21
C THR E 60 -12.24 -30.31 -4.81
N ALA E 61 -13.11 -29.87 -3.91
CA ALA E 61 -13.08 -30.47 -2.58
C ALA E 61 -13.56 -31.92 -2.60
N LEU E 62 -12.80 -32.81 -1.94
CA LEU E 62 -13.26 -34.19 -1.75
C LEU E 62 -14.39 -34.13 -0.74
N PRO E 63 -15.22 -35.19 -0.60
CA PRO E 63 -16.24 -35.19 0.46
C PRO E 63 -15.67 -34.97 1.88
N SER E 64 -14.42 -35.36 2.11
CA SER E 64 -13.75 -35.24 3.42
C SER E 64 -13.12 -33.86 3.66
N GLU E 65 -13.01 -33.02 2.62
CA GLU E 65 -12.29 -31.73 2.76
C GLU E 65 -13.22 -30.56 3.03
N ILE E 66 -12.84 -29.69 3.96
CA ILE E 66 -13.54 -28.44 4.23
C ILE E 66 -12.57 -27.29 4.00
N LEU E 67 -12.89 -26.42 3.03
CA LEU E 67 -12.09 -25.24 2.76
C LEU E 67 -12.58 -24.07 3.63
N PHE E 68 -11.65 -23.35 4.25
CA PHE E 68 -11.97 -22.18 5.05
C PHE E 68 -10.80 -21.22 4.99
N ALA E 69 -10.89 -20.11 5.71
CA ALA E 69 -9.81 -19.14 5.65
C ALA E 69 -9.64 -18.43 6.97
N VAL E 70 -8.42 -17.99 7.26
CA VAL E 70 -8.16 -17.08 8.40
CA VAL E 70 -8.08 -17.15 8.42
C VAL E 70 -7.36 -15.93 7.81
N GLY E 71 -7.95 -14.73 7.80
CA GLY E 71 -7.32 -13.61 7.10
C GLY E 71 -7.29 -13.99 5.62
N SER E 72 -6.17 -13.76 4.95
CA SER E 72 -6.05 -14.13 3.54
C SER E 72 -5.52 -15.57 3.38
N ILE E 73 -5.37 -16.30 4.51
CA ILE E 73 -4.76 -17.63 4.48
C ILE E 73 -5.82 -18.69 4.22
N PRO E 74 -5.72 -19.42 3.10
CA PRO E 74 -6.68 -20.52 2.89
C PRO E 74 -6.25 -21.74 3.68
N LEU E 75 -7.23 -22.50 4.20
CA LEU E 75 -6.93 -23.72 4.95
C LEU E 75 -7.90 -24.79 4.57
N VAL E 76 -7.45 -26.03 4.73
CA VAL E 76 -8.34 -27.16 4.55
C VAL E 76 -8.18 -28.07 5.75
N VAL E 77 -9.31 -28.59 6.27
CA VAL E 77 -9.28 -29.63 7.28
CA VAL E 77 -9.34 -29.64 7.29
C VAL E 77 -9.81 -30.90 6.56
N ASP E 78 -9.11 -32.05 6.73
CA ASP E 78 -9.58 -33.28 6.10
C ASP E 78 -10.14 -34.16 7.23
N LYS E 79 -11.47 -34.39 7.19
CA LYS E 79 -12.17 -35.15 8.24
C LYS E 79 -11.75 -36.61 8.32
N ASP E 80 -11.36 -37.22 7.20
CA ASP E 80 -10.95 -38.64 7.22
C ASP E 80 -9.54 -38.78 7.75
N ALA E 81 -8.63 -37.85 7.35
CA ALA E 81 -7.27 -37.85 7.93
C ALA E 81 -7.39 -37.63 9.45
N LEU E 82 -8.30 -36.72 9.85
CA LEU E 82 -8.50 -36.44 11.28
C LEU E 82 -9.01 -37.67 12.05
N SER E 83 -10.05 -38.33 11.55
CA SER E 83 -10.58 -39.49 12.29
CA SER E 83 -10.60 -39.50 12.26
C SER E 83 -9.57 -40.64 12.30
N THR E 84 -8.87 -40.89 11.17
CA THR E 84 -7.89 -41.97 11.08
C THR E 84 -6.69 -41.75 12.04
N LEU E 85 -6.13 -40.53 12.02
CA LEU E 85 -4.98 -40.26 12.86
C LEU E 85 -5.39 -40.09 14.32
N ALA E 86 -6.56 -39.52 14.60
CA ALA E 86 -7.02 -39.42 16.00
C ALA E 86 -7.19 -40.82 16.60
N ALA E 87 -7.66 -41.81 15.80
CA ALA E 87 -7.80 -43.20 16.30
C ALA E 87 -6.41 -43.80 16.65
N ALA E 88 -5.40 -43.50 15.82
CA ALA E 88 -4.01 -43.92 16.06
C ALA E 88 -3.47 -43.27 17.33
N LEU E 89 -3.81 -41.96 17.55
CA LEU E 89 -3.38 -41.22 18.75
C LEU E 89 -4.02 -41.81 20.00
N VAL E 90 -5.35 -42.14 19.93
CA VAL E 90 -6.10 -42.77 21.04
C VAL E 90 -5.40 -44.09 21.44
N ALA E 91 -5.00 -44.88 20.43
CA ALA E 91 -4.38 -46.19 20.66
C ALA E 91 -2.99 -46.10 21.31
N SER E 92 -2.24 -45.03 21.01
CA SER E 92 -0.88 -44.88 21.55
C SER E 92 -0.88 -44.58 23.04
N ASP E 93 -1.85 -43.76 23.52
CA ASP E 93 -1.97 -43.34 24.93
C ASP E 93 -0.68 -42.57 25.43
N ASP E 94 0.13 -42.00 24.50
CA ASP E 94 1.34 -41.23 24.80
C ASP E 94 1.46 -40.12 23.73
N PRO E 95 0.74 -38.98 23.94
CA PRO E 95 0.70 -37.94 22.89
C PRO E 95 2.05 -37.38 22.49
N SER E 96 2.93 -37.08 23.46
CA SER E 96 4.25 -36.49 23.14
C SER E 96 5.01 -37.38 22.15
N THR E 97 5.13 -38.68 22.43
CA THR E 97 5.86 -39.61 21.56
C THR E 97 5.14 -39.76 20.19
N TRP E 98 3.82 -39.91 20.22
CA TRP E 98 3.04 -40.11 19.01
C TRP E 98 3.23 -38.92 18.04
N PHE E 99 3.19 -37.69 18.55
CA PHE E 99 3.32 -36.50 17.72
C PHE E 99 4.72 -36.40 17.07
N VAL E 100 5.78 -36.82 17.78
CA VAL E 100 7.13 -36.79 17.19
C VAL E 100 7.21 -37.77 16.02
N ALA E 101 6.69 -38.99 16.21
CA ALA E 101 6.75 -40.03 15.18
C ALA E 101 5.84 -39.75 13.98
N ASN E 102 4.74 -39.02 14.17
CA ASN E 102 3.75 -38.79 13.11
C ASN E 102 3.71 -37.34 12.61
N ARG E 103 4.76 -36.57 12.88
CA ARG E 103 4.84 -35.16 12.47
C ARG E 103 4.53 -34.96 10.96
N GLU E 104 5.04 -35.85 10.09
CA GLU E 104 4.80 -35.74 8.65
C GLU E 104 3.35 -36.06 8.29
N LEU E 105 2.77 -37.08 8.90
CA LEU E 105 1.40 -37.49 8.60
C LEU E 105 0.39 -36.43 8.99
N ILE E 106 0.63 -35.70 10.09
CA ILE E 106 -0.38 -34.74 10.57
C ILE E 106 -0.57 -33.55 9.60
N ARG E 107 0.37 -33.35 8.64
CA ARG E 107 0.21 -32.32 7.61
C ARG E 107 -1.06 -32.57 6.79
N ALA E 108 -1.53 -33.83 6.71
CA ALA E 108 -2.77 -34.14 5.98
C ALA E 108 -4.04 -33.65 6.69
N VAL E 109 -3.96 -33.38 7.99
CA VAL E 109 -5.17 -33.05 8.77
C VAL E 109 -5.56 -31.60 8.55
N VAL E 110 -4.60 -30.65 8.65
CA VAL E 110 -4.85 -29.22 8.38
C VAL E 110 -3.71 -28.75 7.48
N PHE E 111 -4.05 -28.17 6.32
CA PHE E 111 -2.97 -27.71 5.43
C PHE E 111 -3.43 -26.52 4.63
N VAL E 112 -2.45 -25.77 4.11
CA VAL E 112 -2.77 -24.70 3.16
C VAL E 112 -2.88 -25.37 1.75
N PRO E 113 -4.05 -25.30 1.08
CA PRO E 113 -4.16 -25.89 -0.27
C PRO E 113 -3.33 -25.04 -1.20
N GLN E 114 -2.55 -25.69 -2.10
CA GLN E 114 -1.59 -24.91 -2.91
C GLN E 114 -2.04 -24.54 -4.31
N GLN E 115 -3.32 -24.76 -4.63
CA GLN E 115 -3.88 -24.23 -5.88
C GLN E 115 -3.67 -22.73 -5.89
N ASN E 116 -3.19 -22.18 -7.01
CA ASN E 116 -3.05 -20.74 -7.13
C ASN E 116 -4.39 -20.04 -6.97
N ASN E 117 -4.46 -18.93 -6.16
CA ASN E 117 -5.73 -18.16 -6.04
CA ASN E 117 -5.70 -18.13 -6.04
C ASN E 117 -6.89 -19.07 -5.68
N VAL E 118 -6.67 -19.95 -4.72
CA VAL E 118 -7.67 -20.99 -4.37
C VAL E 118 -8.97 -20.43 -3.80
N LEU E 119 -8.93 -19.24 -3.21
CA LEU E 119 -10.18 -18.68 -2.65
C LEU E 119 -11.00 -17.88 -3.65
N ARG E 120 -10.61 -17.87 -4.95
CA ARG E 120 -11.22 -16.99 -5.94
C ARG E 120 -12.75 -17.22 -6.17
N ALA E 121 -13.27 -18.41 -5.89
CA ALA E 121 -14.69 -18.69 -6.12
C ALA E 121 -15.50 -18.55 -4.84
N THR E 122 -14.82 -18.25 -3.72
CA THR E 122 -15.46 -18.17 -2.39
C THR E 122 -15.02 -16.89 -1.70
N PRO E 123 -15.54 -15.74 -2.17
CA PRO E 123 -15.18 -14.48 -1.49
C PRO E 123 -15.79 -14.40 -0.09
N LEU E 124 -15.08 -13.76 0.84
CA LEU E 124 -15.52 -13.55 2.23
C LEU E 124 -15.96 -14.89 2.84
N LEU E 125 -15.10 -15.90 2.65
CA LEU E 125 -15.41 -17.25 3.13
C LEU E 125 -15.32 -17.38 4.64
N SER E 126 -16.43 -17.79 5.23
CA SER E 126 -16.51 -18.10 6.65
C SER E 126 -16.72 -19.61 6.72
N VAL E 127 -17.17 -20.11 7.88
CA VAL E 127 -17.46 -21.54 8.06
C VAL E 127 -18.91 -21.61 8.53
N ARG E 128 -19.68 -22.51 7.94
CA ARG E 128 -21.11 -22.68 8.27
C ARG E 128 -21.33 -22.85 9.78
N PRO E 129 -22.14 -21.98 10.41
CA PRO E 129 -22.37 -22.12 11.87
C PRO E 129 -23.20 -23.37 12.16
N VAL E 130 -22.78 -24.16 13.14
CA VAL E 130 -23.51 -25.39 13.51
C VAL E 130 -23.48 -25.56 15.03
N ALA E 131 -24.50 -26.25 15.57
CA ALA E 131 -24.51 -26.57 17.00
C ALA E 131 -25.35 -27.79 17.19
N SER E 132 -25.04 -28.58 18.22
CA SER E 132 -25.81 -29.78 18.52
C SER E 132 -25.78 -30.06 20.00
N LEU E 133 -26.94 -30.50 20.52
CA LEU E 133 -27.04 -30.91 21.93
C LEU E 133 -26.26 -32.20 22.15
N SER E 134 -25.91 -32.91 21.06
CA SER E 134 -25.16 -34.15 21.08
C SER E 134 -23.64 -33.92 21.05
N SER E 135 -23.19 -32.64 20.95
CA SER E 135 -21.77 -32.34 20.96
C SER E 135 -21.51 -31.20 21.95
N VAL E 136 -21.64 -31.50 23.24
CA VAL E 136 -21.42 -30.51 24.29
C VAL E 136 -20.24 -30.98 25.13
N HIS E 137 -19.65 -30.06 25.91
CA HIS E 137 -18.40 -30.32 26.59
C HIS E 137 -18.39 -29.81 28.00
N ASN E 138 -17.64 -30.52 28.85
CA ASN E 138 -17.52 -30.13 30.24
C ASN E 138 -16.31 -29.18 30.37
N TRP E 139 -16.59 -27.89 30.24
CA TRP E 139 -15.59 -26.84 30.35
C TRP E 139 -16.29 -25.64 30.92
N GLN E 140 -16.04 -25.36 32.20
CA GLN E 140 -16.60 -24.25 33.01
C GLN E 140 -18.06 -24.52 33.36
N VAL E 141 -18.84 -25.03 32.42
CA VAL E 141 -20.21 -25.51 32.58
C VAL E 141 -20.22 -26.92 31.99
N ARG E 142 -21.21 -27.75 32.38
CA ARG E 142 -21.28 -29.14 31.92
C ARG E 142 -21.62 -29.29 30.44
N ASN E 143 -22.28 -28.27 29.84
CA ASN E 143 -22.77 -28.39 28.47
C ASN E 143 -22.33 -27.23 27.58
N HIS E 144 -21.05 -26.93 27.58
CA HIS E 144 -20.49 -25.89 26.71
C HIS E 144 -20.64 -26.34 25.27
N LEU E 145 -21.11 -25.48 24.35
CA LEU E 145 -21.20 -25.94 22.95
C LEU E 145 -19.79 -26.16 22.37
N SER E 146 -19.73 -27.01 21.30
CA SER E 146 -18.49 -27.18 20.55
C SER E 146 -18.14 -25.82 19.92
N GLY E 147 -16.86 -25.57 19.76
CA GLY E 147 -16.35 -24.32 19.24
C GLY E 147 -15.03 -23.98 19.87
N LEU E 148 -14.79 -22.69 20.04
CA LEU E 148 -13.59 -22.16 20.64
C LEU E 148 -13.97 -21.34 21.85
N HIS E 149 -13.25 -21.55 22.96
CA HIS E 149 -13.40 -20.77 24.19
C HIS E 149 -12.15 -19.97 24.33
N VAL E 150 -12.24 -18.62 24.40
CA VAL E 150 -11.01 -17.85 24.51
C VAL E 150 -10.87 -17.28 25.89
N VAL E 151 -9.62 -17.19 26.36
CA VAL E 151 -9.30 -16.63 27.67
C VAL E 151 -8.55 -15.35 27.34
N VAL E 152 -9.15 -14.20 27.74
CA VAL E 152 -8.61 -12.89 27.43
C VAL E 152 -8.09 -12.16 28.64
N GLY E 153 -7.10 -11.31 28.40
CA GLY E 153 -6.51 -10.49 29.44
C GLY E 153 -5.26 -9.81 28.89
N GLY E 154 -4.89 -8.71 29.50
CA GLY E 154 -3.70 -8.00 29.09
C GLY E 154 -2.44 -8.60 29.66
N THR E 155 -1.33 -7.85 29.54
CA THR E 155 -0.05 -8.27 30.08
C THR E 155 -0.17 -8.33 31.58
N GLY E 156 0.30 -9.43 32.15
CA GLY E 156 0.23 -9.61 33.59
C GLY E 156 -1.10 -10.07 34.14
N ALA E 157 -2.10 -10.36 33.25
CA ALA E 157 -3.44 -10.84 33.63
C ALA E 157 -3.43 -12.26 34.26
N GLY E 158 -2.41 -13.06 33.94
CA GLY E 158 -2.28 -14.41 34.45
C GLY E 158 -3.17 -15.39 33.68
N LYS E 159 -3.27 -15.25 32.35
CA LYS E 159 -4.07 -16.18 31.50
C LYS E 159 -3.53 -17.61 31.60
N SER E 160 -2.21 -17.79 31.38
CA SER E 160 -1.53 -19.10 31.48
C SER E 160 -1.69 -19.74 32.82
N LYS E 161 -1.58 -18.94 33.89
CA LYS E 161 -1.70 -19.41 35.26
C LYS E 161 -3.12 -19.88 35.56
N TRP E 162 -4.14 -19.12 35.13
CA TRP E 162 -5.53 -19.52 35.35
C TRP E 162 -5.81 -20.80 34.57
N LEU E 163 -5.33 -20.87 33.32
CA LEU E 163 -5.53 -22.05 32.47
C LEU E 163 -4.92 -23.31 33.08
N ASN E 164 -3.68 -23.21 33.58
CA ASN E 164 -3.00 -24.33 34.24
C ASN E 164 -3.78 -24.81 35.46
N ALA E 165 -4.46 -23.88 36.15
CA ALA E 165 -5.29 -24.21 37.33
C ALA E 165 -6.61 -24.89 36.96
N GLN E 166 -6.96 -24.95 35.66
CA GLN E 166 -8.16 -25.65 35.18
C GLN E 166 -7.82 -27.10 34.86
N THR E 167 -6.56 -27.48 35.17
CA THR E 167 -5.95 -28.80 35.01
C THR E 167 -6.30 -29.42 33.63
N PRO E 168 -5.84 -28.78 32.54
CA PRO E 168 -6.02 -29.38 31.21
C PRO E 168 -5.16 -30.64 31.05
N ASP E 169 -5.43 -31.45 30.04
CA ASP E 169 -4.63 -32.65 29.82
C ASP E 169 -3.33 -32.32 29.07
N VAL E 170 -3.40 -31.39 28.13
CA VAL E 170 -2.27 -30.98 27.27
CA VAL E 170 -2.26 -30.99 27.33
C VAL E 170 -2.35 -29.49 27.02
N THR E 171 -1.19 -28.81 26.97
CA THR E 171 -1.12 -27.41 26.60
C THR E 171 -0.28 -27.34 25.34
N ILE E 172 -0.85 -26.77 24.28
CA ILE E 172 -0.08 -26.55 23.05
C ILE E 172 0.59 -25.20 23.17
N ARG E 173 1.89 -25.14 22.91
CA ARG E 173 2.65 -23.91 23.07
C ARG E 173 3.02 -23.36 21.70
N TRP E 174 2.57 -22.14 21.41
CA TRP E 174 2.74 -21.55 20.08
C TRP E 174 2.97 -20.05 20.16
N GLY E 175 4.00 -19.58 19.48
CA GLY E 175 4.25 -18.14 19.30
C GLY E 175 4.60 -17.37 20.55
N GLU E 176 5.07 -18.08 21.54
CA GLU E 176 5.44 -17.54 22.88
C GLU E 176 6.91 -17.82 23.15
N PRO E 177 7.62 -16.98 23.94
CA PRO E 177 9.02 -17.30 24.26
C PRO E 177 9.11 -18.53 25.17
N GLY E 178 10.14 -19.34 24.96
CA GLY E 178 10.40 -20.52 25.79
C GLY E 178 10.42 -20.20 27.28
N GLU E 179 9.81 -21.09 28.08
CA GLU E 179 9.69 -20.89 29.52
C GLU E 179 9.87 -22.22 30.25
N THR E 180 10.05 -22.19 31.58
CA THR E 180 10.26 -23.45 32.34
C THR E 180 9.11 -24.46 32.09
N PHE E 181 7.89 -23.94 31.92
CA PHE E 181 6.69 -24.73 31.58
C PHE E 181 6.91 -25.65 30.34
N ASP E 182 7.77 -25.23 29.37
CA ASP E 182 8.02 -26.04 28.18
C ASP E 182 8.76 -27.34 28.48
N MET E 183 9.33 -27.48 29.68
CA MET E 183 9.99 -28.73 30.06
C MET E 183 8.99 -29.85 30.38
N GLU E 184 7.74 -29.48 30.70
CA GLU E 184 6.69 -30.45 31.06
C GLU E 184 6.34 -31.36 29.90
N GLU E 185 6.13 -32.67 30.19
CA GLU E 185 5.75 -33.65 29.17
C GLU E 185 4.36 -33.30 28.60
N SER E 186 3.49 -32.66 29.42
CA SER E 186 2.13 -32.32 28.96
C SER E 186 2.11 -31.04 28.10
N SER E 187 3.29 -30.42 27.82
CA SER E 187 3.30 -29.25 26.93
C SER E 187 3.82 -29.73 25.56
N ILE E 188 3.12 -29.42 24.47
CA ILE E 188 3.56 -29.79 23.12
C ILE E 188 3.83 -28.50 22.34
N ALA E 189 5.07 -28.33 21.88
CA ALA E 189 5.42 -27.11 21.15
C ALA E 189 5.08 -27.24 19.68
N VAL E 190 4.56 -26.15 19.05
CA VAL E 190 4.26 -26.18 17.60
C VAL E 190 4.84 -24.91 16.98
N ALA E 191 5.00 -24.91 15.67
CA ALA E 191 5.64 -23.78 14.99
C ALA E 191 4.65 -22.88 14.17
N ASP E 192 3.83 -23.46 13.28
CA ASP E 192 2.98 -22.62 12.45
C ASP E 192 1.49 -22.83 12.76
N LEU E 193 0.62 -22.04 12.11
CA LEU E 193 -0.81 -22.15 12.33
C LEU E 193 -1.37 -23.56 11.97
N THR E 194 -0.90 -24.17 10.85
CA THR E 194 -1.49 -25.48 10.47
C THR E 194 -1.09 -26.56 11.48
N GLU E 195 0.15 -26.57 11.96
CA GLU E 195 0.56 -27.56 12.96
C GLU E 195 -0.22 -27.33 14.24
N MET E 196 -0.35 -26.06 14.65
CA MET E 196 -1.11 -25.77 15.88
C MET E 196 -2.55 -26.35 15.77
N LEU E 197 -3.25 -26.03 14.66
CA LEU E 197 -4.63 -26.49 14.52
CA LEU E 197 -4.62 -26.49 14.53
C LEU E 197 -4.72 -28.01 14.41
N ALA E 198 -3.83 -28.64 13.63
CA ALA E 198 -3.90 -30.12 13.47
C ALA E 198 -3.66 -30.82 14.81
N VAL E 199 -2.62 -30.38 15.57
CA VAL E 199 -2.31 -30.99 16.86
C VAL E 199 -3.53 -30.80 17.82
N ALA E 200 -4.09 -29.57 17.83
CA ALA E 200 -5.25 -29.27 18.70
C ALA E 200 -6.47 -30.11 18.34
N LEU E 201 -6.81 -30.19 17.04
CA LEU E 201 -7.98 -30.98 16.61
C LEU E 201 -7.76 -32.45 16.89
N LEU E 202 -6.55 -32.96 16.67
CA LEU E 202 -6.27 -34.38 16.92
C LEU E 202 -6.42 -34.70 18.43
N LEU E 203 -5.84 -33.87 19.30
CA LEU E 203 -5.95 -34.09 20.74
C LEU E 203 -7.41 -34.00 21.21
N ALA E 204 -8.17 -32.97 20.76
CA ALA E 204 -9.57 -32.81 21.18
C ALA E 204 -10.42 -33.98 20.66
N THR E 205 -10.17 -34.44 19.43
CA THR E 205 -10.92 -35.57 18.85
C THR E 205 -10.61 -36.84 19.67
N ALA E 206 -9.37 -36.93 20.20
CA ALA E 206 -8.91 -38.07 21.03
C ALA E 206 -9.33 -37.91 22.52
N ASP E 207 -10.22 -36.95 22.80
CA ASP E 207 -10.86 -36.65 24.08
C ASP E 207 -9.93 -36.06 25.15
N TYR E 208 -8.88 -35.34 24.73
CA TYR E 208 -8.04 -34.58 25.63
C TYR E 208 -8.64 -33.20 25.86
N ARG E 209 -8.54 -32.67 27.10
CA ARG E 209 -8.87 -31.26 27.32
C ARG E 209 -7.59 -30.52 26.91
N VAL E 210 -7.68 -29.81 25.80
CA VAL E 210 -6.50 -29.14 25.25
C VAL E 210 -6.66 -27.62 25.36
N VAL E 211 -5.58 -26.97 25.81
CA VAL E 211 -5.48 -25.52 25.92
C VAL E 211 -4.35 -25.04 24.99
N ILE E 212 -4.54 -23.90 24.33
CA ILE E 212 -3.50 -23.34 23.43
C ILE E 212 -2.96 -22.06 24.03
N ASP E 213 -1.64 -22.06 24.31
CA ASP E 213 -0.91 -20.92 24.85
C ASP E 213 0.14 -20.49 23.79
N SER E 214 -0.21 -19.62 22.83
CA SER E 214 -1.43 -18.82 22.78
C SER E 214 -1.80 -18.51 21.36
N PHE E 215 -2.76 -17.57 21.20
CA PHE E 215 -3.10 -17.08 19.85
C PHE E 215 -2.41 -15.75 19.55
N ARG E 216 -1.32 -15.46 20.27
CA ARG E 216 -0.51 -14.26 20.01
C ARG E 216 -0.13 -14.11 18.50
N ASN E 217 0.28 -15.18 17.80
CA ASN E 217 0.63 -15.04 16.37
C ASN E 217 -0.59 -14.77 15.48
N LEU E 218 -1.79 -15.13 15.94
CA LEU E 218 -2.98 -14.80 15.20
C LEU E 218 -3.24 -13.30 15.34
N VAL E 219 -3.06 -12.76 16.56
CA VAL E 219 -3.22 -11.33 16.81
C VAL E 219 -2.20 -10.54 15.96
N PHE E 220 -0.93 -11.00 15.94
CA PHE E 220 0.09 -10.31 15.16
C PHE E 220 -0.11 -10.45 13.66
N GLY E 221 -0.49 -11.64 13.22
CA GLY E 221 -0.50 -12.03 11.82
C GLY E 221 -1.72 -11.75 10.99
N ILE E 222 -2.89 -11.65 11.64
CA ILE E 222 -4.14 -11.40 10.92
C ILE E 222 -4.37 -9.91 10.96
N THR E 223 -3.95 -9.26 9.89
CA THR E 223 -3.95 -7.79 9.78
C THR E 223 -5.01 -7.26 8.81
N GLY E 224 -5.12 -5.97 8.77
CA GLY E 224 -6.05 -5.31 7.88
C GLY E 224 -6.71 -4.16 8.57
N ALA E 225 -7.79 -3.63 7.96
CA ALA E 225 -8.51 -2.48 8.49
C ALA E 225 -8.82 -2.70 9.93
N ALA E 226 -8.57 -1.69 10.73
CA ALA E 226 -8.81 -1.75 12.16
C ALA E 226 -10.18 -1.28 12.50
N GLY E 227 -10.74 -1.86 13.53
CA GLY E 227 -12.02 -1.40 14.03
C GLY E 227 -11.68 -0.63 15.28
N PRO E 228 -12.58 -0.64 16.29
CA PRO E 228 -12.27 0.04 17.57
C PRO E 228 -11.10 -0.59 18.31
N GLY E 229 -10.36 0.25 19.04
CA GLY E 229 -9.22 -0.21 19.81
C GLY E 229 -8.00 -0.43 18.97
N GLY E 230 -8.11 -0.23 17.65
CA GLY E 230 -7.01 -0.47 16.74
C GLY E 230 -6.84 -1.96 16.46
N VAL E 231 -7.87 -2.78 16.77
CA VAL E 231 -7.76 -4.22 16.50
C VAL E 231 -8.32 -4.49 15.12
N SER E 232 -7.57 -5.27 14.29
CA SER E 232 -8.00 -5.59 12.93
C SER E 232 -9.31 -6.39 13.00
N VAL E 233 -10.32 -5.94 12.27
CA VAL E 233 -11.62 -6.64 12.30
C VAL E 233 -11.47 -8.07 11.72
N ALA E 234 -10.47 -8.31 10.85
CA ALA E 234 -10.23 -9.67 10.32
C ALA E 234 -9.91 -10.66 11.47
N LEU E 235 -9.44 -10.15 12.62
CA LEU E 235 -9.18 -11.04 13.75
C LEU E 235 -10.53 -11.66 14.25
N TYR E 236 -11.58 -10.84 14.33
CA TYR E 236 -12.89 -11.35 14.77
C TYR E 236 -13.41 -12.40 13.81
N ALA E 237 -13.27 -12.14 12.51
CA ALA E 237 -13.70 -13.13 11.50
C ALA E 237 -12.88 -14.41 11.63
N ALA E 238 -11.56 -14.28 11.89
CA ALA E 238 -10.71 -15.49 12.02
C ALA E 238 -11.14 -16.32 13.22
N LEU E 239 -11.44 -15.66 14.34
CA LEU E 239 -11.89 -16.38 15.54
C LEU E 239 -13.21 -17.10 15.28
N THR E 240 -14.13 -16.47 14.51
CA THR E 240 -15.40 -17.15 14.18
C THR E 240 -15.12 -18.34 13.27
N SER E 241 -14.23 -18.18 12.28
CA SER E 241 -13.91 -19.31 11.36
C SER E 241 -13.37 -20.48 12.17
N LEU E 242 -12.41 -20.22 13.08
CA LEU E 242 -11.83 -21.29 13.91
C LEU E 242 -12.88 -21.88 14.82
N ASN E 243 -13.70 -21.02 15.42
CA ASN E 243 -14.80 -21.51 16.26
C ASN E 243 -15.70 -22.48 15.50
N ASN E 244 -16.10 -22.11 14.26
CA ASN E 244 -17.09 -22.89 13.53
C ASN E 244 -16.49 -24.18 12.99
N ILE E 245 -15.17 -24.19 12.69
CA ILE E 245 -14.52 -25.45 12.28
CA ILE E 245 -14.58 -25.45 12.24
C ILE E 245 -14.56 -26.41 13.46
N CYS E 246 -14.27 -25.90 14.68
CA CYS E 246 -14.31 -26.76 15.87
C CYS E 246 -15.74 -27.25 16.07
N ALA E 247 -16.72 -26.35 15.89
CA ALA E 247 -18.14 -26.76 16.08
C ALA E 247 -18.52 -27.87 15.09
N GLU E 248 -18.10 -27.72 13.82
CA GLU E 248 -18.40 -28.73 12.78
C GLU E 248 -17.80 -30.09 13.15
N LEU E 249 -16.62 -30.07 13.77
CA LEU E 249 -15.92 -31.31 14.16
C LEU E 249 -16.31 -31.83 15.55
N GLY E 250 -17.23 -31.14 16.20
CA GLY E 250 -17.76 -31.52 17.51
C GLY E 250 -16.75 -31.48 18.63
N VAL E 251 -15.78 -30.56 18.53
CA VAL E 251 -14.74 -30.46 19.55
C VAL E 251 -14.80 -29.08 20.20
N LEU E 252 -14.12 -28.97 21.35
CA LEU E 252 -13.95 -27.70 22.02
C LEU E 252 -12.46 -27.45 22.19
N LEU E 253 -12.00 -26.29 21.70
CA LEU E 253 -10.61 -25.86 21.90
C LEU E 253 -10.64 -24.65 22.81
N VAL E 254 -9.63 -24.53 23.68
CA VAL E 254 -9.51 -23.39 24.60
C VAL E 254 -8.23 -22.65 24.23
N ALA E 255 -8.27 -21.32 24.09
CA ALA E 255 -7.03 -20.62 23.73
C ALA E 255 -6.89 -19.31 24.50
N ALA E 256 -5.65 -18.98 24.88
CA ALA E 256 -5.36 -17.67 25.49
C ALA E 256 -5.16 -16.64 24.38
N ILE E 257 -5.63 -15.42 24.59
CA ILE E 257 -5.45 -14.38 23.59
C ILE E 257 -5.43 -13.00 24.26
N ASN E 258 -4.48 -12.17 23.83
CA ASN E 258 -4.39 -10.77 24.27
C ASN E 258 -4.54 -9.96 22.98
N PRO E 259 -5.71 -9.39 22.66
CA PRO E 259 -5.90 -8.72 21.37
C PRO E 259 -5.18 -7.38 21.24
N MET E 260 -4.59 -6.89 22.33
CA MET E 260 -3.78 -5.65 22.38
C MET E 260 -4.52 -4.42 21.88
N SER E 261 -5.70 -4.26 22.40
CA SER E 261 -6.54 -3.13 22.15
C SER E 261 -5.90 -1.88 22.76
N SER E 262 -6.23 -0.68 22.22
CA SER E 262 -5.86 0.55 22.93
C SER E 262 -6.63 0.54 24.28
N ASP E 263 -6.09 1.21 25.32
CA ASP E 263 -6.65 1.18 26.67
C ASP E 263 -8.08 1.70 26.78
N ASP E 264 -8.46 2.64 25.93
CA ASP E 264 -9.81 3.24 26.00
C ASP E 264 -10.90 2.31 25.43
N LYS E 265 -10.53 1.29 24.65
CA LYS E 265 -11.53 0.46 23.97
C LYS E 265 -11.46 -1.01 24.35
N VAL E 266 -10.83 -1.34 25.51
CA VAL E 266 -10.73 -2.76 25.91
C VAL E 266 -12.11 -3.43 26.02
N SER E 267 -13.07 -2.76 26.71
CA SER E 267 -14.42 -3.30 26.92
C SER E 267 -15.12 -3.63 25.59
N LEU E 268 -14.98 -2.71 24.60
CA LEU E 268 -15.59 -2.93 23.26
C LEU E 268 -14.93 -4.10 22.55
N VAL E 269 -13.60 -4.17 22.60
CA VAL E 269 -12.87 -5.26 21.90
C VAL E 269 -13.26 -6.61 22.53
N TYR E 270 -13.31 -6.66 23.86
CA TYR E 270 -13.70 -7.92 24.53
C TYR E 270 -15.14 -8.30 24.16
N ASN E 271 -16.07 -7.31 24.04
CA ASN E 271 -17.44 -7.62 23.58
C ASN E 271 -17.43 -8.19 22.16
N ASN E 272 -16.59 -7.63 21.27
CA ASN E 272 -16.49 -8.12 19.88
C ASN E 272 -15.93 -9.53 19.83
N ILE E 273 -14.98 -9.85 20.73
CA ILE E 273 -14.44 -11.22 20.81
C ILE E 273 -15.53 -12.17 21.29
N ALA E 274 -16.27 -11.79 22.34
CA ALA E 274 -17.36 -12.63 22.89
C ALA E 274 -18.42 -12.91 21.83
N ALA E 275 -18.69 -11.91 20.96
CA ALA E 275 -19.67 -12.04 19.88
C ALA E 275 -19.18 -12.96 18.75
N SER E 276 -17.89 -13.36 18.79
CA SER E 276 -17.30 -14.14 17.69
C SER E 276 -17.11 -15.62 18.00
N VAL E 277 -17.22 -16.03 19.28
CA VAL E 277 -16.87 -17.42 19.63
C VAL E 277 -17.87 -18.04 20.58
N ALA E 278 -17.68 -19.35 20.85
CA ALA E 278 -18.58 -20.10 21.75
C ALA E 278 -18.47 -19.68 23.23
N GLY E 279 -17.33 -19.18 23.64
CA GLY E 279 -17.21 -18.75 25.03
C GLY E 279 -16.00 -17.88 25.26
N MET E 280 -16.07 -17.04 26.31
CA MET E 280 -14.99 -16.15 26.64
C MET E 280 -14.89 -15.94 28.13
N THR E 281 -13.66 -16.01 28.65
CA THR E 281 -13.34 -15.73 30.05
C THR E 281 -12.37 -14.57 30.10
N VAL E 282 -12.67 -13.55 30.93
CA VAL E 282 -11.78 -12.42 31.18
C VAL E 282 -11.08 -12.73 32.48
N VAL E 283 -9.74 -12.73 32.45
CA VAL E 283 -8.95 -13.04 33.63
C VAL E 283 -8.10 -11.83 34.03
N ASN E 284 -8.01 -11.60 35.33
CA ASN E 284 -7.13 -10.60 35.93
C ASN E 284 -6.61 -11.21 37.23
N ASN E 285 -5.29 -11.10 37.48
CA ASN E 285 -4.64 -11.70 38.66
C ASN E 285 -4.92 -13.21 38.70
N ALA E 286 -4.90 -13.89 37.54
CA ALA E 286 -5.17 -15.32 37.37
C ALA E 286 -6.55 -15.75 38.00
N ALA E 287 -7.53 -14.83 38.00
CA ALA E 287 -8.89 -15.09 38.51
C ALA E 287 -9.92 -14.61 37.48
N VAL E 288 -11.09 -15.25 37.45
CA VAL E 288 -12.15 -14.86 36.51
C VAL E 288 -12.84 -13.55 36.96
N VAL E 289 -12.80 -12.50 36.12
CA VAL E 289 -13.56 -11.28 36.42
C VAL E 289 -14.91 -11.40 35.72
N SER E 290 -14.96 -12.03 34.52
CA SER E 290 -16.25 -12.23 33.86
C SER E 290 -16.15 -13.44 32.93
N GLN E 291 -17.30 -14.02 32.62
CA GLN E 291 -17.31 -15.19 31.74
C GLN E 291 -18.66 -15.26 31.03
N THR E 292 -18.64 -15.63 29.75
CA THR E 292 -19.88 -15.78 28.97
C THR E 292 -19.71 -17.00 28.09
N ILE E 293 -20.74 -17.85 28.05
CA ILE E 293 -20.65 -19.12 27.33
C ILE E 293 -21.96 -19.40 26.59
N ARG E 294 -21.82 -19.91 25.36
CA ARG E 294 -22.94 -20.43 24.59
C ARG E 294 -23.07 -21.90 24.98
N SER E 295 -24.12 -22.25 25.76
CA SER E 295 -24.28 -23.62 26.19
C SER E 295 -25.44 -24.28 25.46
N GLY E 296 -25.59 -25.60 25.64
CA GLY E 296 -26.68 -26.37 25.05
C GLY E 296 -28.04 -25.88 25.50
N THR E 297 -28.11 -25.16 26.65
CA THR E 297 -29.38 -24.65 27.19
C THR E 297 -29.47 -23.10 27.13
N GLY E 298 -28.63 -22.47 26.32
CA GLY E 298 -28.64 -21.03 26.13
C GLY E 298 -27.38 -20.31 26.61
N ARG E 299 -27.37 -18.97 26.46
CA ARG E 299 -26.23 -18.15 26.86
C ARG E 299 -26.12 -18.05 28.36
N ILE E 300 -24.92 -18.25 28.91
CA ILE E 300 -24.65 -18.15 30.35
C ILE E 300 -23.71 -16.96 30.52
N PHE E 301 -24.01 -16.07 31.47
CA PHE E 301 -23.19 -14.89 31.77
C PHE E 301 -22.87 -14.86 33.25
N SER E 302 -21.68 -14.36 33.61
CA SER E 302 -21.25 -14.15 35.01
C SER E 302 -22.10 -13.02 35.67
N GLY E 303 -22.72 -12.16 34.84
CA GLY E 303 -23.63 -11.11 35.31
C GLY E 303 -24.93 -11.71 35.86
N GLU E 304 -25.17 -13.00 35.49
CA GLU E 304 -26.26 -13.90 35.87
C GLU E 304 -27.62 -13.24 35.74
N ALA F 35 27.86 -28.50 0.24
CA ALA F 35 27.66 -27.50 -0.81
C ALA F 35 26.97 -26.26 -0.24
N ALA F 36 27.40 -25.08 -0.74
CA ALA F 36 26.89 -23.77 -0.34
C ALA F 36 25.38 -23.67 -0.60
N PRO F 37 24.58 -22.92 0.17
CA PRO F 37 23.15 -22.78 -0.18
C PRO F 37 22.96 -22.15 -1.56
N ALA F 38 21.94 -22.61 -2.28
CA ALA F 38 21.63 -22.17 -3.64
C ALA F 38 21.24 -20.72 -3.62
N VAL F 39 21.63 -19.98 -4.64
CA VAL F 39 21.22 -18.57 -4.68
C VAL F 39 20.28 -18.36 -5.90
N VAL F 40 20.28 -19.30 -6.85
CA VAL F 40 19.31 -19.30 -7.94
C VAL F 40 17.90 -19.51 -7.32
N GLU F 41 16.89 -18.71 -7.76
CA GLU F 41 15.53 -18.87 -7.21
C GLU F 41 14.94 -20.18 -7.66
N GLY F 42 14.41 -20.96 -6.72
CA GLY F 42 13.84 -22.28 -6.97
C GLY F 42 12.42 -22.20 -7.43
N SER F 43 12.05 -22.99 -8.46
CA SER F 43 10.67 -22.94 -8.96
C SER F 43 9.69 -23.54 -7.92
N SER F 44 8.54 -22.90 -7.74
CA SER F 44 7.51 -23.44 -6.84
C SER F 44 6.46 -24.28 -7.62
N THR F 45 6.62 -24.41 -8.95
CA THR F 45 5.64 -25.10 -9.78
C THR F 45 6.21 -26.35 -10.42
N ASN F 46 7.50 -26.62 -10.19
CA ASN F 46 8.21 -27.78 -10.74
C ASN F 46 8.42 -28.78 -9.60
N ALA F 47 7.85 -29.99 -9.73
CA ALA F 47 7.94 -31.04 -8.69
C ALA F 47 9.39 -31.39 -8.30
N ALA F 48 10.31 -31.50 -9.29
CA ALA F 48 11.71 -31.84 -9.02
C ALA F 48 12.40 -30.73 -8.18
N ALA F 49 12.11 -29.48 -8.47
CA ALA F 49 12.70 -28.34 -7.74
C ALA F 49 12.19 -28.29 -6.33
N VAL F 50 10.87 -28.47 -6.16
CA VAL F 50 10.24 -28.38 -4.84
C VAL F 50 10.70 -29.54 -3.90
N LYS F 51 10.99 -30.73 -4.45
CA LYS F 51 11.44 -31.87 -3.64
C LYS F 51 12.83 -31.68 -3.00
N LYS F 52 13.65 -30.77 -3.53
CA LYS F 52 15.00 -30.52 -3.00
C LYS F 52 14.97 -29.91 -1.59
N SER F 53 16.10 -29.99 -0.86
CA SER F 53 16.20 -29.43 0.50
C SER F 53 16.04 -27.91 0.45
N LEU F 54 15.83 -27.30 1.62
CA LEU F 54 15.74 -25.84 1.69
C LEU F 54 17.04 -25.23 1.23
N ARG F 55 18.18 -25.85 1.64
CA ARG F 55 19.49 -25.35 1.21
C ARG F 55 19.60 -25.31 -0.32
N ASP F 56 19.03 -26.31 -1.00
CA ASP F 56 19.13 -26.50 -2.45
C ASP F 56 17.99 -25.87 -3.26
N GLY F 57 17.25 -24.95 -2.66
CA GLY F 57 16.24 -24.19 -3.40
C GLY F 57 14.86 -24.82 -3.44
N GLY F 58 14.66 -25.90 -2.69
CA GLY F 58 13.36 -26.59 -2.62
C GLY F 58 12.61 -26.34 -1.33
N MET F 59 11.61 -27.21 -1.04
CA MET F 59 10.78 -27.03 0.17
C MET F 59 11.02 -28.06 1.25
N THR F 60 11.75 -29.13 0.93
CA THR F 60 11.86 -30.25 1.89
C THR F 60 12.92 -29.98 2.96
N ALA F 61 12.52 -29.75 4.19
CA ALA F 61 13.51 -29.51 5.25
C ALA F 61 14.26 -30.78 5.59
N LEU F 62 15.58 -30.68 5.64
CA LEU F 62 16.38 -31.82 6.11
C LEU F 62 16.17 -31.91 7.62
N PRO F 63 16.50 -33.04 8.29
CA PRO F 63 16.38 -33.08 9.75
C PRO F 63 17.25 -32.03 10.47
N SER F 64 18.33 -31.56 9.81
CA SER F 64 19.22 -30.58 10.41
C SER F 64 18.74 -29.12 10.22
N GLU F 65 17.72 -28.89 9.36
CA GLU F 65 17.28 -27.53 8.99
C GLU F 65 16.09 -27.07 9.81
N ILE F 66 16.15 -25.84 10.32
CA ILE F 66 15.00 -25.25 10.99
C ILE F 66 14.58 -24.03 10.17
N LEU F 67 13.39 -24.07 9.60
CA LEU F 67 12.86 -22.92 8.87
C LEU F 67 12.16 -21.98 9.83
N PHE F 68 12.41 -20.69 9.70
CA PHE F 68 11.72 -19.67 10.50
C PHE F 68 11.61 -18.40 9.69
N ALA F 69 11.09 -17.35 10.30
CA ALA F 69 10.94 -16.10 9.55
C ALA F 69 11.10 -14.91 10.43
N VAL F 70 11.62 -13.82 9.86
CA VAL F 70 11.71 -12.52 10.54
C VAL F 70 10.96 -11.56 9.58
N GLY F 71 9.77 -11.08 9.95
CA GLY F 71 8.94 -10.33 8.99
C GLY F 71 8.61 -11.23 7.83
N SER F 72 8.82 -10.73 6.60
CA SER F 72 8.52 -11.54 5.42
C SER F 72 9.78 -12.30 4.99
N ILE F 73 10.88 -12.16 5.75
CA ILE F 73 12.14 -12.82 5.37
C ILE F 73 12.18 -14.27 5.88
N PRO F 74 12.25 -15.27 4.98
CA PRO F 74 12.41 -16.65 5.45
C PRO F 74 13.88 -16.90 5.77
N LEU F 75 14.12 -17.73 6.80
CA LEU F 75 15.50 -18.07 7.18
C LEU F 75 15.59 -19.52 7.52
N VAL F 76 16.77 -20.08 7.37
CA VAL F 76 17.03 -21.46 7.80
C VAL F 76 18.29 -21.44 8.61
N VAL F 77 18.28 -22.13 9.74
CA VAL F 77 19.52 -22.39 10.49
C VAL F 77 19.80 -23.89 10.35
N ASP F 78 21.05 -24.23 10.02
CA ASP F 78 21.45 -25.65 9.97
C ASP F 78 22.07 -25.96 11.32
N LYS F 79 21.26 -26.50 12.23
CA LYS F 79 21.69 -26.69 13.63
C LYS F 79 22.86 -27.66 13.78
N ASP F 80 22.94 -28.67 12.91
CA ASP F 80 23.97 -29.67 12.99
C ASP F 80 25.28 -29.13 12.48
N ALA F 81 25.24 -28.34 11.39
CA ALA F 81 26.45 -27.69 10.89
C ALA F 81 26.92 -26.70 11.94
N LEU F 82 25.98 -26.05 12.64
CA LEU F 82 26.31 -25.07 13.68
C LEU F 82 27.05 -25.73 14.82
N SER F 83 26.50 -26.84 15.35
CA SER F 83 27.17 -27.44 16.48
C SER F 83 28.56 -27.95 16.09
N THR F 84 28.71 -28.44 14.86
CA THR F 84 30.01 -28.99 14.40
C THR F 84 31.04 -27.88 14.26
N LEU F 85 30.67 -26.78 13.60
CA LEU F 85 31.57 -25.64 13.44
C LEU F 85 31.97 -25.06 14.79
N ALA F 86 31.01 -24.95 15.73
CA ALA F 86 31.38 -24.45 17.08
C ALA F 86 32.37 -25.36 17.79
N ALA F 87 32.18 -26.70 17.71
CA ALA F 87 33.09 -27.66 18.33
C ALA F 87 34.46 -27.55 17.65
N ALA F 88 34.52 -27.30 16.34
CA ALA F 88 35.79 -27.19 15.61
C ALA F 88 36.55 -25.94 16.05
N LEU F 89 35.81 -24.87 16.27
CA LEU F 89 36.37 -23.61 16.77
C LEU F 89 36.98 -23.83 18.14
N VAL F 90 36.23 -24.48 19.07
CA VAL F 90 36.70 -24.76 20.43
C VAL F 90 37.97 -25.66 20.38
N ALA F 91 37.96 -26.66 19.49
CA ALA F 91 39.08 -27.61 19.39
C ALA F 91 40.30 -27.04 18.71
N SER F 92 40.16 -25.99 17.92
CA SER F 92 41.29 -25.46 17.15
C SER F 92 42.43 -24.97 18.04
N ASP F 93 43.66 -24.98 17.47
CA ASP F 93 44.89 -24.51 18.13
C ASP F 93 44.76 -23.03 18.50
N ASP F 94 44.18 -22.23 17.57
CA ASP F 94 43.98 -20.80 17.74
C ASP F 94 42.58 -20.42 17.22
N PRO F 95 41.59 -20.22 18.13
CA PRO F 95 40.21 -19.92 17.70
C PRO F 95 40.10 -18.70 16.76
N SER F 96 40.87 -17.63 17.05
CA SER F 96 40.86 -16.42 16.20
C SER F 96 41.30 -16.75 14.76
N THR F 97 42.36 -17.55 14.60
CA THR F 97 42.86 -17.94 13.27
C THR F 97 41.82 -18.82 12.54
N TRP F 98 41.26 -19.82 13.27
CA TRP F 98 40.27 -20.73 12.70
C TRP F 98 39.07 -19.91 12.15
N PHE F 99 38.60 -18.92 12.96
CA PHE F 99 37.44 -18.07 12.63
C PHE F 99 37.65 -17.36 11.29
N VAL F 100 38.80 -16.69 11.12
CA VAL F 100 39.18 -15.99 9.88
C VAL F 100 39.21 -16.97 8.71
N ALA F 101 39.80 -18.16 8.93
CA ALA F 101 39.98 -19.18 7.89
C ALA F 101 38.69 -19.85 7.44
N ASN F 102 37.64 -19.76 8.25
CA ASN F 102 36.42 -20.49 7.90
C ASN F 102 35.18 -19.61 7.76
N ARG F 103 35.37 -18.29 7.50
CA ARG F 103 34.27 -17.32 7.45
C ARG F 103 33.19 -17.71 6.42
N GLU F 104 33.55 -18.35 5.28
CA GLU F 104 32.52 -18.78 4.30
C GLU F 104 31.66 -19.96 4.77
N LEU F 105 32.32 -20.94 5.41
CA LEU F 105 31.64 -22.12 5.95
C LEU F 105 30.69 -21.67 7.04
N ILE F 106 31.16 -20.70 7.86
CA ILE F 106 30.32 -20.18 8.94
C ILE F 106 29.08 -19.48 8.39
N ARG F 107 29.28 -18.67 7.32
CA ARG F 107 28.17 -17.93 6.70
C ARG F 107 27.07 -18.85 6.19
N ALA F 108 27.41 -20.07 5.76
CA ALA F 108 26.43 -21.02 5.22
C ALA F 108 25.48 -21.60 6.30
N VAL F 109 25.77 -21.39 7.60
CA VAL F 109 24.98 -21.93 8.72
C VAL F 109 23.56 -21.34 8.78
N VAL F 110 23.43 -20.04 8.42
CA VAL F 110 22.15 -19.32 8.41
C VAL F 110 22.00 -18.75 7.02
N PHE F 111 20.92 -19.05 6.37
CA PHE F 111 20.73 -18.53 5.00
C PHE F 111 19.28 -18.30 4.69
N VAL F 112 19.03 -17.48 3.64
CA VAL F 112 17.67 -17.32 3.15
C VAL F 112 17.42 -18.46 2.15
N PRO F 113 16.45 -19.36 2.38
CA PRO F 113 16.16 -20.41 1.39
C PRO F 113 15.55 -19.75 0.15
N GLN F 114 16.02 -20.15 -1.04
CA GLN F 114 15.62 -19.42 -2.25
C GLN F 114 14.49 -20.04 -3.06
N GLN F 115 13.81 -21.07 -2.51
CA GLN F 115 12.58 -21.55 -3.11
C GLN F 115 11.59 -20.38 -3.24
N ASN F 116 10.96 -20.22 -4.40
CA ASN F 116 9.93 -19.20 -4.55
C ASN F 116 8.80 -19.43 -3.55
N ASN F 117 8.30 -18.34 -2.85
CA ASN F 117 7.14 -18.50 -1.94
CA ASN F 117 7.14 -18.46 -1.95
C ASN F 117 7.36 -19.61 -0.95
N VAL F 118 8.56 -19.69 -0.38
CA VAL F 118 8.94 -20.79 0.51
C VAL F 118 8.09 -20.89 1.79
N LEU F 119 7.48 -19.78 2.25
CA LEU F 119 6.68 -19.90 3.48
C LEU F 119 5.21 -20.30 3.24
N ARG F 120 4.85 -20.62 1.97
CA ARG F 120 3.46 -20.88 1.59
C ARG F 120 2.74 -22.01 2.36
N ALA F 121 3.48 -23.01 2.86
CA ALA F 121 2.85 -24.15 3.55
C ALA F 121 2.86 -23.94 5.07
N THR F 122 3.47 -22.86 5.54
CA THR F 122 3.66 -22.57 6.97
C THR F 122 3.20 -21.14 7.29
N PRO F 123 1.88 -20.91 7.30
CA PRO F 123 1.39 -19.57 7.62
C PRO F 123 1.58 -19.29 9.09
N LEU F 124 1.85 -18.02 9.41
CA LEU F 124 2.03 -17.55 10.81
C LEU F 124 3.11 -18.38 11.50
N LEU F 125 4.23 -18.56 10.79
CA LEU F 125 5.33 -19.40 11.27
C LEU F 125 6.10 -18.74 12.37
N SER F 126 6.04 -19.36 13.55
CA SER F 126 6.87 -18.96 14.69
C SER F 126 7.92 -20.09 14.86
N VAL F 127 8.56 -20.18 16.02
CA VAL F 127 9.56 -21.21 16.32
C VAL F 127 9.10 -21.90 17.60
N ARG F 128 9.16 -23.23 17.61
CA ARG F 128 8.70 -24.05 18.75
C ARG F 128 9.28 -23.54 20.06
N PRO F 129 8.44 -23.17 21.07
CA PRO F 129 9.01 -22.73 22.36
C PRO F 129 9.64 -23.92 23.09
N VAL F 130 10.89 -23.74 23.60
CA VAL F 130 11.65 -24.79 24.29
CA VAL F 130 11.56 -24.80 24.36
C VAL F 130 12.34 -24.16 25.51
N ALA F 131 12.54 -24.91 26.57
CA ALA F 131 13.34 -24.46 27.72
C ALA F 131 13.84 -25.69 28.42
N SER F 132 15.03 -25.62 28.98
CA SER F 132 15.62 -26.72 29.72
C SER F 132 16.42 -26.18 30.88
N LEU F 133 16.29 -26.84 32.04
CA LEU F 133 17.08 -26.50 33.21
C LEU F 133 18.54 -26.88 32.97
N SER F 134 18.79 -27.71 31.93
CA SER F 134 20.14 -28.17 31.55
C SER F 134 20.83 -27.23 30.55
N SER F 135 20.15 -26.14 30.14
CA SER F 135 20.70 -25.14 29.22
C SER F 135 20.42 -23.77 29.78
N VAL F 136 21.10 -23.43 30.88
CA VAL F 136 20.96 -22.14 31.53
C VAL F 136 22.29 -21.41 31.44
N HIS F 137 22.27 -20.09 31.64
CA HIS F 137 23.43 -19.25 31.38
C HIS F 137 23.67 -18.23 32.46
N ASN F 138 24.95 -17.94 32.69
CA ASN F 138 25.34 -16.94 33.67
C ASN F 138 25.36 -15.56 33.00
N TRP F 139 24.21 -14.88 33.05
CA TRP F 139 24.08 -13.53 32.50
C TRP F 139 23.08 -12.83 33.37
N GLN F 140 23.57 -11.90 34.22
CA GLN F 140 22.80 -11.06 35.15
C GLN F 140 22.34 -11.90 36.35
N VAL F 141 21.83 -13.11 36.11
CA VAL F 141 21.51 -14.13 37.11
C VAL F 141 22.29 -15.38 36.68
N ARG F 142 22.53 -16.30 37.60
CA ARG F 142 23.30 -17.52 37.32
C ARG F 142 22.59 -18.50 36.38
N ASN F 143 21.26 -18.44 36.30
CA ASN F 143 20.49 -19.44 35.57
C ASN F 143 19.51 -18.83 34.58
N HIS F 144 19.99 -17.89 33.75
CA HIS F 144 19.16 -17.28 32.71
C HIS F 144 18.77 -18.36 31.70
N LEU F 145 17.50 -18.47 31.29
CA LEU F 145 17.18 -19.49 30.29
C LEU F 145 17.85 -19.15 28.94
N SER F 146 18.03 -20.18 28.09
CA SER F 146 18.51 -19.95 26.72
C SER F 146 17.45 -19.13 25.99
N GLY F 147 17.89 -18.30 25.07
CA GLY F 147 17.03 -17.39 24.33
C GLY F 147 17.78 -16.13 24.01
N LEU F 148 17.03 -15.05 23.88
CA LEU F 148 17.56 -13.74 23.56
C LEU F 148 17.33 -12.81 24.73
N HIS F 149 18.36 -12.03 25.11
CA HIS F 149 18.26 -11.01 26.14
C HIS F 149 18.43 -9.69 25.45
N VAL F 150 17.43 -8.79 25.47
CA VAL F 150 17.61 -7.52 24.77
C VAL F 150 17.91 -6.40 25.75
N VAL F 151 18.75 -5.45 25.31
CA VAL F 151 19.13 -4.28 26.11
C VAL F 151 18.52 -3.11 25.38
N VAL F 152 17.57 -2.42 26.02
CA VAL F 152 16.70 -1.41 25.39
C VAL F 152 16.96 -0.02 25.96
N GLY F 153 16.82 1.00 25.12
CA GLY F 153 16.97 2.39 25.53
C GLY F 153 17.18 3.25 24.29
N GLY F 154 16.95 4.54 24.40
CA GLY F 154 17.10 5.49 23.29
C GLY F 154 18.53 5.83 22.95
N THR F 155 18.78 6.80 22.03
CA THR F 155 20.18 7.12 21.67
C THR F 155 21.09 7.66 22.81
N GLY F 156 20.56 8.25 23.85
CA GLY F 156 21.46 8.69 24.90
C GLY F 156 21.45 7.78 26.09
N ALA F 157 20.95 6.54 25.95
CA ALA F 157 20.76 5.60 27.04
C ALA F 157 22.06 5.06 27.62
N GLY F 158 23.09 4.95 26.77
CA GLY F 158 24.34 4.34 27.17
C GLY F 158 24.28 2.82 27.15
N LYS F 159 23.56 2.22 26.16
CA LYS F 159 23.45 0.76 25.99
C LYS F 159 24.86 0.13 25.79
N SER F 160 25.68 0.70 24.88
CA SER F 160 27.02 0.19 24.60
C SER F 160 27.93 0.27 25.81
N LYS F 161 27.85 1.38 26.57
CA LYS F 161 28.68 1.57 27.77
C LYS F 161 28.30 0.55 28.84
N TRP F 162 27.01 0.36 29.09
CA TRP F 162 26.56 -0.62 30.09
C TRP F 162 26.98 -2.05 29.64
N LEU F 163 26.80 -2.38 28.34
CA LEU F 163 27.14 -3.70 27.80
C LEU F 163 28.64 -3.98 27.96
N ASN F 164 29.50 -3.00 27.63
CA ASN F 164 30.95 -3.13 27.75
CA ASN F 164 30.95 -3.17 27.75
C ASN F 164 31.34 -3.43 29.20
N ALA F 165 30.60 -2.85 30.16
CA ALA F 165 30.84 -3.03 31.59
C ALA F 165 30.41 -4.42 32.08
N GLN F 166 29.69 -5.20 31.24
CA GLN F 166 29.28 -6.57 31.59
C GLN F 166 30.36 -7.56 31.13
N THR F 167 31.47 -7.03 30.62
CA THR F 167 32.68 -7.68 30.12
C THR F 167 32.32 -8.89 29.23
N PRO F 168 31.65 -8.66 28.07
CA PRO F 168 31.37 -9.77 27.16
C PRO F 168 32.68 -10.29 26.54
N ASP F 169 32.64 -11.46 25.93
CA ASP F 169 33.83 -12.00 25.28
C ASP F 169 33.98 -11.43 23.86
N VAL F 170 32.86 -11.23 23.16
CA VAL F 170 32.85 -10.75 21.77
CA VAL F 170 32.88 -10.73 21.80
C VAL F 170 31.68 -9.81 21.58
N THR F 171 31.85 -8.77 20.73
CA THR F 171 30.75 -7.89 20.36
C THR F 171 30.64 -7.97 18.86
N ILE F 172 29.47 -8.37 18.36
CA ILE F 172 29.16 -8.45 16.91
C ILE F 172 28.67 -7.07 16.54
N ARG F 173 29.30 -6.42 15.55
CA ARG F 173 28.97 -5.07 15.18
C ARG F 173 28.22 -5.10 13.87
N TRP F 174 26.97 -4.63 13.90
CA TRP F 174 26.09 -4.70 12.77
C TRP F 174 25.22 -3.45 12.63
N GLY F 175 25.27 -2.81 11.45
CA GLY F 175 24.41 -1.68 11.12
C GLY F 175 24.64 -0.43 11.96
N GLU F 176 25.85 -0.30 12.48
CA GLU F 176 26.29 0.84 13.30
C GLU F 176 27.47 1.53 12.61
N PRO F 177 27.69 2.85 12.81
CA PRO F 177 28.82 3.52 12.15
C PRO F 177 30.15 3.06 12.75
N GLY F 178 31.17 2.90 11.90
CA GLY F 178 32.50 2.48 12.31
C GLY F 178 33.07 3.43 13.35
N GLU F 179 33.74 2.88 14.38
CA GLU F 179 34.36 3.68 15.42
CA GLU F 179 34.35 3.66 15.47
C GLU F 179 35.62 2.96 15.94
N THR F 180 36.40 3.60 16.82
CA THR F 180 37.65 3.02 17.33
C THR F 180 37.42 1.63 17.93
N PHE F 181 36.27 1.40 18.54
CA PHE F 181 35.89 0.08 19.10
C PHE F 181 36.01 -1.05 18.06
N ASP F 182 35.75 -0.75 16.77
CA ASP F 182 35.83 -1.77 15.72
C ASP F 182 37.25 -2.29 15.47
N MET F 183 38.27 -1.59 15.93
CA MET F 183 39.64 -2.05 15.74
C MET F 183 40.00 -3.19 16.69
N GLU F 184 39.24 -3.37 17.79
CA GLU F 184 39.51 -4.44 18.77
C GLU F 184 39.33 -5.81 18.11
N GLU F 185 40.19 -6.80 18.42
CA GLU F 185 40.04 -8.15 17.83
C GLU F 185 38.70 -8.75 18.25
N SER F 186 38.26 -8.43 19.49
CA SER F 186 37.02 -8.94 20.08
C SER F 186 35.74 -8.26 19.46
N SER F 187 35.88 -7.33 18.52
CA SER F 187 34.72 -6.75 17.84
C SER F 187 34.67 -7.37 16.45
N ILE F 188 33.59 -8.03 16.08
CA ILE F 188 33.53 -8.71 14.80
C ILE F 188 32.49 -7.99 13.95
N ALA F 189 32.91 -7.43 12.83
CA ALA F 189 31.99 -6.69 11.95
C ALA F 189 31.26 -7.64 11.04
N VAL F 190 29.94 -7.41 10.87
CA VAL F 190 29.13 -8.23 9.96
C VAL F 190 28.30 -7.29 9.08
N ALA F 191 27.81 -7.80 7.95
CA ALA F 191 27.08 -6.94 7.01
C ALA F 191 25.56 -7.14 7.04
N ASP F 192 25.07 -8.38 6.89
CA ASP F 192 23.60 -8.56 6.77
C ASP F 192 23.03 -9.39 7.94
N LEU F 193 21.72 -9.57 7.93
CA LEU F 193 21.08 -10.37 9.00
C LEU F 193 21.62 -11.81 9.08
N THR F 194 21.82 -12.46 7.93
CA THR F 194 22.25 -13.87 7.97
C THR F 194 23.67 -14.00 8.50
N GLU F 195 24.56 -13.07 8.13
CA GLU F 195 25.94 -13.16 8.66
C GLU F 195 25.92 -12.88 10.16
N MET F 196 25.16 -11.87 10.57
CA MET F 196 25.03 -11.53 12.00
C MET F 196 24.59 -12.76 12.80
N LEU F 197 23.52 -13.44 12.35
CA LEU F 197 23.03 -14.59 13.07
C LEU F 197 23.99 -15.77 13.05
N ALA F 198 24.63 -16.06 11.90
CA ALA F 198 25.57 -17.17 11.76
C ALA F 198 26.75 -16.99 12.73
N VAL F 199 27.31 -15.78 12.74
CA VAL F 199 28.47 -15.50 13.57
C VAL F 199 28.08 -15.53 15.07
N ALA F 200 26.96 -14.87 15.43
CA ALA F 200 26.56 -14.82 16.83
C ALA F 200 26.20 -16.19 17.36
N LEU F 201 25.46 -17.00 16.58
CA LEU F 201 25.09 -18.36 17.02
C LEU F 201 26.32 -19.24 17.13
N LEU F 202 27.26 -19.10 16.19
CA LEU F 202 28.48 -19.91 16.27
C LEU F 202 29.23 -19.67 17.60
N LEU F 203 29.49 -18.39 17.89
CA LEU F 203 30.31 -18.05 19.05
C LEU F 203 29.58 -18.36 20.32
N ALA F 204 28.24 -18.12 20.37
CA ALA F 204 27.47 -18.48 21.57
C ALA F 204 27.49 -19.98 21.79
N THR F 205 27.41 -20.79 20.69
CA THR F 205 27.43 -22.27 20.82
C THR F 205 28.79 -22.72 21.37
N ALA F 206 29.86 -21.98 21.00
CA ALA F 206 31.24 -22.20 21.44
C ALA F 206 31.48 -21.61 22.86
N ASP F 207 30.39 -21.23 23.56
CA ASP F 207 30.36 -20.74 24.95
C ASP F 207 31.00 -19.38 25.21
N TYR F 208 31.02 -18.52 24.18
CA TYR F 208 31.42 -17.12 24.31
C TYR F 208 30.23 -16.29 24.77
N ARG F 209 30.46 -15.30 25.63
CA ARG F 209 29.39 -14.36 25.95
C ARG F 209 29.38 -13.37 24.81
N VAL F 210 28.32 -13.44 23.98
CA VAL F 210 28.13 -12.66 22.75
C VAL F 210 27.16 -11.52 22.97
N VAL F 211 27.57 -10.31 22.58
CA VAL F 211 26.70 -9.14 22.55
C VAL F 211 26.60 -8.69 21.10
N ILE F 212 25.39 -8.32 20.65
CA ILE F 212 25.20 -7.81 19.30
C ILE F 212 24.88 -6.33 19.39
N ASP F 213 25.74 -5.52 18.77
CA ASP F 213 25.60 -4.08 18.71
C ASP F 213 25.44 -3.70 17.22
N SER F 214 24.21 -3.71 16.68
CA SER F 214 22.94 -3.82 17.42
C SER F 214 21.87 -4.42 16.53
N PHE F 215 20.61 -4.41 17.02
CA PHE F 215 19.46 -4.84 16.22
C PHE F 215 18.76 -3.66 15.54
N ARG F 216 19.47 -2.54 15.36
CA ARG F 216 18.97 -1.36 14.66
C ARG F 216 18.32 -1.72 13.32
N ASN F 217 19.02 -2.52 12.48
CA ASN F 217 18.45 -2.88 11.16
C ASN F 217 17.19 -3.71 11.24
N LEU F 218 17.00 -4.45 12.36
CA LEU F 218 15.74 -5.20 12.53
CA LEU F 218 15.75 -5.21 12.57
C LEU F 218 14.63 -4.22 12.85
N VAL F 219 14.91 -3.23 13.73
CA VAL F 219 13.90 -2.21 14.03
C VAL F 219 13.52 -1.45 12.76
N PHE F 220 14.52 -1.08 11.97
CA PHE F 220 14.28 -0.28 10.78
C PHE F 220 13.61 -1.08 9.66
N GLY F 221 13.95 -2.35 9.55
CA GLY F 221 13.57 -3.19 8.43
C GLY F 221 12.35 -4.06 8.56
N ILE F 222 11.95 -4.41 9.79
CA ILE F 222 10.79 -5.30 10.02
C ILE F 222 9.59 -4.41 10.25
N THR F 223 8.84 -4.18 9.19
CA THR F 223 7.72 -3.23 9.18
C THR F 223 6.33 -3.88 9.05
N GLY F 224 5.30 -3.06 9.13
CA GLY F 224 3.93 -3.53 8.98
C GLY F 224 3.02 -2.95 10.02
N ALA F 225 1.82 -3.54 10.15
CA ALA F 225 0.78 -3.07 11.09
C ALA F 225 1.38 -2.80 12.46
N ALA F 226 1.09 -1.63 13.00
CA ALA F 226 1.62 -1.24 14.29
C ALA F 226 0.70 -1.63 15.40
N GLY F 227 1.30 -1.92 16.54
CA GLY F 227 0.55 -2.24 17.77
C GLY F 227 0.18 -0.97 18.50
N PRO F 228 -0.51 -1.08 19.68
CA PRO F 228 -1.00 0.14 20.37
C PRO F 228 0.10 1.07 20.84
N GLY F 229 1.35 0.61 20.77
CA GLY F 229 2.52 1.42 21.09
C GLY F 229 3.14 2.19 19.94
N GLY F 230 2.78 1.88 18.69
CA GLY F 230 3.32 2.53 17.47
C GLY F 230 4.40 1.72 16.78
N VAL F 231 4.78 0.61 17.38
CA VAL F 231 5.88 -0.22 16.84
C VAL F 231 5.23 -1.39 16.10
N SER F 232 5.83 -1.78 14.96
CA SER F 232 5.28 -2.89 14.16
C SER F 232 5.23 -4.19 14.97
N VAL F 233 4.07 -4.84 15.02
CA VAL F 233 3.92 -6.09 15.77
C VAL F 233 4.78 -7.17 15.18
N ALA F 234 5.15 -7.10 13.88
CA ALA F 234 6.06 -8.09 13.28
C ALA F 234 7.43 -8.05 14.00
N LEU F 235 7.80 -6.92 14.63
CA LEU F 235 9.07 -6.88 15.35
C LEU F 235 8.98 -7.81 16.56
N TYR F 236 7.84 -7.77 17.31
CA TYR F 236 7.69 -8.65 18.48
C TYR F 236 7.72 -10.13 18.06
N ALA F 237 7.02 -10.45 16.98
CA ALA F 237 7.02 -11.85 16.49
C ALA F 237 8.44 -12.23 16.08
N ALA F 238 9.21 -11.31 15.46
CA ALA F 238 10.59 -11.60 15.05
C ALA F 238 11.47 -11.84 16.28
N LEU F 239 11.30 -11.02 17.32
CA LEU F 239 12.08 -11.24 18.54
C LEU F 239 11.76 -12.58 19.19
N THR F 240 10.48 -13.02 19.17
CA THR F 240 10.14 -14.34 19.72
C THR F 240 10.75 -15.43 18.84
N SER F 241 10.72 -15.25 17.50
CA SER F 241 11.32 -16.25 16.60
C SER F 241 12.81 -16.40 16.90
N LEU F 242 13.55 -15.27 16.99
CA LEU F 242 14.98 -15.32 17.26
C LEU F 242 15.22 -15.89 18.65
N ASN F 243 14.42 -15.47 19.62
CA ASN F 243 14.55 -16.01 20.98
C ASN F 243 14.46 -17.54 20.98
N ASN F 244 13.41 -18.08 20.30
CA ASN F 244 13.17 -19.51 20.35
C ASN F 244 14.19 -20.30 19.54
N ILE F 245 14.79 -19.69 18.51
CA ILE F 245 15.91 -20.34 17.77
C ILE F 245 17.08 -20.47 18.78
N CYS F 246 17.42 -19.36 19.51
CA CYS F 246 18.46 -19.45 20.54
C CYS F 246 18.12 -20.52 21.56
N ALA F 247 16.87 -20.56 22.07
CA ALA F 247 16.48 -21.57 23.06
C ALA F 247 16.65 -23.00 22.53
N GLU F 248 16.25 -23.26 21.28
CA GLU F 248 16.38 -24.58 20.65
C GLU F 248 17.86 -25.00 20.57
N LEU F 249 18.74 -24.02 20.32
CA LEU F 249 20.17 -24.29 20.15
C LEU F 249 20.93 -24.25 21.50
N GLY F 250 20.20 -24.00 22.60
CA GLY F 250 20.73 -23.96 23.97
C GLY F 250 21.72 -22.84 24.21
N VAL F 251 21.51 -21.69 23.52
CA VAL F 251 22.43 -20.56 23.67
C VAL F 251 21.73 -19.33 24.17
N LEU F 252 22.54 -18.36 24.59
CA LEU F 252 22.01 -17.05 24.95
CA LEU F 252 22.03 -17.04 24.96
C LEU F 252 22.68 -15.99 24.10
N LEU F 253 21.87 -15.14 23.44
CA LEU F 253 22.39 -14.01 22.68
C LEU F 253 21.94 -12.75 23.39
N VAL F 254 22.81 -11.75 23.46
CA VAL F 254 22.47 -10.46 24.09
C VAL F 254 22.48 -9.43 22.97
N ALA F 255 21.43 -8.63 22.82
CA ALA F 255 21.42 -7.66 21.73
C ALA F 255 20.90 -6.31 22.16
N ALA F 256 21.54 -5.24 21.69
CA ALA F 256 21.08 -3.87 21.95
C ALA F 256 19.97 -3.54 20.96
N ILE F 257 18.93 -2.84 21.42
CA ILE F 257 17.84 -2.46 20.53
C ILE F 257 17.21 -1.16 20.99
N ASN F 258 16.81 -0.32 20.05
CA ASN F 258 16.11 0.94 20.34
C ASN F 258 14.86 0.92 19.48
N PRO F 259 13.69 0.52 20.02
CA PRO F 259 12.50 0.35 19.13
C PRO F 259 11.89 1.65 18.62
N MET F 260 12.37 2.82 19.10
CA MET F 260 11.96 4.17 18.70
C MET F 260 10.44 4.35 18.82
N SER F 261 9.90 3.97 19.96
CA SER F 261 8.50 4.15 20.30
C SER F 261 8.25 5.64 20.49
N SER F 262 6.99 6.10 20.27
CA SER F 262 6.62 7.46 20.61
C SER F 262 6.67 7.54 22.14
N ASP F 263 6.96 8.73 22.70
CA ASP F 263 7.14 8.95 24.14
C ASP F 263 5.94 8.55 25.01
N ASP F 264 4.71 8.66 24.48
CA ASP F 264 3.51 8.35 25.25
C ASP F 264 3.26 6.83 25.41
N LYS F 265 3.90 6.00 24.56
CA LYS F 265 3.63 4.56 24.60
C LYS F 265 4.86 3.71 24.91
N VAL F 266 5.93 4.29 25.45
CA VAL F 266 7.17 3.57 25.79
C VAL F 266 6.90 2.37 26.69
N SER F 267 6.10 2.57 27.77
CA SER F 267 5.84 1.50 28.71
C SER F 267 5.16 0.31 28.04
N LEU F 268 4.19 0.56 27.14
CA LEU F 268 3.50 -0.50 26.41
C LEU F 268 4.49 -1.25 25.50
N VAL F 269 5.31 -0.50 24.75
CA VAL F 269 6.28 -1.12 23.85
C VAL F 269 7.28 -1.98 24.65
N TYR F 270 7.80 -1.44 25.77
CA TYR F 270 8.77 -2.19 26.55
C TYR F 270 8.13 -3.46 27.14
N ASN F 271 6.85 -3.39 27.57
CA ASN F 271 6.11 -4.57 28.03
C ASN F 271 5.98 -5.61 26.90
N ASN F 272 5.68 -5.15 25.67
CA ASN F 272 5.53 -6.07 24.55
C ASN F 272 6.86 -6.73 24.22
N ILE F 273 7.97 -5.99 24.35
CA ILE F 273 9.30 -6.57 24.10
C ILE F 273 9.60 -7.62 25.16
N ALA F 274 9.37 -7.28 26.45
CA ALA F 274 9.61 -8.23 27.54
C ALA F 274 8.79 -9.52 27.35
N ALA F 275 7.57 -9.39 26.78
CA ALA F 275 6.68 -10.53 26.58
C ALA F 275 7.15 -11.42 25.44
N SER F 276 8.16 -11.00 24.68
CA SER F 276 8.61 -11.73 23.50
C SER F 276 9.89 -12.48 23.69
N VAL F 277 10.64 -12.21 24.75
CA VAL F 277 11.99 -12.75 24.84
C VAL F 277 12.31 -13.31 26.22
N ALA F 278 13.46 -13.98 26.34
CA ALA F 278 13.90 -14.56 27.61
C ALA F 278 14.30 -13.52 28.64
N GLY F 279 14.78 -12.37 28.20
CA GLY F 279 15.17 -11.34 29.16
C GLY F 279 15.27 -9.96 28.55
N MET F 280 15.08 -8.93 29.37
CA MET F 280 15.15 -7.57 28.87
C MET F 280 15.69 -6.67 29.94
N THR F 281 16.64 -5.83 29.58
CA THR F 281 17.21 -4.79 30.47
C THR F 281 16.97 -3.44 29.82
N VAL F 282 16.40 -2.49 30.57
CA VAL F 282 16.21 -1.11 30.15
C VAL F 282 17.34 -0.31 30.78
N VAL F 283 18.08 0.43 29.96
CA VAL F 283 19.21 1.21 30.44
C VAL F 283 18.95 2.70 30.20
N ASN F 284 19.40 3.52 31.15
CA ASN F 284 19.42 4.98 31.05
C ASN F 284 20.62 5.47 31.78
N ASN F 285 21.40 6.38 31.16
CA ASN F 285 22.65 6.89 31.77
C ASN F 285 23.63 5.72 32.05
N ALA F 286 23.65 4.69 31.15
CA ALA F 286 24.50 3.49 31.26
C ALA F 286 24.27 2.72 32.59
N ALA F 287 23.06 2.83 33.15
CA ALA F 287 22.68 2.13 34.37
C ALA F 287 21.33 1.42 34.17
N VAL F 288 21.10 0.32 34.87
CA VAL F 288 19.85 -0.43 34.76
C VAL F 288 18.66 0.33 35.39
N VAL F 289 17.62 0.58 34.59
CA VAL F 289 16.35 1.19 35.01
C VAL F 289 15.41 0.06 35.40
N SER F 290 15.38 -1.01 34.61
CA SER F 290 14.57 -2.17 34.92
C SER F 290 15.17 -3.39 34.29
N GLN F 291 14.87 -4.55 34.83
CA GLN F 291 15.38 -5.80 34.26
C GLN F 291 14.39 -6.92 34.55
N THR F 292 14.12 -7.74 33.55
CA THR F 292 13.23 -8.88 33.74
C THR F 292 13.86 -10.07 33.05
N ILE F 293 13.87 -11.22 33.74
CA ILE F 293 14.52 -12.41 33.18
C ILE F 293 13.68 -13.65 33.44
N ARG F 294 13.58 -14.53 32.44
CA ARG F 294 12.99 -15.86 32.56
C ARG F 294 14.13 -16.74 32.96
N SER F 295 14.16 -17.15 34.25
CA SER F 295 15.26 -17.97 34.75
C SER F 295 14.79 -19.41 34.95
N GLY F 296 15.73 -20.30 35.21
CA GLY F 296 15.39 -21.71 35.48
C GLY F 296 14.52 -21.88 36.72
N THR F 297 14.51 -20.88 37.61
CA THR F 297 13.71 -20.95 38.86
C THR F 297 12.51 -19.96 38.85
N GLY F 298 12.15 -19.46 37.68
CA GLY F 298 11.03 -18.53 37.56
C GLY F 298 11.38 -17.18 36.98
N ARG F 299 10.35 -16.41 36.65
CA ARG F 299 10.48 -15.09 36.03
C ARG F 299 10.70 -14.07 37.11
N ILE F 300 11.70 -13.19 36.94
CA ILE F 300 11.98 -12.17 37.94
C ILE F 300 11.91 -10.77 37.32
N PHE F 301 11.62 -9.78 38.16
CA PHE F 301 11.48 -8.39 37.76
C PHE F 301 12.21 -7.51 38.73
N SER F 302 12.98 -6.52 38.21
CA SER F 302 13.69 -5.54 39.04
C SER F 302 13.50 -4.18 38.43
N GLY F 303 13.68 -3.14 39.22
CA GLY F 303 13.50 -1.80 38.68
C GLY F 303 14.04 -0.75 39.60
N GLU F 304 14.51 0.35 39.00
CA GLU F 304 15.11 1.43 39.78
C GLU F 304 14.96 2.74 38.94
N PRO F 305 13.96 3.61 39.22
CA PRO F 305 13.78 4.82 38.37
C PRO F 305 15.06 5.64 38.29
N ALA F 306 15.33 6.21 37.09
CA ALA F 306 16.52 7.03 36.80
C ALA F 306 16.48 8.34 37.55
#